data_1ZJ6
# 
_entry.id   1ZJ6 
# 
_audit_conform.dict_name       mmcif_pdbx.dic 
_audit_conform.dict_version    5.399 
_audit_conform.dict_location   http://mmcif.pdb.org/dictionaries/ascii/mmcif_pdbx.dic 
# 
loop_
_database_2.database_id 
_database_2.database_code 
_database_2.pdbx_database_accession 
_database_2.pdbx_DOI 
PDB   1ZJ6         pdb_00001zj6 10.2210/pdb1zj6/pdb 
RCSB  RCSB032774   ?            ?                   
WWPDB D_1000032774 ?            ?                   
# 
loop_
_pdbx_audit_revision_history.ordinal 
_pdbx_audit_revision_history.data_content_type 
_pdbx_audit_revision_history.major_revision 
_pdbx_audit_revision_history.minor_revision 
_pdbx_audit_revision_history.revision_date 
1 'Structure model' 1 0 2005-06-07 
2 'Structure model' 1 1 2008-04-30 
3 'Structure model' 1 2 2011-07-13 
4 'Structure model' 1 3 2024-12-25 
# 
_pdbx_audit_revision_details.ordinal             1 
_pdbx_audit_revision_details.revision_ordinal    1 
_pdbx_audit_revision_details.data_content_type   'Structure model' 
_pdbx_audit_revision_details.provider            repository 
_pdbx_audit_revision_details.type                'Initial release' 
_pdbx_audit_revision_details.description         ? 
_pdbx_audit_revision_details.details             ? 
# 
loop_
_pdbx_audit_revision_group.ordinal 
_pdbx_audit_revision_group.revision_ordinal 
_pdbx_audit_revision_group.data_content_type 
_pdbx_audit_revision_group.group 
1 2 'Structure model' 'Version format compliance' 
2 3 'Structure model' 'Derived calculations'      
3 3 'Structure model' 'Version format compliance' 
4 4 'Structure model' Advisory                    
5 4 'Structure model' 'Data collection'           
6 4 'Structure model' 'Database references'       
7 4 'Structure model' 'Derived calculations'      
8 4 'Structure model' 'Structure summary'         
# 
loop_
_pdbx_audit_revision_category.ordinal 
_pdbx_audit_revision_category.revision_ordinal 
_pdbx_audit_revision_category.data_content_type 
_pdbx_audit_revision_category.category 
1 4 'Structure model' chem_comp_atom             
2 4 'Structure model' chem_comp_bond             
3 4 'Structure model' database_2                 
4 4 'Structure model' pdbx_entry_details         
5 4 'Structure model' pdbx_validate_symm_contact 
6 4 'Structure model' struct_conn                
7 4 'Structure model' struct_ref_seq_dif         
8 4 'Structure model' struct_site                
# 
loop_
_pdbx_audit_revision_item.ordinal 
_pdbx_audit_revision_item.revision_ordinal 
_pdbx_audit_revision_item.data_content_type 
_pdbx_audit_revision_item.item 
1 4 'Structure model' '_database_2.pdbx_DOI'                
2 4 'Structure model' '_database_2.pdbx_database_accession' 
3 4 'Structure model' '_struct_ref_seq_dif.details'         
4 4 'Structure model' '_struct_site.pdbx_auth_asym_id'      
5 4 'Structure model' '_struct_site.pdbx_auth_comp_id'      
6 4 'Structure model' '_struct_site.pdbx_auth_seq_id'       
# 
_pdbx_database_status.status_code                     REL 
_pdbx_database_status.entry_id                        1ZJ6 
_pdbx_database_status.recvd_initial_deposition_date   2005-04-28 
_pdbx_database_status.deposit_site                    RCSB 
_pdbx_database_status.process_site                    PDBJ 
_pdbx_database_status.status_code_sf                  REL 
_pdbx_database_status.status_code_mr                  ? 
_pdbx_database_status.SG_entry                        ? 
_pdbx_database_status.pdb_format_compatible           Y 
_pdbx_database_status.status_code_cs                  ? 
_pdbx_database_status.status_code_nmr_data            ? 
_pdbx_database_status.methods_development_category    ? 
# 
loop_
_audit_author.name 
_audit_author.pdbx_ordinal 
'Wang, Z.X.'  1 
'Shi, L.'     2 
'Liu, J.F.'   3 
'An, X.M.'    4 
'Chang, W.R.' 5 
'Liang, D.C.' 6 
# 
_citation.id                        primary 
_citation.title                     
;2.0A crystal structure of human ARL5-GDP3'P, a novel member of the small GTP-binding proteins
;
_citation.journal_abbrev            Biochem.Biophys.Res.Commun. 
_citation.journal_volume            332 
_citation.page_first                640 
_citation.page_last                 645 
_citation.year                      2005 
_citation.journal_id_ASTM           BBRCA9 
_citation.country                   US 
_citation.journal_id_ISSN           0006-291X 
_citation.journal_id_CSD            0146 
_citation.book_publisher            ? 
_citation.pdbx_database_id_PubMed   15896705 
_citation.pdbx_database_id_DOI      10.1016/j.bbrc.2005.04.168 
# 
loop_
_citation_author.citation_id 
_citation_author.name 
_citation_author.ordinal 
_citation_author.identifier_ORCID 
primary 'Wang, Z.X.'  1 ? 
primary 'Shi, L.'     2 ? 
primary 'Liu, J.F.'   3 ? 
primary 'An, X.M.'    4 ? 
primary 'Chang, W.R.' 5 ? 
primary 'Liang, D.C.' 6 ? 
# 
loop_
_entity.id 
_entity.type 
_entity.src_method 
_entity.pdbx_description 
_entity.formula_weight 
_entity.pdbx_number_of_molecules 
_entity.pdbx_ec 
_entity.pdbx_mutation 
_entity.pdbx_fragment 
_entity.details 
1 polymer     man 'ADP-ribosylation factor-like protein 5'    21824.084 1   ? ? ? ? 
2 non-polymer syn 'SULFATE ION'                               96.063    2   ? ? ? ? 
3 non-polymer syn "GUANOSINE-3'-MONOPHOSPHATE-5'-DIPHOSPHATE" 523.180   1   ? ? ? ? 
4 water       nat water                                       18.015    114 ? ? ? ? 
# 
_entity_poly.entity_id                      1 
_entity_poly.type                           'polypeptide(L)' 
_entity_poly.nstd_linkage                   no 
_entity_poly.nstd_monomer                   no 
_entity_poly.pdbx_seq_one_letter_code       
;MGILFTRIWRLFNHQEHKVIIVGLDNAGKTTILYQFSMNEVVHTSPTIGSNVEEIVINNTRFLMWDIGGQESLRSSWNTY
YTNTEFVIVVVDSTDRERISVTREELYKMLAHEDLRKAGLLIFANKQDVKECMTVAEISQFLKLTSIKDHQWHIQACCAL
TGEGLCQGLEWMMSRLKIRLEHHHHHH
;
_entity_poly.pdbx_seq_one_letter_code_can   
;MGILFTRIWRLFNHQEHKVIIVGLDNAGKTTILYQFSMNEVVHTSPTIGSNVEEIVINNTRFLMWDIGGQESLRSSWNTY
YTNTEFVIVVVDSTDRERISVTREELYKMLAHEDLRKAGLLIFANKQDVKECMTVAEISQFLKLTSIKDHQWHIQACCAL
TGEGLCQGLEWMMSRLKIRLEHHHHHH
;
_entity_poly.pdbx_strand_id                 A 
_entity_poly.pdbx_target_identifier         ? 
# 
loop_
_pdbx_entity_nonpoly.entity_id 
_pdbx_entity_nonpoly.name 
_pdbx_entity_nonpoly.comp_id 
2 'SULFATE ION'                               SO4 
3 "GUANOSINE-3'-MONOPHOSPHATE-5'-DIPHOSPHATE" G3D 
4 water                                       HOH 
# 
loop_
_entity_poly_seq.entity_id 
_entity_poly_seq.num 
_entity_poly_seq.mon_id 
_entity_poly_seq.hetero 
1 1   MET n 
1 2   GLY n 
1 3   ILE n 
1 4   LEU n 
1 5   PHE n 
1 6   THR n 
1 7   ARG n 
1 8   ILE n 
1 9   TRP n 
1 10  ARG n 
1 11  LEU n 
1 12  PHE n 
1 13  ASN n 
1 14  HIS n 
1 15  GLN n 
1 16  GLU n 
1 17  HIS n 
1 18  LYS n 
1 19  VAL n 
1 20  ILE n 
1 21  ILE n 
1 22  VAL n 
1 23  GLY n 
1 24  LEU n 
1 25  ASP n 
1 26  ASN n 
1 27  ALA n 
1 28  GLY n 
1 29  LYS n 
1 30  THR n 
1 31  THR n 
1 32  ILE n 
1 33  LEU n 
1 34  TYR n 
1 35  GLN n 
1 36  PHE n 
1 37  SER n 
1 38  MET n 
1 39  ASN n 
1 40  GLU n 
1 41  VAL n 
1 42  VAL n 
1 43  HIS n 
1 44  THR n 
1 45  SER n 
1 46  PRO n 
1 47  THR n 
1 48  ILE n 
1 49  GLY n 
1 50  SER n 
1 51  ASN n 
1 52  VAL n 
1 53  GLU n 
1 54  GLU n 
1 55  ILE n 
1 56  VAL n 
1 57  ILE n 
1 58  ASN n 
1 59  ASN n 
1 60  THR n 
1 61  ARG n 
1 62  PHE n 
1 63  LEU n 
1 64  MET n 
1 65  TRP n 
1 66  ASP n 
1 67  ILE n 
1 68  GLY n 
1 69  GLY n 
1 70  GLN n 
1 71  GLU n 
1 72  SER n 
1 73  LEU n 
1 74  ARG n 
1 75  SER n 
1 76  SER n 
1 77  TRP n 
1 78  ASN n 
1 79  THR n 
1 80  TYR n 
1 81  TYR n 
1 82  THR n 
1 83  ASN n 
1 84  THR n 
1 85  GLU n 
1 86  PHE n 
1 87  VAL n 
1 88  ILE n 
1 89  VAL n 
1 90  VAL n 
1 91  VAL n 
1 92  ASP n 
1 93  SER n 
1 94  THR n 
1 95  ASP n 
1 96  ARG n 
1 97  GLU n 
1 98  ARG n 
1 99  ILE n 
1 100 SER n 
1 101 VAL n 
1 102 THR n 
1 103 ARG n 
1 104 GLU n 
1 105 GLU n 
1 106 LEU n 
1 107 TYR n 
1 108 LYS n 
1 109 MET n 
1 110 LEU n 
1 111 ALA n 
1 112 HIS n 
1 113 GLU n 
1 114 ASP n 
1 115 LEU n 
1 116 ARG n 
1 117 LYS n 
1 118 ALA n 
1 119 GLY n 
1 120 LEU n 
1 121 LEU n 
1 122 ILE n 
1 123 PHE n 
1 124 ALA n 
1 125 ASN n 
1 126 LYS n 
1 127 GLN n 
1 128 ASP n 
1 129 VAL n 
1 130 LYS n 
1 131 GLU n 
1 132 CYS n 
1 133 MET n 
1 134 THR n 
1 135 VAL n 
1 136 ALA n 
1 137 GLU n 
1 138 ILE n 
1 139 SER n 
1 140 GLN n 
1 141 PHE n 
1 142 LEU n 
1 143 LYS n 
1 144 LEU n 
1 145 THR n 
1 146 SER n 
1 147 ILE n 
1 148 LYS n 
1 149 ASP n 
1 150 HIS n 
1 151 GLN n 
1 152 TRP n 
1 153 HIS n 
1 154 ILE n 
1 155 GLN n 
1 156 ALA n 
1 157 CYS n 
1 158 CYS n 
1 159 ALA n 
1 160 LEU n 
1 161 THR n 
1 162 GLY n 
1 163 GLU n 
1 164 GLY n 
1 165 LEU n 
1 166 CYS n 
1 167 GLN n 
1 168 GLY n 
1 169 LEU n 
1 170 GLU n 
1 171 TRP n 
1 172 MET n 
1 173 MET n 
1 174 SER n 
1 175 ARG n 
1 176 LEU n 
1 177 LYS n 
1 178 ILE n 
1 179 ARG n 
1 180 LEU n 
1 181 GLU n 
1 182 HIS n 
1 183 HIS n 
1 184 HIS n 
1 185 HIS n 
1 186 HIS n 
1 187 HIS n 
# 
_entity_src_gen.entity_id                          1 
_entity_src_gen.pdbx_src_id                        1 
_entity_src_gen.pdbx_alt_source_flag               sample 
_entity_src_gen.pdbx_seq_type                      ? 
_entity_src_gen.pdbx_beg_seq_num                   ? 
_entity_src_gen.pdbx_end_seq_num                   ? 
_entity_src_gen.gene_src_common_name               human 
_entity_src_gen.gene_src_genus                     Homo 
_entity_src_gen.pdbx_gene_src_gene                 ? 
_entity_src_gen.gene_src_species                   ? 
_entity_src_gen.gene_src_strain                    ? 
_entity_src_gen.gene_src_tissue                    ? 
_entity_src_gen.gene_src_tissue_fraction           ? 
_entity_src_gen.gene_src_details                   ? 
_entity_src_gen.pdbx_gene_src_fragment             ? 
_entity_src_gen.pdbx_gene_src_scientific_name      'Homo sapiens' 
_entity_src_gen.pdbx_gene_src_ncbi_taxonomy_id     9606 
_entity_src_gen.pdbx_gene_src_variant              ? 
_entity_src_gen.pdbx_gene_src_cell_line            ? 
_entity_src_gen.pdbx_gene_src_atcc                 ? 
_entity_src_gen.pdbx_gene_src_organ                ? 
_entity_src_gen.pdbx_gene_src_organelle            ? 
_entity_src_gen.pdbx_gene_src_cell                 ? 
_entity_src_gen.pdbx_gene_src_cellular_location    ? 
_entity_src_gen.host_org_common_name               ? 
_entity_src_gen.pdbx_host_org_scientific_name      'Escherichia coli' 
_entity_src_gen.pdbx_host_org_ncbi_taxonomy_id     562 
_entity_src_gen.host_org_genus                     Escherichia 
_entity_src_gen.pdbx_host_org_gene                 ? 
_entity_src_gen.pdbx_host_org_organ                ? 
_entity_src_gen.host_org_species                   ? 
_entity_src_gen.pdbx_host_org_tissue               ? 
_entity_src_gen.pdbx_host_org_tissue_fraction      ? 
_entity_src_gen.pdbx_host_org_strain               'B834(DE3)' 
_entity_src_gen.pdbx_host_org_variant              ? 
_entity_src_gen.pdbx_host_org_cell_line            ? 
_entity_src_gen.pdbx_host_org_atcc                 ? 
_entity_src_gen.pdbx_host_org_culture_collection   ? 
_entity_src_gen.pdbx_host_org_cell                 ? 
_entity_src_gen.pdbx_host_org_organelle            ? 
_entity_src_gen.pdbx_host_org_cellular_location    ? 
_entity_src_gen.pdbx_host_org_vector_type          plasmid 
_entity_src_gen.pdbx_host_org_vector               ? 
_entity_src_gen.host_org_details                   ? 
_entity_src_gen.expression_system_id               ? 
_entity_src_gen.plasmid_name                       pET22b 
_entity_src_gen.plasmid_details                    ? 
_entity_src_gen.pdbx_description                   ? 
# 
loop_
_chem_comp.id 
_chem_comp.type 
_chem_comp.mon_nstd_flag 
_chem_comp.name 
_chem_comp.pdbx_synonyms 
_chem_comp.formula 
_chem_comp.formula_weight 
ALA 'L-peptide linking' y ALANINE                                     ? 'C3 H7 N O2'        89.093  
ARG 'L-peptide linking' y ARGININE                                    ? 'C6 H15 N4 O2 1'    175.209 
ASN 'L-peptide linking' y ASPARAGINE                                  ? 'C4 H8 N2 O3'       132.118 
ASP 'L-peptide linking' y 'ASPARTIC ACID'                             ? 'C4 H7 N O4'        133.103 
CYS 'L-peptide linking' y CYSTEINE                                    ? 'C3 H7 N O2 S'      121.158 
G3D non-polymer         . "GUANOSINE-3'-MONOPHOSPHATE-5'-DIPHOSPHATE" ? 'C10 H16 N5 O14 P3' 523.180 
GLN 'L-peptide linking' y GLUTAMINE                                   ? 'C5 H10 N2 O3'      146.144 
GLU 'L-peptide linking' y 'GLUTAMIC ACID'                             ? 'C5 H9 N O4'        147.129 
GLY 'peptide linking'   y GLYCINE                                     ? 'C2 H5 N O2'        75.067  
HIS 'L-peptide linking' y HISTIDINE                                   ? 'C6 H10 N3 O2 1'    156.162 
HOH non-polymer         . WATER                                       ? 'H2 O'              18.015  
ILE 'L-peptide linking' y ISOLEUCINE                                  ? 'C6 H13 N O2'       131.173 
LEU 'L-peptide linking' y LEUCINE                                     ? 'C6 H13 N O2'       131.173 
LYS 'L-peptide linking' y LYSINE                                      ? 'C6 H15 N2 O2 1'    147.195 
MET 'L-peptide linking' y METHIONINE                                  ? 'C5 H11 N O2 S'     149.211 
PHE 'L-peptide linking' y PHENYLALANINE                               ? 'C9 H11 N O2'       165.189 
PRO 'L-peptide linking' y PROLINE                                     ? 'C5 H9 N O2'        115.130 
SER 'L-peptide linking' y SERINE                                      ? 'C3 H7 N O3'        105.093 
SO4 non-polymer         . 'SULFATE ION'                               ? 'O4 S -2'           96.063  
THR 'L-peptide linking' y THREONINE                                   ? 'C4 H9 N O3'        119.119 
TRP 'L-peptide linking' y TRYPTOPHAN                                  ? 'C11 H12 N2 O2'     204.225 
TYR 'L-peptide linking' y TYROSINE                                    ? 'C9 H11 N O3'       181.189 
VAL 'L-peptide linking' y VALINE                                      ? 'C5 H11 N O2'       117.146 
# 
loop_
_pdbx_poly_seq_scheme.asym_id 
_pdbx_poly_seq_scheme.entity_id 
_pdbx_poly_seq_scheme.seq_id 
_pdbx_poly_seq_scheme.mon_id 
_pdbx_poly_seq_scheme.ndb_seq_num 
_pdbx_poly_seq_scheme.pdb_seq_num 
_pdbx_poly_seq_scheme.auth_seq_num 
_pdbx_poly_seq_scheme.pdb_mon_id 
_pdbx_poly_seq_scheme.auth_mon_id 
_pdbx_poly_seq_scheme.pdb_strand_id 
_pdbx_poly_seq_scheme.pdb_ins_code 
_pdbx_poly_seq_scheme.hetero 
A 1 1   MET 1   1   ?   ?   ?   A . n 
A 1 2   GLY 2   2   2   GLY GLY A . n 
A 1 3   ILE 3   3   3   ILE ILE A . n 
A 1 4   LEU 4   4   4   LEU LEU A . n 
A 1 5   PHE 5   5   5   PHE PHE A . n 
A 1 6   THR 6   6   6   THR THR A . n 
A 1 7   ARG 7   7   7   ARG ARG A . n 
A 1 8   ILE 8   8   8   ILE ILE A . n 
A 1 9   TRP 9   9   9   TRP TRP A . n 
A 1 10  ARG 10  10  10  ARG ARG A . n 
A 1 11  LEU 11  11  11  LEU LEU A . n 
A 1 12  PHE 12  12  12  PHE PHE A . n 
A 1 13  ASN 13  13  13  ASN ASN A . n 
A 1 14  HIS 14  14  14  HIS HIS A . n 
A 1 15  GLN 15  15  15  GLN GLN A . n 
A 1 16  GLU 16  16  16  GLU GLU A . n 
A 1 17  HIS 17  17  17  HIS HIS A . n 
A 1 18  LYS 18  18  18  LYS LYS A . n 
A 1 19  VAL 19  19  19  VAL VAL A . n 
A 1 20  ILE 20  20  20  ILE ILE A . n 
A 1 21  ILE 21  21  21  ILE ILE A . n 
A 1 22  VAL 22  22  22  VAL VAL A . n 
A 1 23  GLY 23  23  23  GLY GLY A . n 
A 1 24  LEU 24  24  24  LEU LEU A . n 
A 1 25  ASP 25  25  25  ASP ASP A . n 
A 1 26  ASN 26  26  26  ASN ASN A . n 
A 1 27  ALA 27  27  27  ALA ALA A . n 
A 1 28  GLY 28  28  28  GLY GLY A . n 
A 1 29  LYS 29  29  29  LYS LYS A . n 
A 1 30  THR 30  30  30  THR THR A . n 
A 1 31  THR 31  31  31  THR THR A . n 
A 1 32  ILE 32  32  32  ILE ILE A . n 
A 1 33  LEU 33  33  33  LEU LEU A . n 
A 1 34  TYR 34  34  34  TYR TYR A . n 
A 1 35  GLN 35  35  35  GLN GLN A . n 
A 1 36  PHE 36  36  36  PHE PHE A . n 
A 1 37  SER 37  37  37  SER SER A . n 
A 1 38  MET 38  38  38  MET MET A . n 
A 1 39  ASN 39  39  39  ASN ASN A . n 
A 1 40  GLU 40  40  40  GLU GLU A . n 
A 1 41  VAL 41  41  41  VAL VAL A . n 
A 1 42  VAL 42  42  42  VAL VAL A . n 
A 1 43  HIS 43  43  43  HIS HIS A . n 
A 1 44  THR 44  44  44  THR THR A . n 
A 1 45  SER 45  45  45  SER SER A . n 
A 1 46  PRO 46  46  46  PRO PRO A . n 
A 1 47  THR 47  47  47  THR THR A . n 
A 1 48  ILE 48  48  48  ILE ILE A . n 
A 1 49  GLY 49  49  49  GLY GLY A . n 
A 1 50  SER 50  50  50  SER SER A . n 
A 1 51  ASN 51  51  51  ASN GLN A . n 
A 1 52  VAL 52  52  52  VAL VAL A . n 
A 1 53  GLU 53  53  53  GLU GLU A . n 
A 1 54  GLU 54  54  54  GLU GLU A . n 
A 1 55  ILE 55  55  55  ILE ILE A . n 
A 1 56  VAL 56  56  56  VAL VAL A . n 
A 1 57  ILE 57  57  57  ILE ILE A . n 
A 1 58  ASN 58  58  58  ASN ASN A . n 
A 1 59  ASN 59  59  59  ASN ASN A . n 
A 1 60  THR 60  60  60  THR THR A . n 
A 1 61  ARG 61  61  61  ARG ARG A . n 
A 1 62  PHE 62  62  62  PHE PHE A . n 
A 1 63  LEU 63  63  63  LEU LEU A . n 
A 1 64  MET 64  64  64  MET MET A . n 
A 1 65  TRP 65  65  65  TRP TRP A . n 
A 1 66  ASP 66  66  66  ASP ASP A . n 
A 1 67  ILE 67  67  67  ILE ILE A . n 
A 1 68  GLY 68  68  68  GLY GLY A . n 
A 1 69  GLY 69  69  69  GLY GLY A . n 
A 1 70  GLN 70  70  ?   ?   ?   A . n 
A 1 71  GLU 71  71  ?   ?   ?   A . n 
A 1 72  SER 72  72  ?   ?   ?   A . n 
A 1 73  LEU 73  73  ?   ?   ?   A . n 
A 1 74  ARG 74  74  74  ARG ARG A . n 
A 1 75  SER 75  75  75  SER SER A . n 
A 1 76  SER 76  76  76  SER SER A . n 
A 1 77  TRP 77  77  77  TRP TRP A . n 
A 1 78  ASN 78  78  78  ASN ASN A . n 
A 1 79  THR 79  79  79  THR THR A . n 
A 1 80  TYR 80  80  80  TYR TYR A . n 
A 1 81  TYR 81  81  81  TYR TYR A . n 
A 1 82  THR 82  82  82  THR THR A . n 
A 1 83  ASN 83  83  83  ASN ASN A . n 
A 1 84  THR 84  84  84  THR THR A . n 
A 1 85  GLU 85  85  85  GLU GLU A . n 
A 1 86  PHE 86  86  86  PHE PHE A . n 
A 1 87  VAL 87  87  87  VAL VAL A . n 
A 1 88  ILE 88  88  88  ILE ILE A . n 
A 1 89  VAL 89  89  89  VAL VAL A . n 
A 1 90  VAL 90  90  90  VAL VAL A . n 
A 1 91  VAL 91  91  91  VAL VAL A . n 
A 1 92  ASP 92  92  92  ASP ASP A . n 
A 1 93  SER 93  93  93  SER SER A . n 
A 1 94  THR 94  94  94  THR THR A . n 
A 1 95  ASP 95  95  95  ASP ASP A . n 
A 1 96  ARG 96  96  96  ARG ARG A . n 
A 1 97  GLU 97  97  97  GLU GLU A . n 
A 1 98  ARG 98  98  98  ARG ARG A . n 
A 1 99  ILE 99  99  99  ILE ILE A . n 
A 1 100 SER 100 100 100 SER SER A . n 
A 1 101 VAL 101 101 101 VAL VAL A . n 
A 1 102 THR 102 102 102 THR THR A . n 
A 1 103 ARG 103 103 103 ARG ARG A . n 
A 1 104 GLU 104 104 104 GLU GLU A . n 
A 1 105 GLU 105 105 105 GLU GLU A . n 
A 1 106 LEU 106 106 106 LEU LEU A . n 
A 1 107 TYR 107 107 107 TYR TYR A . n 
A 1 108 LYS 108 108 108 LYS LYS A . n 
A 1 109 MET 109 109 109 MET MET A . n 
A 1 110 LEU 110 110 110 LEU LEU A . n 
A 1 111 ALA 111 111 111 ALA ALA A . n 
A 1 112 HIS 112 112 112 HIS HIS A . n 
A 1 113 GLU 113 113 113 GLU GLU A . n 
A 1 114 ASP 114 114 114 ASP ASP A . n 
A 1 115 LEU 115 115 115 LEU LEU A . n 
A 1 116 ARG 116 116 116 ARG ARG A . n 
A 1 117 LYS 117 117 117 LYS LYS A . n 
A 1 118 ALA 118 118 118 ALA ALA A . n 
A 1 119 GLY 119 119 119 GLY GLY A . n 
A 1 120 LEU 120 120 120 LEU LEU A . n 
A 1 121 LEU 121 121 121 LEU LEU A . n 
A 1 122 ILE 122 122 122 ILE ILE A . n 
A 1 123 PHE 123 123 123 PHE PHE A . n 
A 1 124 ALA 124 124 124 ALA ALA A . n 
A 1 125 ASN 125 125 125 ASN ASN A . n 
A 1 126 LYS 126 126 126 LYS LYS A . n 
A 1 127 GLN 127 127 127 GLN GLN A . n 
A 1 128 ASP 128 128 128 ASP ASP A . n 
A 1 129 VAL 129 129 129 VAL VAL A . n 
A 1 130 LYS 130 130 130 LYS LYS A . n 
A 1 131 GLU 131 131 131 GLU GLU A . n 
A 1 132 CYS 132 132 132 CYS CYS A . n 
A 1 133 MET 133 133 133 MET MET A . n 
A 1 134 THR 134 134 134 THR THR A . n 
A 1 135 VAL 135 135 135 VAL VAL A . n 
A 1 136 ALA 136 136 136 ALA ALA A . n 
A 1 137 GLU 137 137 137 GLU GLU A . n 
A 1 138 ILE 138 138 138 ILE ILE A . n 
A 1 139 SER 139 139 139 SER SER A . n 
A 1 140 GLN 140 140 140 GLN GLN A . n 
A 1 141 PHE 141 141 141 PHE PHE A . n 
A 1 142 LEU 142 142 142 LEU LEU A . n 
A 1 143 LYS 143 143 143 LYS LYS A . n 
A 1 144 LEU 144 144 144 LEU LEU A . n 
A 1 145 THR 145 145 145 THR THR A . n 
A 1 146 SER 146 146 146 SER SER A . n 
A 1 147 ILE 147 147 147 ILE ILE A . n 
A 1 148 LYS 148 148 148 LYS LYS A . n 
A 1 149 ASP 149 149 149 ASP ASP A . n 
A 1 150 HIS 150 150 150 HIS HIS A . n 
A 1 151 GLN 151 151 151 GLN GLN A . n 
A 1 152 TRP 152 152 152 TRP TRP A . n 
A 1 153 HIS 153 153 153 HIS HIS A . n 
A 1 154 ILE 154 154 154 ILE ILE A . n 
A 1 155 GLN 155 155 155 GLN GLN A . n 
A 1 156 ALA 156 156 156 ALA ALA A . n 
A 1 157 CYS 157 157 157 CYS CYS A . n 
A 1 158 CYS 158 158 158 CYS CYS A . n 
A 1 159 ALA 159 159 159 ALA ALA A . n 
A 1 160 LEU 160 160 160 LEU LEU A . n 
A 1 161 THR 161 161 161 THR THR A . n 
A 1 162 GLY 162 162 162 GLY GLY A . n 
A 1 163 GLU 163 163 163 GLU GLU A . n 
A 1 164 GLY 164 164 164 GLY GLY A . n 
A 1 165 LEU 165 165 165 LEU LEU A . n 
A 1 166 CYS 166 166 166 CYS CYS A . n 
A 1 167 GLN 167 167 167 GLN GLN A . n 
A 1 168 GLY 168 168 168 GLY GLY A . n 
A 1 169 LEU 169 169 169 LEU LEU A . n 
A 1 170 GLU 170 170 170 GLU GLU A . n 
A 1 171 TRP 171 171 171 TRP TRP A . n 
A 1 172 MET 172 172 172 MET MET A . n 
A 1 173 MET 173 173 173 MET MET A . n 
A 1 174 SER 174 174 174 SER SER A . n 
A 1 175 ARG 175 175 175 ARG ARG A . n 
A 1 176 LEU 176 176 176 LEU LEU A . n 
A 1 177 LYS 177 177 177 LYS LYS A . n 
A 1 178 ILE 178 178 178 ILE ILE A . n 
A 1 179 ARG 179 179 ?   ?   ?   A . n 
A 1 180 LEU 180 180 ?   ?   ?   A . n 
A 1 181 GLU 181 181 ?   ?   ?   A . n 
A 1 182 HIS 182 182 ?   ?   ?   A . n 
A 1 183 HIS 183 183 ?   ?   ?   A . n 
A 1 184 HIS 184 184 ?   ?   ?   A . n 
A 1 185 HIS 185 185 ?   ?   ?   A . n 
A 1 186 HIS 186 186 ?   ?   ?   A . n 
A 1 187 HIS 187 187 ?   ?   ?   A . n 
# 
loop_
_pdbx_nonpoly_scheme.asym_id 
_pdbx_nonpoly_scheme.entity_id 
_pdbx_nonpoly_scheme.mon_id 
_pdbx_nonpoly_scheme.ndb_seq_num 
_pdbx_nonpoly_scheme.pdb_seq_num 
_pdbx_nonpoly_scheme.auth_seq_num 
_pdbx_nonpoly_scheme.pdb_mon_id 
_pdbx_nonpoly_scheme.auth_mon_id 
_pdbx_nonpoly_scheme.pdb_strand_id 
_pdbx_nonpoly_scheme.pdb_ins_code 
B 2 SO4 1   188 181 SO4 SO4 A . 
C 2 SO4 1   189 182 SO4 SO4 A . 
D 3 G3D 1   190 180 G3D G3D A . 
E 4 HOH 1   191 1   HOH WAT A . 
E 4 HOH 2   192 2   HOH WAT A . 
E 4 HOH 3   193 3   HOH WAT A . 
E 4 HOH 4   194 4   HOH WAT A . 
E 4 HOH 5   195 5   HOH WAT A . 
E 4 HOH 6   196 6   HOH WAT A . 
E 4 HOH 7   197 7   HOH WAT A . 
E 4 HOH 8   198 8   HOH WAT A . 
E 4 HOH 9   199 9   HOH WAT A . 
E 4 HOH 10  200 10  HOH WAT A . 
E 4 HOH 11  201 11  HOH WAT A . 
E 4 HOH 12  202 12  HOH WAT A . 
E 4 HOH 13  203 13  HOH WAT A . 
E 4 HOH 14  204 14  HOH WAT A . 
E 4 HOH 15  205 15  HOH WAT A . 
E 4 HOH 16  206 16  HOH WAT A . 
E 4 HOH 17  207 17  HOH WAT A . 
E 4 HOH 18  208 18  HOH WAT A . 
E 4 HOH 19  209 19  HOH WAT A . 
E 4 HOH 20  210 20  HOH WAT A . 
E 4 HOH 21  211 21  HOH WAT A . 
E 4 HOH 22  212 22  HOH WAT A . 
E 4 HOH 23  213 23  HOH WAT A . 
E 4 HOH 24  214 24  HOH WAT A . 
E 4 HOH 25  215 25  HOH WAT A . 
E 4 HOH 26  216 26  HOH WAT A . 
E 4 HOH 27  217 27  HOH WAT A . 
E 4 HOH 28  218 28  HOH WAT A . 
E 4 HOH 29  219 29  HOH WAT A . 
E 4 HOH 30  220 30  HOH WAT A . 
E 4 HOH 31  221 31  HOH WAT A . 
E 4 HOH 32  222 32  HOH WAT A . 
E 4 HOH 33  223 33  HOH WAT A . 
E 4 HOH 34  224 34  HOH WAT A . 
E 4 HOH 35  225 35  HOH WAT A . 
E 4 HOH 36  226 36  HOH WAT A . 
E 4 HOH 37  227 37  HOH WAT A . 
E 4 HOH 38  228 38  HOH WAT A . 
E 4 HOH 39  229 39  HOH WAT A . 
E 4 HOH 40  230 40  HOH WAT A . 
E 4 HOH 41  231 41  HOH WAT A . 
E 4 HOH 42  232 42  HOH WAT A . 
E 4 HOH 43  233 43  HOH WAT A . 
E 4 HOH 44  234 44  HOH WAT A . 
E 4 HOH 45  235 45  HOH WAT A . 
E 4 HOH 46  236 46  HOH WAT A . 
E 4 HOH 47  237 47  HOH WAT A . 
E 4 HOH 48  238 48  HOH WAT A . 
E 4 HOH 49  239 49  HOH WAT A . 
E 4 HOH 50  240 50  HOH WAT A . 
E 4 HOH 51  241 51  HOH WAT A . 
E 4 HOH 52  242 52  HOH WAT A . 
E 4 HOH 53  243 53  HOH WAT A . 
E 4 HOH 54  244 54  HOH WAT A . 
E 4 HOH 55  245 55  HOH WAT A . 
E 4 HOH 56  246 56  HOH WAT A . 
E 4 HOH 57  247 57  HOH WAT A . 
E 4 HOH 58  248 58  HOH WAT A . 
E 4 HOH 59  249 59  HOH WAT A . 
E 4 HOH 60  250 60  HOH WAT A . 
E 4 HOH 61  251 61  HOH WAT A . 
E 4 HOH 62  252 62  HOH WAT A . 
E 4 HOH 63  253 63  HOH WAT A . 
E 4 HOH 64  254 64  HOH WAT A . 
E 4 HOH 65  255 65  HOH WAT A . 
E 4 HOH 66  256 66  HOH WAT A . 
E 4 HOH 67  257 67  HOH WAT A . 
E 4 HOH 68  258 68  HOH WAT A . 
E 4 HOH 69  259 69  HOH WAT A . 
E 4 HOH 70  260 70  HOH WAT A . 
E 4 HOH 71  261 71  HOH WAT A . 
E 4 HOH 72  262 72  HOH WAT A . 
E 4 HOH 73  263 73  HOH WAT A . 
E 4 HOH 74  264 74  HOH WAT A . 
E 4 HOH 75  265 75  HOH WAT A . 
E 4 HOH 76  266 76  HOH WAT A . 
E 4 HOH 77  267 77  HOH WAT A . 
E 4 HOH 78  268 78  HOH WAT A . 
E 4 HOH 79  269 79  HOH WAT A . 
E 4 HOH 80  270 80  HOH WAT A . 
E 4 HOH 81  271 81  HOH WAT A . 
E 4 HOH 82  272 82  HOH WAT A . 
E 4 HOH 83  273 83  HOH WAT A . 
E 4 HOH 84  274 84  HOH WAT A . 
E 4 HOH 85  275 85  HOH WAT A . 
E 4 HOH 86  276 86  HOH WAT A . 
E 4 HOH 87  277 87  HOH WAT A . 
E 4 HOH 88  278 88  HOH WAT A . 
E 4 HOH 89  279 89  HOH WAT A . 
E 4 HOH 90  280 90  HOH WAT A . 
E 4 HOH 91  281 91  HOH WAT A . 
E 4 HOH 92  282 92  HOH WAT A . 
E 4 HOH 93  283 93  HOH WAT A . 
E 4 HOH 94  284 94  HOH WAT A . 
E 4 HOH 95  285 95  HOH WAT A . 
E 4 HOH 96  286 96  HOH WAT A . 
E 4 HOH 97  287 97  HOH WAT A . 
E 4 HOH 98  288 98  HOH WAT A . 
E 4 HOH 99  289 99  HOH WAT A . 
E 4 HOH 100 290 100 HOH WAT A . 
E 4 HOH 101 291 101 HOH WAT A . 
E 4 HOH 102 292 102 HOH WAT A . 
E 4 HOH 103 293 103 HOH WAT A . 
E 4 HOH 104 294 104 HOH WAT A . 
E 4 HOH 105 295 105 HOH WAT A . 
E 4 HOH 106 296 106 HOH WAT A . 
E 4 HOH 107 297 107 HOH WAT A . 
E 4 HOH 108 298 108 HOH WAT A . 
E 4 HOH 109 299 109 HOH WAT A . 
E 4 HOH 110 300 110 HOH WAT A . 
E 4 HOH 111 301 111 HOH WAT A . 
E 4 HOH 112 302 112 HOH WAT A . 
E 4 HOH 113 303 113 HOH WAT A . 
E 4 HOH 114 304 114 HOH WAT A . 
# 
loop_
_software.name 
_software.classification 
_software.version 
_software.citation_id 
_software.pdbx_ordinal 
crystal      'data collection' clear          ? 1 
SCALEPACK    'data scaling'    .              ? 2 
CNS          refinement        .              ? 3 
MOLREP       phasing           .              ? 4 
CrystalClear 'data reduction'  '(MSC/RIGAKU)' ? 5 
CNS          phasing           .              ? 6 
# 
_cell.entry_id           1ZJ6 
_cell.length_a           76.78 
_cell.length_b           81.46 
_cell.length_c           84.61 
_cell.angle_alpha        90.00 
_cell.angle_beta         90.00 
_cell.angle_gamma        90.00 
_cell.Z_PDB              8 
_cell.pdbx_unique_axis   ? 
# 
_symmetry.entry_id                         1ZJ6 
_symmetry.space_group_name_H-M             'I 21 21 21' 
_symmetry.pdbx_full_space_group_name_H-M   ? 
_symmetry.cell_setting                     ? 
_symmetry.Int_Tables_number                24 
_symmetry.space_group_name_Hall            ? 
# 
_exptl.entry_id          1ZJ6 
_exptl.method            'X-RAY DIFFRACTION' 
_exptl.crystals_number   1 
# 
_exptl_crystal.id                    1 
_exptl_crystal.density_meas          ? 
_exptl_crystal.density_Matthews      3.0 
_exptl_crystal.density_percent_sol   59.2 
_exptl_crystal.description           ? 
_exptl_crystal.F_000                 ? 
_exptl_crystal.preparation           ? 
# 
_exptl_crystal_grow.crystal_id      1 
_exptl_crystal_grow.method          'VAPOR DIFFUSION, HANGING DROP' 
_exptl_crystal_grow.temp            288 
_exptl_crystal_grow.temp_details    ? 
_exptl_crystal_grow.pH              5.3 
_exptl_crystal_grow.pdbx_details    
'0.1M sodium citrate (pH5.3), 1.4M ammonium sulfate, 0.1% Triton X-305, VAPOR DIFFUSION, HANGING DROP, temperature 288K' 
_exptl_crystal_grow.pdbx_pH_range   . 
# 
_diffrn.id                     1 
_diffrn.ambient_temp           100 
_diffrn.ambient_temp_details   ? 
_diffrn.crystal_id             1 
# 
_diffrn_detector.diffrn_id              1 
_diffrn_detector.detector               'IMAGE PLATE' 
_diffrn_detector.type                   RIGAKU 
_diffrn_detector.pdbx_collection_date   2004-11-11 
_diffrn_detector.details                ? 
# 
_diffrn_radiation.diffrn_id                        1 
_diffrn_radiation.wavelength_id                    1 
_diffrn_radiation.pdbx_monochromatic_or_laue_m_l   M 
_diffrn_radiation.monochromator                    ? 
_diffrn_radiation.pdbx_diffrn_protocol             'SINGLE WAVELENGTH' 
_diffrn_radiation.pdbx_scattering_type             x-ray 
# 
_diffrn_radiation_wavelength.id           1 
_diffrn_radiation_wavelength.wavelength   1.000 
_diffrn_radiation_wavelength.wt           1.0 
# 
_diffrn_source.diffrn_id                   1 
_diffrn_source.source                      SYNCHROTRON 
_diffrn_source.type                        'PHOTON FACTORY BEAMLINE BL-6B' 
_diffrn_source.pdbx_synchrotron_site       'Photon Factory' 
_diffrn_source.pdbx_synchrotron_beamline   BL-6B 
_diffrn_source.pdbx_wavelength             ? 
_diffrn_source.pdbx_wavelength_list        1.000 
# 
_reflns.entry_id                     1ZJ6 
_reflns.observed_criterion_sigma_F   ? 
_reflns.observed_criterion_sigma_I   ? 
_reflns.d_resolution_high            2.0 
_reflns.d_resolution_low             500 
_reflns.number_all                   18304 
_reflns.number_obs                   16149 
_reflns.percent_possible_obs         88.2 
_reflns.pdbx_Rmerge_I_obs            ? 
_reflns.pdbx_Rsym_value              ? 
_reflns.pdbx_netI_over_sigmaI        ? 
_reflns.B_iso_Wilson_estimate        ? 
_reflns.pdbx_redundancy              ? 
_reflns.R_free_details               ? 
_reflns.limit_h_max                  ? 
_reflns.limit_h_min                  ? 
_reflns.limit_k_max                  ? 
_reflns.limit_k_min                  ? 
_reflns.limit_l_max                  ? 
_reflns.limit_l_min                  ? 
_reflns.observed_criterion_F_max     ? 
_reflns.observed_criterion_F_min     ? 
_reflns.pdbx_chi_squared             ? 
_reflns.pdbx_scaling_rejects         ? 
_reflns.pdbx_ordinal                 1 
_reflns.pdbx_diffrn_id               1 
# 
_reflns_shell.d_res_high             2.0 
_reflns_shell.d_res_low              2.06 
_reflns_shell.percent_possible_all   91 
_reflns_shell.Rmerge_I_obs           ? 
_reflns_shell.pdbx_Rsym_value        ? 
_reflns_shell.meanI_over_sigI_obs    ? 
_reflns_shell.pdbx_redundancy        ? 
_reflns_shell.percent_possible_obs   ? 
_reflns_shell.number_unique_all      ? 
_reflns_shell.number_measured_all    ? 
_reflns_shell.number_measured_obs    ? 
_reflns_shell.number_unique_obs      ? 
_reflns_shell.pdbx_chi_squared       ? 
_reflns_shell.pdbx_ordinal           1 
_reflns_shell.pdbx_diffrn_id         1 
# 
_refine.entry_id                                 1ZJ6 
_refine.ls_d_res_high                            2.0 
_refine.ls_d_res_low                             38.39 
_refine.pdbx_ls_sigma_F                          -3 
_refine.pdbx_ls_sigma_I                          ? 
_refine.ls_number_reflns_all                     18304 
_refine.ls_number_reflns_obs                     16149 
_refine.ls_number_reflns_R_free                  1580 
_refine.ls_percent_reflns_obs                    ? 
_refine.ls_R_factor_all                          ? 
_refine.ls_R_factor_obs                          ? 
_refine.ls_R_factor_R_work                       0.212 
_refine.ls_R_factor_R_free                       0.223 
_refine.ls_redundancy_reflns_obs                 ? 
_refine.pdbx_data_cutoff_high_absF               ? 
_refine.pdbx_data_cutoff_low_absF                ? 
_refine.ls_number_parameters                     ? 
_refine.ls_number_restraints                     ? 
_refine.ls_percent_reflns_R_free                 ? 
_refine.ls_R_factor_R_free_error                 ? 
_refine.ls_R_factor_R_free_error_details         ? 
_refine.pdbx_method_to_determine_struct          'MOLECULAR REPLACEMENT' 
_refine.pdbx_starting_model                      ? 
_refine.pdbx_ls_cross_valid_method               ? 
_refine.pdbx_R_Free_selection_details            random 
_refine.pdbx_stereochem_target_val_spec_case     ? 
_refine.pdbx_stereochemistry_target_values       ? 
_refine.solvent_model_details                    ? 
_refine.solvent_model_param_bsol                 ? 
_refine.solvent_model_param_ksol                 ? 
_refine.occupancy_max                            ? 
_refine.occupancy_min                            ? 
_refine.pdbx_isotropic_thermal_model             ? 
_refine.B_iso_mean                               ? 
_refine.aniso_B[1][1]                            ? 
_refine.aniso_B[1][2]                            ? 
_refine.aniso_B[1][3]                            ? 
_refine.aniso_B[2][2]                            ? 
_refine.aniso_B[2][3]                            ? 
_refine.aniso_B[3][3]                            ? 
_refine.details                                  ? 
_refine.B_iso_min                                ? 
_refine.B_iso_max                                ? 
_refine.correlation_coeff_Fo_to_Fc               ? 
_refine.correlation_coeff_Fo_to_Fc_free          ? 
_refine.pdbx_solvent_vdw_probe_radii             ? 
_refine.pdbx_solvent_ion_probe_radii             ? 
_refine.pdbx_solvent_shrinkage_radii             ? 
_refine.overall_SU_R_Cruickshank_DPI             ? 
_refine.overall_SU_R_free                        ? 
_refine.overall_SU_ML                            ? 
_refine.overall_SU_B                             ? 
_refine.pdbx_overall_ESU_R_Free                  ? 
_refine.pdbx_data_cutoff_high_rms_absF           ? 
_refine.pdbx_overall_ESU_R                       ? 
_refine.ls_wR_factor_R_free                      ? 
_refine.ls_wR_factor_R_work                      ? 
_refine.overall_FOM_free_R_set                   ? 
_refine.overall_FOM_work_R_set                   ? 
_refine.pdbx_refine_id                           'X-RAY DIFFRACTION' 
_refine.pdbx_diffrn_id                           1 
_refine.pdbx_TLS_residual_ADP_flag               ? 
_refine.pdbx_overall_phase_error                 ? 
_refine.pdbx_overall_SU_R_free_Cruickshank_DPI   ? 
_refine.pdbx_overall_SU_R_Blow_DPI               ? 
_refine.pdbx_overall_SU_R_free_Blow_DPI          ? 
# 
_refine_hist.pdbx_refine_id                   'X-RAY DIFFRACTION' 
_refine_hist.cycle_id                         LAST 
_refine_hist.pdbx_number_atoms_protein        1402 
_refine_hist.pdbx_number_atoms_nucleic_acid   0 
_refine_hist.pdbx_number_atoms_ligand         42 
_refine_hist.number_atoms_solvent             114 
_refine_hist.number_atoms_total               1558 
_refine_hist.d_res_high                       2.0 
_refine_hist.d_res_low                        38.39 
# 
_struct.entry_id                  1ZJ6 
_struct.title                     'Crystal structure of human ARL5' 
_struct.pdbx_model_details        ? 
_struct.pdbx_CASP_flag            ? 
_struct.pdbx_model_type_details   ? 
# 
_struct_keywords.entry_id        1ZJ6 
_struct_keywords.pdbx_keywords   'TRANSPORT PROTEIN' 
_struct_keywords.text            'ARL, GTP-binding, Transport Protein' 
# 
loop_
_struct_asym.id 
_struct_asym.pdbx_blank_PDB_chainid_flag 
_struct_asym.pdbx_modified 
_struct_asym.entity_id 
_struct_asym.details 
A N N 1 ? 
B N N 2 ? 
C N N 2 ? 
D N N 3 ? 
E N N 4 ? 
# 
_struct_ref.id                         1 
_struct_ref.db_name                    UNP 
_struct_ref.db_code                    ARL5A_HUMAN 
_struct_ref.pdbx_db_accession          Q9Y689 
_struct_ref.entity_id                  1 
_struct_ref.pdbx_seq_one_letter_code   
;MGILFTRIWRLFNHQEHKVIIVGLDNAGKTTILYQFSMNEVVHTSPTIGSNVEEIVINNTRFLMWDIGGQESLRSSWNTY
YTNTEFVIVVVDSTDRERISVTREELYKMLAHEDLRKAGLLIFANKQDVKECMTVAEISQFLKLTSIKDHQWHIQACCAL
TGEGLCQGLEWMMSRLKIR
;
_struct_ref.pdbx_align_begin           1 
_struct_ref.pdbx_db_isoform            ? 
# 
_struct_ref_seq.align_id                      1 
_struct_ref_seq.ref_id                        1 
_struct_ref_seq.pdbx_PDB_id_code              1ZJ6 
_struct_ref_seq.pdbx_strand_id                A 
_struct_ref_seq.seq_align_beg                 1 
_struct_ref_seq.pdbx_seq_align_beg_ins_code   ? 
_struct_ref_seq.seq_align_end                 179 
_struct_ref_seq.pdbx_seq_align_end_ins_code   ? 
_struct_ref_seq.pdbx_db_accession             Q9Y689 
_struct_ref_seq.db_align_beg                  1 
_struct_ref_seq.pdbx_db_align_beg_ins_code    ? 
_struct_ref_seq.db_align_end                  179 
_struct_ref_seq.pdbx_db_align_end_ins_code    ? 
_struct_ref_seq.pdbx_auth_seq_align_beg       1 
_struct_ref_seq.pdbx_auth_seq_align_end       179 
# 
loop_
_struct_ref_seq_dif.align_id 
_struct_ref_seq_dif.pdbx_pdb_id_code 
_struct_ref_seq_dif.mon_id 
_struct_ref_seq_dif.pdbx_pdb_strand_id 
_struct_ref_seq_dif.seq_num 
_struct_ref_seq_dif.pdbx_pdb_ins_code 
_struct_ref_seq_dif.pdbx_seq_db_name 
_struct_ref_seq_dif.pdbx_seq_db_accession_code 
_struct_ref_seq_dif.db_mon_id 
_struct_ref_seq_dif.pdbx_seq_db_seq_num 
_struct_ref_seq_dif.details 
_struct_ref_seq_dif.pdbx_auth_seq_num 
_struct_ref_seq_dif.pdbx_ordinal 
1 1ZJ6 LEU A 180 ? UNP Q9Y689 ? ? 'expression tag' 180 1 
1 1ZJ6 GLU A 181 ? UNP Q9Y689 ? ? 'expression tag' 181 2 
1 1ZJ6 HIS A 182 ? UNP Q9Y689 ? ? 'expression tag' 182 3 
1 1ZJ6 HIS A 183 ? UNP Q9Y689 ? ? 'expression tag' 183 4 
1 1ZJ6 HIS A 184 ? UNP Q9Y689 ? ? 'expression tag' 184 5 
1 1ZJ6 HIS A 185 ? UNP Q9Y689 ? ? 'expression tag' 185 6 
1 1ZJ6 HIS A 186 ? UNP Q9Y689 ? ? 'expression tag' 186 7 
1 1ZJ6 HIS A 187 ? UNP Q9Y689 ? ? 'expression tag' 187 8 
# 
loop_
_pdbx_struct_assembly.id 
_pdbx_struct_assembly.details 
_pdbx_struct_assembly.method_details 
_pdbx_struct_assembly.oligomeric_details 
_pdbx_struct_assembly.oligomeric_count 
1 author_and_software_defined_assembly PQS  monomeric 1 
2 software_defined_assembly            PISA dimeric   2 
3 software_defined_assembly            PISA dimeric   2 
# 
loop_
_pdbx_struct_assembly_prop.biol_id 
_pdbx_struct_assembly_prop.type 
_pdbx_struct_assembly_prop.value 
_pdbx_struct_assembly_prop.details 
2 'ABSA (A^2)' 3570  ? 
2 MORE         -84   ? 
2 'SSA (A^2)'  17010 ? 
3 'ABSA (A^2)' 3090  ? 
3 MORE         -72   ? 
3 'SSA (A^2)'  17490 ? 
# 
loop_
_pdbx_struct_assembly_gen.assembly_id 
_pdbx_struct_assembly_gen.oper_expression 
_pdbx_struct_assembly_gen.asym_id_list 
1 1   A,B,C,D,E 
2 1,2 A,B,C,D,E 
3 1,3 A,B,C,D,E 
# 
loop_
_pdbx_struct_oper_list.id 
_pdbx_struct_oper_list.type 
_pdbx_struct_oper_list.name 
_pdbx_struct_oper_list.symmetry_operation 
_pdbx_struct_oper_list.matrix[1][1] 
_pdbx_struct_oper_list.matrix[1][2] 
_pdbx_struct_oper_list.matrix[1][3] 
_pdbx_struct_oper_list.vector[1] 
_pdbx_struct_oper_list.matrix[2][1] 
_pdbx_struct_oper_list.matrix[2][2] 
_pdbx_struct_oper_list.matrix[2][3] 
_pdbx_struct_oper_list.vector[2] 
_pdbx_struct_oper_list.matrix[3][1] 
_pdbx_struct_oper_list.matrix[3][2] 
_pdbx_struct_oper_list.matrix[3][3] 
_pdbx_struct_oper_list.vector[3] 
1 'identity operation'         1_555 x,y,z         1.0000000000  0.0000000000  0.0000000000  0.0000000000   0.0000000000  1.0000000000  0.0000000000 0.0000000000   0.0000000000  0.0000000000 1.0000000000  0.0000000000  
2 'crystal symmetry operation' 7_556 -x+1/2,y,-z+1 -0.3274887715 0.7820859956  0.5301816670  -25.2073588715 0.7820859956  -0.0904858110 0.6165661468 17.0205586897  0.5301816670  0.6165661468 -0.5820254175 6.8668751104  
3 'crystal symmetry operation' 8_565 x,-y+1,-z+1/2 0.3267549054  -0.8031449482 -0.4981861338 5.3727429910   -0.8031449482 -0.5138199186 0.3015746729 -14.4087380550 -0.4981861338 0.3015746729 -0.8129349868 37.5374122838 
# 
_struct_biol.id                    1 
_struct_biol.pdbx_parent_biol_id   ? 
_struct_biol.details               ? 
# 
loop_
_struct_conf.conf_type_id 
_struct_conf.id 
_struct_conf.pdbx_PDB_helix_id 
_struct_conf.beg_label_comp_id 
_struct_conf.beg_label_asym_id 
_struct_conf.beg_label_seq_id 
_struct_conf.pdbx_beg_PDB_ins_code 
_struct_conf.end_label_comp_id 
_struct_conf.end_label_asym_id 
_struct_conf.end_label_seq_id 
_struct_conf.pdbx_end_PDB_ins_code 
_struct_conf.beg_auth_comp_id 
_struct_conf.beg_auth_asym_id 
_struct_conf.beg_auth_seq_id 
_struct_conf.end_auth_comp_id 
_struct_conf.end_auth_asym_id 
_struct_conf.end_auth_seq_id 
_struct_conf.pdbx_PDB_helix_class 
_struct_conf.details 
_struct_conf.pdbx_PDB_helix_length 
HELX_P HELX_P1 1 GLY A 2   ? ASN A 13  ? GLY A 2   ASN A 13  1 ? 12 
HELX_P HELX_P2 2 GLY A 28  ? MET A 38  ? GLY A 28  MET A 38  1 ? 11 
HELX_P HELX_P3 3 ARG A 74  ? TYR A 81  ? ARG A 74  TYR A 81  5 ? 8  
HELX_P HELX_P4 4 ARG A 98  ? ALA A 111 ? ARG A 98  ALA A 111 1 ? 14 
HELX_P HELX_P5 5 HIS A 112 ? ARG A 116 ? HIS A 112 ARG A 116 5 ? 5  
HELX_P HELX_P6 6 THR A 134 ? LYS A 143 ? THR A 134 LYS A 143 1 ? 10 
HELX_P HELX_P7 7 LEU A 144 ? ILE A 147 ? LEU A 144 ILE A 147 5 ? 4  
HELX_P HELX_P8 8 GLY A 164 ? LYS A 177 ? GLY A 164 LYS A 177 1 ? 14 
# 
_struct_conf_type.id          HELX_P 
_struct_conf_type.criteria    ? 
_struct_conf_type.reference   ? 
# 
_struct_sheet.id               A 
_struct_sheet.type             ? 
_struct_sheet.number_strands   7 
_struct_sheet.details          ? 
# 
loop_
_struct_sheet_order.sheet_id 
_struct_sheet_order.range_id_1 
_struct_sheet_order.range_id_2 
_struct_sheet_order.offset 
_struct_sheet_order.sense 
A 1 2 ? anti-parallel 
A 2 3 ? anti-parallel 
A 3 4 ? parallel      
A 4 5 ? parallel      
A 5 6 ? parallel      
A 6 7 ? parallel      
# 
loop_
_struct_sheet_range.sheet_id 
_struct_sheet_range.id 
_struct_sheet_range.beg_label_comp_id 
_struct_sheet_range.beg_label_asym_id 
_struct_sheet_range.beg_label_seq_id 
_struct_sheet_range.pdbx_beg_PDB_ins_code 
_struct_sheet_range.end_label_comp_id 
_struct_sheet_range.end_label_asym_id 
_struct_sheet_range.end_label_seq_id 
_struct_sheet_range.pdbx_end_PDB_ins_code 
_struct_sheet_range.beg_auth_comp_id 
_struct_sheet_range.beg_auth_asym_id 
_struct_sheet_range.beg_auth_seq_id 
_struct_sheet_range.end_auth_comp_id 
_struct_sheet_range.end_auth_asym_id 
_struct_sheet_range.end_auth_seq_id 
A 1 VAL A 42  ? SER A 45  ? VAL A 42  SER A 45  
A 2 GLU A 53  ? ILE A 57  ? GLU A 53  ILE A 57  
A 3 THR A 60  ? ASP A 66  ? THR A 60  ASP A 66  
A 4 HIS A 17  ? GLY A 23  ? HIS A 17  GLY A 23  
A 5 PHE A 86  ? ASP A 92  ? PHE A 86  ASP A 92  
A 6 GLY A 119 ? ASN A 125 ? GLY A 119 ASN A 125 
A 7 TRP A 152 ? ALA A 156 ? TRP A 152 ALA A 156 
# 
loop_
_pdbx_struct_sheet_hbond.sheet_id 
_pdbx_struct_sheet_hbond.range_id_1 
_pdbx_struct_sheet_hbond.range_id_2 
_pdbx_struct_sheet_hbond.range_1_label_atom_id 
_pdbx_struct_sheet_hbond.range_1_label_comp_id 
_pdbx_struct_sheet_hbond.range_1_label_asym_id 
_pdbx_struct_sheet_hbond.range_1_label_seq_id 
_pdbx_struct_sheet_hbond.range_1_PDB_ins_code 
_pdbx_struct_sheet_hbond.range_1_auth_atom_id 
_pdbx_struct_sheet_hbond.range_1_auth_comp_id 
_pdbx_struct_sheet_hbond.range_1_auth_asym_id 
_pdbx_struct_sheet_hbond.range_1_auth_seq_id 
_pdbx_struct_sheet_hbond.range_2_label_atom_id 
_pdbx_struct_sheet_hbond.range_2_label_comp_id 
_pdbx_struct_sheet_hbond.range_2_label_asym_id 
_pdbx_struct_sheet_hbond.range_2_label_seq_id 
_pdbx_struct_sheet_hbond.range_2_PDB_ins_code 
_pdbx_struct_sheet_hbond.range_2_auth_atom_id 
_pdbx_struct_sheet_hbond.range_2_auth_comp_id 
_pdbx_struct_sheet_hbond.range_2_auth_asym_id 
_pdbx_struct_sheet_hbond.range_2_auth_seq_id 
A 1 2 N HIS A 43  ? N HIS A 43  O VAL A 56  ? O VAL A 56  
A 2 3 N ILE A 57  ? N ILE A 57  O THR A 60  ? O THR A 60  
A 3 4 O ARG A 61  ? O ARG A 61  N VAL A 19  ? N VAL A 19  
A 4 5 N ILE A 20  ? N ILE A 20  O ILE A 88  ? O ILE A 88  
A 5 6 N VAL A 87  ? N VAL A 87  O GLY A 119 ? O GLY A 119 
A 6 7 N ILE A 122 ? N ILE A 122 O GLN A 155 ? O GLN A 155 
# 
loop_
_struct_site.id 
_struct_site.pdbx_evidence_code 
_struct_site.pdbx_auth_asym_id 
_struct_site.pdbx_auth_comp_id 
_struct_site.pdbx_auth_seq_id 
_struct_site.pdbx_auth_ins_code 
_struct_site.pdbx_num_residues 
_struct_site.details 
AC1 Software A SO4 188 ? 9  'BINDING SITE FOR RESIDUE SO4 A 188' 
AC2 Software A SO4 189 ? 10 'BINDING SITE FOR RESIDUE SO4 A 189' 
AC3 Software A G3D 190 ? 19 'BINDING SITE FOR RESIDUE G3D A 190' 
# 
loop_
_struct_site_gen.id 
_struct_site_gen.site_id 
_struct_site_gen.pdbx_num_res 
_struct_site_gen.label_comp_id 
_struct_site_gen.label_asym_id 
_struct_site_gen.label_seq_id 
_struct_site_gen.pdbx_auth_ins_code 
_struct_site_gen.auth_comp_id 
_struct_site_gen.auth_asym_id 
_struct_site_gen.auth_seq_id 
_struct_site_gen.label_atom_id 
_struct_site_gen.label_alt_id 
_struct_site_gen.symmetry 
_struct_site_gen.details 
1  AC1 9  ASP A 95  ? ASP A 95  . ? 1_555 ? 
2  AC1 9  ARG A 96  ? ARG A 96  . ? 1_555 ? 
3  AC1 9  GLU A 97  ? GLU A 97  . ? 1_555 ? 
4  AC1 9  ARG A 103 ? ARG A 103 . ? 8_565 ? 
5  AC1 9  LYS A 143 ? LYS A 143 . ? 8_565 ? 
6  AC1 9  HOH E .   ? HOH A 198 . ? 1_555 ? 
7  AC1 9  HOH E .   ? HOH A 201 . ? 8_565 ? 
8  AC1 9  HOH E .   ? HOH A 223 . ? 1_555 ? 
9  AC1 9  HOH E .   ? HOH A 229 . ? 1_555 ? 
10 AC2 10 GLU A 163 ? GLU A 163 . ? 7_556 ? 
11 AC2 10 GLY A 164 ? GLY A 164 . ? 7_556 ? 
12 AC2 10 GLY A 164 ? GLY A 164 . ? 1_555 ? 
13 AC2 10 LEU A 165 ? LEU A 165 . ? 7_556 ? 
14 AC2 10 CYS A 166 ? CYS A 166 . ? 7_556 ? 
15 AC2 10 GLN A 167 ? GLN A 167 . ? 1_555 ? 
16 AC2 10 GLN A 167 ? GLN A 167 . ? 7_556 ? 
17 AC2 10 HOH E .   ? HOH A 192 . ? 1_555 ? 
18 AC2 10 HOH E .   ? HOH A 192 . ? 7_556 ? 
19 AC2 10 HOH E .   ? HOH A 200 . ? 7_556 ? 
20 AC3 19 ASP A 25  ? ASP A 25  . ? 1_555 ? 
21 AC3 19 ASP A 25  ? ASP A 25  . ? 6_555 ? 
22 AC3 19 ASN A 26  ? ASN A 26  . ? 1_555 ? 
23 AC3 19 ASN A 26  ? ASN A 26  . ? 6_555 ? 
24 AC3 19 ALA A 27  ? ALA A 27  . ? 1_555 ? 
25 AC3 19 GLY A 28  ? GLY A 28  . ? 1_555 ? 
26 AC3 19 LYS A 29  ? LYS A 29  . ? 1_555 ? 
27 AC3 19 THR A 30  ? THR A 30  . ? 1_555 ? 
28 AC3 19 THR A 31  ? THR A 31  . ? 1_555 ? 
29 AC3 19 ASN A 125 ? ASN A 125 . ? 1_555 ? 
30 AC3 19 LYS A 126 ? LYS A 126 . ? 1_555 ? 
31 AC3 19 ASP A 128 ? ASP A 128 . ? 1_555 ? 
32 AC3 19 VAL A 129 ? VAL A 129 . ? 1_555 ? 
33 AC3 19 CYS A 158 ? CYS A 158 . ? 1_555 ? 
34 AC3 19 ALA A 159 ? ALA A 159 . ? 1_555 ? 
35 AC3 19 LEU A 160 ? LEU A 160 . ? 1_555 ? 
36 AC3 19 HOH E .   ? HOH A 222 . ? 1_555 ? 
37 AC3 19 HOH E .   ? HOH A 253 . ? 1_555 ? 
38 AC3 19 HOH E .   ? HOH A 265 . ? 1_555 ? 
# 
_pdbx_entry_details.entry_id                   1ZJ6 
_pdbx_entry_details.compound_details           ? 
_pdbx_entry_details.source_details             ? 
_pdbx_entry_details.nonpolymer_details         ? 
_pdbx_entry_details.sequence_details           ? 
_pdbx_entry_details.has_ligand_of_interest     ? 
_pdbx_entry_details.has_protein_modification   N 
# 
loop_
_pdbx_validate_symm_contact.id 
_pdbx_validate_symm_contact.PDB_model_num 
_pdbx_validate_symm_contact.auth_atom_id_1 
_pdbx_validate_symm_contact.auth_asym_id_1 
_pdbx_validate_symm_contact.auth_comp_id_1 
_pdbx_validate_symm_contact.auth_seq_id_1 
_pdbx_validate_symm_contact.PDB_ins_code_1 
_pdbx_validate_symm_contact.label_alt_id_1 
_pdbx_validate_symm_contact.site_symmetry_1 
_pdbx_validate_symm_contact.auth_atom_id_2 
_pdbx_validate_symm_contact.auth_asym_id_2 
_pdbx_validate_symm_contact.auth_comp_id_2 
_pdbx_validate_symm_contact.auth_seq_id_2 
_pdbx_validate_symm_contact.PDB_ins_code_2 
_pdbx_validate_symm_contact.label_alt_id_2 
_pdbx_validate_symm_contact.site_symmetry_2 
_pdbx_validate_symm_contact.dist 
1 1 O4 A SO4 189 ? ? 1_555 O  A HOH 200 ? ? 7_556 1.82 
2 1 N  A GLY 164 ? ? 1_555 O2 A SO4 189 ? ? 7_556 1.97 
# 
_pdbx_validate_rmsd_angle.id                         1 
_pdbx_validate_rmsd_angle.PDB_model_num              1 
_pdbx_validate_rmsd_angle.auth_atom_id_1             N 
_pdbx_validate_rmsd_angle.auth_asym_id_1             A 
_pdbx_validate_rmsd_angle.auth_comp_id_1             ILE 
_pdbx_validate_rmsd_angle.auth_seq_id_1              48 
_pdbx_validate_rmsd_angle.PDB_ins_code_1             ? 
_pdbx_validate_rmsd_angle.label_alt_id_1             ? 
_pdbx_validate_rmsd_angle.auth_atom_id_2             CA 
_pdbx_validate_rmsd_angle.auth_asym_id_2             A 
_pdbx_validate_rmsd_angle.auth_comp_id_2             ILE 
_pdbx_validate_rmsd_angle.auth_seq_id_2              48 
_pdbx_validate_rmsd_angle.PDB_ins_code_2             ? 
_pdbx_validate_rmsd_angle.label_alt_id_2             ? 
_pdbx_validate_rmsd_angle.auth_atom_id_3             C 
_pdbx_validate_rmsd_angle.auth_asym_id_3             A 
_pdbx_validate_rmsd_angle.auth_comp_id_3             ILE 
_pdbx_validate_rmsd_angle.auth_seq_id_3              48 
_pdbx_validate_rmsd_angle.PDB_ins_code_3             ? 
_pdbx_validate_rmsd_angle.label_alt_id_3             ? 
_pdbx_validate_rmsd_angle.angle_value                94.28 
_pdbx_validate_rmsd_angle.angle_target_value         111.00 
_pdbx_validate_rmsd_angle.angle_deviation            -16.72 
_pdbx_validate_rmsd_angle.angle_standard_deviation   2.70 
_pdbx_validate_rmsd_angle.linker_flag                N 
# 
loop_
_pdbx_validate_torsion.id 
_pdbx_validate_torsion.PDB_model_num 
_pdbx_validate_torsion.auth_comp_id 
_pdbx_validate_torsion.auth_asym_id 
_pdbx_validate_torsion.auth_seq_id 
_pdbx_validate_torsion.PDB_ins_code 
_pdbx_validate_torsion.label_alt_id 
_pdbx_validate_torsion.phi 
_pdbx_validate_torsion.psi 
1 1 SER A 50  ? ? -44.43 -78.48  
2 1 ASN A 58  ? ? 59.32  -110.37 
3 1 LEU A 176 ? ? -64.29 -77.88  
# 
loop_
_pdbx_unobs_or_zero_occ_residues.id 
_pdbx_unobs_or_zero_occ_residues.PDB_model_num 
_pdbx_unobs_or_zero_occ_residues.polymer_flag 
_pdbx_unobs_or_zero_occ_residues.occupancy_flag 
_pdbx_unobs_or_zero_occ_residues.auth_asym_id 
_pdbx_unobs_or_zero_occ_residues.auth_comp_id 
_pdbx_unobs_or_zero_occ_residues.auth_seq_id 
_pdbx_unobs_or_zero_occ_residues.PDB_ins_code 
_pdbx_unobs_or_zero_occ_residues.label_asym_id 
_pdbx_unobs_or_zero_occ_residues.label_comp_id 
_pdbx_unobs_or_zero_occ_residues.label_seq_id 
1  1 Y 1 A MET 1   ? A MET 1   
2  1 Y 1 A GLN 70  ? A GLN 70  
3  1 Y 1 A GLU 71  ? A GLU 71  
4  1 Y 1 A SER 72  ? A SER 72  
5  1 Y 1 A LEU 73  ? A LEU 73  
6  1 Y 1 A ARG 179 ? A ARG 179 
7  1 Y 1 A LEU 180 ? A LEU 180 
8  1 Y 1 A GLU 181 ? A GLU 181 
9  1 Y 1 A HIS 182 ? A HIS 182 
10 1 Y 1 A HIS 183 ? A HIS 183 
11 1 Y 1 A HIS 184 ? A HIS 184 
12 1 Y 1 A HIS 185 ? A HIS 185 
13 1 Y 1 A HIS 186 ? A HIS 186 
14 1 Y 1 A HIS 187 ? A HIS 187 
# 
loop_
_chem_comp_atom.comp_id 
_chem_comp_atom.atom_id 
_chem_comp_atom.type_symbol 
_chem_comp_atom.pdbx_aromatic_flag 
_chem_comp_atom.pdbx_stereo_config 
_chem_comp_atom.pdbx_ordinal 
ALA N      N N N 1   
ALA CA     C N S 2   
ALA C      C N N 3   
ALA O      O N N 4   
ALA CB     C N N 5   
ALA OXT    O N N 6   
ALA H      H N N 7   
ALA H2     H N N 8   
ALA HA     H N N 9   
ALA HB1    H N N 10  
ALA HB2    H N N 11  
ALA HB3    H N N 12  
ALA HXT    H N N 13  
ARG N      N N N 14  
ARG CA     C N S 15  
ARG C      C N N 16  
ARG O      O N N 17  
ARG CB     C N N 18  
ARG CG     C N N 19  
ARG CD     C N N 20  
ARG NE     N N N 21  
ARG CZ     C N N 22  
ARG NH1    N N N 23  
ARG NH2    N N N 24  
ARG OXT    O N N 25  
ARG H      H N N 26  
ARG H2     H N N 27  
ARG HA     H N N 28  
ARG HB2    H N N 29  
ARG HB3    H N N 30  
ARG HG2    H N N 31  
ARG HG3    H N N 32  
ARG HD2    H N N 33  
ARG HD3    H N N 34  
ARG HE     H N N 35  
ARG HH11   H N N 36  
ARG HH12   H N N 37  
ARG HH21   H N N 38  
ARG HH22   H N N 39  
ARG HXT    H N N 40  
ASN N      N N N 41  
ASN CA     C N S 42  
ASN C      C N N 43  
ASN O      O N N 44  
ASN CB     C N N 45  
ASN CG     C N N 46  
ASN OD1    O N N 47  
ASN ND2    N N N 48  
ASN OXT    O N N 49  
ASN H      H N N 50  
ASN H2     H N N 51  
ASN HA     H N N 52  
ASN HB2    H N N 53  
ASN HB3    H N N 54  
ASN HD21   H N N 55  
ASN HD22   H N N 56  
ASN HXT    H N N 57  
ASP N      N N N 58  
ASP CA     C N S 59  
ASP C      C N N 60  
ASP O      O N N 61  
ASP CB     C N N 62  
ASP CG     C N N 63  
ASP OD1    O N N 64  
ASP OD2    O N N 65  
ASP OXT    O N N 66  
ASP H      H N N 67  
ASP H2     H N N 68  
ASP HA     H N N 69  
ASP HB2    H N N 70  
ASP HB3    H N N 71  
ASP HD2    H N N 72  
ASP HXT    H N N 73  
CYS N      N N N 74  
CYS CA     C N R 75  
CYS C      C N N 76  
CYS O      O N N 77  
CYS CB     C N N 78  
CYS SG     S N N 79  
CYS OXT    O N N 80  
CYS H      H N N 81  
CYS H2     H N N 82  
CYS HA     H N N 83  
CYS HB2    H N N 84  
CYS HB3    H N N 85  
CYS HG     H N N 86  
CYS HXT    H N N 87  
G3D PB     P N N 88  
G3D O1B    O N N 89  
G3D O2B    O N N 90  
G3D O3B    O N N 91  
G3D PA     P N S 92  
G3D O3A    O N N 93  
G3D O1A    O N N 94  
G3D O2A    O N N 95  
G3D "O5'"  O N N 96  
G3D "C5'"  C N N 97  
G3D "C4'"  C N R 98  
G3D "O4'"  O N N 99  
G3D "C3'"  C N S 100 
G3D "O3'"  O N N 101 
G3D "C2'"  C N R 102 
G3D "O2'"  O N N 103 
G3D "C1'"  C N R 104 
G3D N9     N Y N 105 
G3D C8     C Y N 106 
G3D N7     N Y N 107 
G3D C5     C Y N 108 
G3D C6     C N N 109 
G3D O6     O N N 110 
G3D N1     N N N 111 
G3D C2     C N N 112 
G3D N2     N N N 113 
G3D N3     N N N 114 
G3D C4     C Y N 115 
G3D P1     P N N 116 
G3D O4P    O N N 117 
G3D O5P    O N N 118 
G3D O6P    O N N 119 
G3D HOB2   H N N 120 
G3D HOB3   H N N 121 
G3D HOA2   H N N 122 
G3D "H5'1" H N N 123 
G3D "H5'2" H N N 124 
G3D "H4'"  H N N 125 
G3D "H3'"  H N N 126 
G3D "H2'"  H N N 127 
G3D "HO2'" H N N 128 
G3D "H1'"  H N N 129 
G3D H8     H N N 130 
G3D HN1    H N N 131 
G3D HN21   H N N 132 
G3D HN22   H N N 133 
G3D HO4P   H N N 134 
G3D HO5P   H N N 135 
GLN N      N N N 136 
GLN CA     C N S 137 
GLN C      C N N 138 
GLN O      O N N 139 
GLN CB     C N N 140 
GLN CG     C N N 141 
GLN CD     C N N 142 
GLN OE1    O N N 143 
GLN NE2    N N N 144 
GLN OXT    O N N 145 
GLN H      H N N 146 
GLN H2     H N N 147 
GLN HA     H N N 148 
GLN HB2    H N N 149 
GLN HB3    H N N 150 
GLN HG2    H N N 151 
GLN HG3    H N N 152 
GLN HE21   H N N 153 
GLN HE22   H N N 154 
GLN HXT    H N N 155 
GLU N      N N N 156 
GLU CA     C N S 157 
GLU C      C N N 158 
GLU O      O N N 159 
GLU CB     C N N 160 
GLU CG     C N N 161 
GLU CD     C N N 162 
GLU OE1    O N N 163 
GLU OE2    O N N 164 
GLU OXT    O N N 165 
GLU H      H N N 166 
GLU H2     H N N 167 
GLU HA     H N N 168 
GLU HB2    H N N 169 
GLU HB3    H N N 170 
GLU HG2    H N N 171 
GLU HG3    H N N 172 
GLU HE2    H N N 173 
GLU HXT    H N N 174 
GLY N      N N N 175 
GLY CA     C N N 176 
GLY C      C N N 177 
GLY O      O N N 178 
GLY OXT    O N N 179 
GLY H      H N N 180 
GLY H2     H N N 181 
GLY HA2    H N N 182 
GLY HA3    H N N 183 
GLY HXT    H N N 184 
HIS N      N N N 185 
HIS CA     C N S 186 
HIS C      C N N 187 
HIS O      O N N 188 
HIS CB     C N N 189 
HIS CG     C Y N 190 
HIS ND1    N Y N 191 
HIS CD2    C Y N 192 
HIS CE1    C Y N 193 
HIS NE2    N Y N 194 
HIS OXT    O N N 195 
HIS H      H N N 196 
HIS H2     H N N 197 
HIS HA     H N N 198 
HIS HB2    H N N 199 
HIS HB3    H N N 200 
HIS HD1    H N N 201 
HIS HD2    H N N 202 
HIS HE1    H N N 203 
HIS HE2    H N N 204 
HIS HXT    H N N 205 
HOH O      O N N 206 
HOH H1     H N N 207 
HOH H2     H N N 208 
ILE N      N N N 209 
ILE CA     C N S 210 
ILE C      C N N 211 
ILE O      O N N 212 
ILE CB     C N S 213 
ILE CG1    C N N 214 
ILE CG2    C N N 215 
ILE CD1    C N N 216 
ILE OXT    O N N 217 
ILE H      H N N 218 
ILE H2     H N N 219 
ILE HA     H N N 220 
ILE HB     H N N 221 
ILE HG12   H N N 222 
ILE HG13   H N N 223 
ILE HG21   H N N 224 
ILE HG22   H N N 225 
ILE HG23   H N N 226 
ILE HD11   H N N 227 
ILE HD12   H N N 228 
ILE HD13   H N N 229 
ILE HXT    H N N 230 
LEU N      N N N 231 
LEU CA     C N S 232 
LEU C      C N N 233 
LEU O      O N N 234 
LEU CB     C N N 235 
LEU CG     C N N 236 
LEU CD1    C N N 237 
LEU CD2    C N N 238 
LEU OXT    O N N 239 
LEU H      H N N 240 
LEU H2     H N N 241 
LEU HA     H N N 242 
LEU HB2    H N N 243 
LEU HB3    H N N 244 
LEU HG     H N N 245 
LEU HD11   H N N 246 
LEU HD12   H N N 247 
LEU HD13   H N N 248 
LEU HD21   H N N 249 
LEU HD22   H N N 250 
LEU HD23   H N N 251 
LEU HXT    H N N 252 
LYS N      N N N 253 
LYS CA     C N S 254 
LYS C      C N N 255 
LYS O      O N N 256 
LYS CB     C N N 257 
LYS CG     C N N 258 
LYS CD     C N N 259 
LYS CE     C N N 260 
LYS NZ     N N N 261 
LYS OXT    O N N 262 
LYS H      H N N 263 
LYS H2     H N N 264 
LYS HA     H N N 265 
LYS HB2    H N N 266 
LYS HB3    H N N 267 
LYS HG2    H N N 268 
LYS HG3    H N N 269 
LYS HD2    H N N 270 
LYS HD3    H N N 271 
LYS HE2    H N N 272 
LYS HE3    H N N 273 
LYS HZ1    H N N 274 
LYS HZ2    H N N 275 
LYS HZ3    H N N 276 
LYS HXT    H N N 277 
MET N      N N N 278 
MET CA     C N S 279 
MET C      C N N 280 
MET O      O N N 281 
MET CB     C N N 282 
MET CG     C N N 283 
MET SD     S N N 284 
MET CE     C N N 285 
MET OXT    O N N 286 
MET H      H N N 287 
MET H2     H N N 288 
MET HA     H N N 289 
MET HB2    H N N 290 
MET HB3    H N N 291 
MET HG2    H N N 292 
MET HG3    H N N 293 
MET HE1    H N N 294 
MET HE2    H N N 295 
MET HE3    H N N 296 
MET HXT    H N N 297 
PHE N      N N N 298 
PHE CA     C N S 299 
PHE C      C N N 300 
PHE O      O N N 301 
PHE CB     C N N 302 
PHE CG     C Y N 303 
PHE CD1    C Y N 304 
PHE CD2    C Y N 305 
PHE CE1    C Y N 306 
PHE CE2    C Y N 307 
PHE CZ     C Y N 308 
PHE OXT    O N N 309 
PHE H      H N N 310 
PHE H2     H N N 311 
PHE HA     H N N 312 
PHE HB2    H N N 313 
PHE HB3    H N N 314 
PHE HD1    H N N 315 
PHE HD2    H N N 316 
PHE HE1    H N N 317 
PHE HE2    H N N 318 
PHE HZ     H N N 319 
PHE HXT    H N N 320 
PRO N      N N N 321 
PRO CA     C N S 322 
PRO C      C N N 323 
PRO O      O N N 324 
PRO CB     C N N 325 
PRO CG     C N N 326 
PRO CD     C N N 327 
PRO OXT    O N N 328 
PRO H      H N N 329 
PRO HA     H N N 330 
PRO HB2    H N N 331 
PRO HB3    H N N 332 
PRO HG2    H N N 333 
PRO HG3    H N N 334 
PRO HD2    H N N 335 
PRO HD3    H N N 336 
PRO HXT    H N N 337 
SER N      N N N 338 
SER CA     C N S 339 
SER C      C N N 340 
SER O      O N N 341 
SER CB     C N N 342 
SER OG     O N N 343 
SER OXT    O N N 344 
SER H      H N N 345 
SER H2     H N N 346 
SER HA     H N N 347 
SER HB2    H N N 348 
SER HB3    H N N 349 
SER HG     H N N 350 
SER HXT    H N N 351 
SO4 S      S N N 352 
SO4 O1     O N N 353 
SO4 O2     O N N 354 
SO4 O3     O N N 355 
SO4 O4     O N N 356 
THR N      N N N 357 
THR CA     C N S 358 
THR C      C N N 359 
THR O      O N N 360 
THR CB     C N R 361 
THR OG1    O N N 362 
THR CG2    C N N 363 
THR OXT    O N N 364 
THR H      H N N 365 
THR H2     H N N 366 
THR HA     H N N 367 
THR HB     H N N 368 
THR HG1    H N N 369 
THR HG21   H N N 370 
THR HG22   H N N 371 
THR HG23   H N N 372 
THR HXT    H N N 373 
TRP N      N N N 374 
TRP CA     C N S 375 
TRP C      C N N 376 
TRP O      O N N 377 
TRP CB     C N N 378 
TRP CG     C Y N 379 
TRP CD1    C Y N 380 
TRP CD2    C Y N 381 
TRP NE1    N Y N 382 
TRP CE2    C Y N 383 
TRP CE3    C Y N 384 
TRP CZ2    C Y N 385 
TRP CZ3    C Y N 386 
TRP CH2    C Y N 387 
TRP OXT    O N N 388 
TRP H      H N N 389 
TRP H2     H N N 390 
TRP HA     H N N 391 
TRP HB2    H N N 392 
TRP HB3    H N N 393 
TRP HD1    H N N 394 
TRP HE1    H N N 395 
TRP HE3    H N N 396 
TRP HZ2    H N N 397 
TRP HZ3    H N N 398 
TRP HH2    H N N 399 
TRP HXT    H N N 400 
TYR N      N N N 401 
TYR CA     C N S 402 
TYR C      C N N 403 
TYR O      O N N 404 
TYR CB     C N N 405 
TYR CG     C Y N 406 
TYR CD1    C Y N 407 
TYR CD2    C Y N 408 
TYR CE1    C Y N 409 
TYR CE2    C Y N 410 
TYR CZ     C Y N 411 
TYR OH     O N N 412 
TYR OXT    O N N 413 
TYR H      H N N 414 
TYR H2     H N N 415 
TYR HA     H N N 416 
TYR HB2    H N N 417 
TYR HB3    H N N 418 
TYR HD1    H N N 419 
TYR HD2    H N N 420 
TYR HE1    H N N 421 
TYR HE2    H N N 422 
TYR HH     H N N 423 
TYR HXT    H N N 424 
VAL N      N N N 425 
VAL CA     C N S 426 
VAL C      C N N 427 
VAL O      O N N 428 
VAL CB     C N N 429 
VAL CG1    C N N 430 
VAL CG2    C N N 431 
VAL OXT    O N N 432 
VAL H      H N N 433 
VAL H2     H N N 434 
VAL HA     H N N 435 
VAL HB     H N N 436 
VAL HG11   H N N 437 
VAL HG12   H N N 438 
VAL HG13   H N N 439 
VAL HG21   H N N 440 
VAL HG22   H N N 441 
VAL HG23   H N N 442 
VAL HXT    H N N 443 
# 
loop_
_chem_comp_bond.comp_id 
_chem_comp_bond.atom_id_1 
_chem_comp_bond.atom_id_2 
_chem_comp_bond.value_order 
_chem_comp_bond.pdbx_aromatic_flag 
_chem_comp_bond.pdbx_stereo_config 
_chem_comp_bond.pdbx_ordinal 
ALA N     CA     sing N N 1   
ALA N     H      sing N N 2   
ALA N     H2     sing N N 3   
ALA CA    C      sing N N 4   
ALA CA    CB     sing N N 5   
ALA CA    HA     sing N N 6   
ALA C     O      doub N N 7   
ALA C     OXT    sing N N 8   
ALA CB    HB1    sing N N 9   
ALA CB    HB2    sing N N 10  
ALA CB    HB3    sing N N 11  
ALA OXT   HXT    sing N N 12  
ARG N     CA     sing N N 13  
ARG N     H      sing N N 14  
ARG N     H2     sing N N 15  
ARG CA    C      sing N N 16  
ARG CA    CB     sing N N 17  
ARG CA    HA     sing N N 18  
ARG C     O      doub N N 19  
ARG C     OXT    sing N N 20  
ARG CB    CG     sing N N 21  
ARG CB    HB2    sing N N 22  
ARG CB    HB3    sing N N 23  
ARG CG    CD     sing N N 24  
ARG CG    HG2    sing N N 25  
ARG CG    HG3    sing N N 26  
ARG CD    NE     sing N N 27  
ARG CD    HD2    sing N N 28  
ARG CD    HD3    sing N N 29  
ARG NE    CZ     sing N N 30  
ARG NE    HE     sing N N 31  
ARG CZ    NH1    sing N N 32  
ARG CZ    NH2    doub N N 33  
ARG NH1   HH11   sing N N 34  
ARG NH1   HH12   sing N N 35  
ARG NH2   HH21   sing N N 36  
ARG NH2   HH22   sing N N 37  
ARG OXT   HXT    sing N N 38  
ASN N     CA     sing N N 39  
ASN N     H      sing N N 40  
ASN N     H2     sing N N 41  
ASN CA    C      sing N N 42  
ASN CA    CB     sing N N 43  
ASN CA    HA     sing N N 44  
ASN C     O      doub N N 45  
ASN C     OXT    sing N N 46  
ASN CB    CG     sing N N 47  
ASN CB    HB2    sing N N 48  
ASN CB    HB3    sing N N 49  
ASN CG    OD1    doub N N 50  
ASN CG    ND2    sing N N 51  
ASN ND2   HD21   sing N N 52  
ASN ND2   HD22   sing N N 53  
ASN OXT   HXT    sing N N 54  
ASP N     CA     sing N N 55  
ASP N     H      sing N N 56  
ASP N     H2     sing N N 57  
ASP CA    C      sing N N 58  
ASP CA    CB     sing N N 59  
ASP CA    HA     sing N N 60  
ASP C     O      doub N N 61  
ASP C     OXT    sing N N 62  
ASP CB    CG     sing N N 63  
ASP CB    HB2    sing N N 64  
ASP CB    HB3    sing N N 65  
ASP CG    OD1    doub N N 66  
ASP CG    OD2    sing N N 67  
ASP OD2   HD2    sing N N 68  
ASP OXT   HXT    sing N N 69  
CYS N     CA     sing N N 70  
CYS N     H      sing N N 71  
CYS N     H2     sing N N 72  
CYS CA    C      sing N N 73  
CYS CA    CB     sing N N 74  
CYS CA    HA     sing N N 75  
CYS C     O      doub N N 76  
CYS C     OXT    sing N N 77  
CYS CB    SG     sing N N 78  
CYS CB    HB2    sing N N 79  
CYS CB    HB3    sing N N 80  
CYS SG    HG     sing N N 81  
CYS OXT   HXT    sing N N 82  
G3D PB    O1B    doub N N 83  
G3D PB    O2B    sing N N 84  
G3D PB    O3B    sing N N 85  
G3D PB    O3A    sing N N 86  
G3D O2B   HOB2   sing N N 87  
G3D O3B   HOB3   sing N N 88  
G3D PA    O3A    sing N N 89  
G3D PA    O1A    doub N N 90  
G3D PA    O2A    sing N N 91  
G3D PA    "O5'"  sing N N 92  
G3D O2A   HOA2   sing N N 93  
G3D "O5'" "C5'"  sing N N 94  
G3D "C5'" "C4'"  sing N N 95  
G3D "C5'" "H5'1" sing N N 96  
G3D "C5'" "H5'2" sing N N 97  
G3D "C4'" "O4'"  sing N N 98  
G3D "C4'" "C3'"  sing N N 99  
G3D "C4'" "H4'"  sing N N 100 
G3D "O4'" "C1'"  sing N N 101 
G3D "C3'" "O3'"  sing N N 102 
G3D "C3'" "C2'"  sing N N 103 
G3D "C3'" "H3'"  sing N N 104 
G3D "O3'" P1     sing N N 105 
G3D "C2'" "O2'"  sing N N 106 
G3D "C2'" "C1'"  sing N N 107 
G3D "C2'" "H2'"  sing N N 108 
G3D "O2'" "HO2'" sing N N 109 
G3D "C1'" N9     sing N N 110 
G3D "C1'" "H1'"  sing N N 111 
G3D N9    C8     sing Y N 112 
G3D N9    C4     sing Y N 113 
G3D C8    N7     doub Y N 114 
G3D C8    H8     sing N N 115 
G3D N7    C5     sing Y N 116 
G3D C5    C6     sing N N 117 
G3D C5    C4     doub Y N 118 
G3D C6    O6     doub N N 119 
G3D C6    N1     sing N N 120 
G3D N1    C2     sing N N 121 
G3D N1    HN1    sing N N 122 
G3D C2    N2     sing N N 123 
G3D C2    N3     doub N N 124 
G3D N2    HN21   sing N N 125 
G3D N2    HN22   sing N N 126 
G3D N3    C4     sing N N 127 
G3D P1    O4P    sing N N 128 
G3D P1    O5P    sing N N 129 
G3D P1    O6P    doub N N 130 
G3D O4P   HO4P   sing N N 131 
G3D O5P   HO5P   sing N N 132 
GLN N     CA     sing N N 133 
GLN N     H      sing N N 134 
GLN N     H2     sing N N 135 
GLN CA    C      sing N N 136 
GLN CA    CB     sing N N 137 
GLN CA    HA     sing N N 138 
GLN C     O      doub N N 139 
GLN C     OXT    sing N N 140 
GLN CB    CG     sing N N 141 
GLN CB    HB2    sing N N 142 
GLN CB    HB3    sing N N 143 
GLN CG    CD     sing N N 144 
GLN CG    HG2    sing N N 145 
GLN CG    HG3    sing N N 146 
GLN CD    OE1    doub N N 147 
GLN CD    NE2    sing N N 148 
GLN NE2   HE21   sing N N 149 
GLN NE2   HE22   sing N N 150 
GLN OXT   HXT    sing N N 151 
GLU N     CA     sing N N 152 
GLU N     H      sing N N 153 
GLU N     H2     sing N N 154 
GLU CA    C      sing N N 155 
GLU CA    CB     sing N N 156 
GLU CA    HA     sing N N 157 
GLU C     O      doub N N 158 
GLU C     OXT    sing N N 159 
GLU CB    CG     sing N N 160 
GLU CB    HB2    sing N N 161 
GLU CB    HB3    sing N N 162 
GLU CG    CD     sing N N 163 
GLU CG    HG2    sing N N 164 
GLU CG    HG3    sing N N 165 
GLU CD    OE1    doub N N 166 
GLU CD    OE2    sing N N 167 
GLU OE2   HE2    sing N N 168 
GLU OXT   HXT    sing N N 169 
GLY N     CA     sing N N 170 
GLY N     H      sing N N 171 
GLY N     H2     sing N N 172 
GLY CA    C      sing N N 173 
GLY CA    HA2    sing N N 174 
GLY CA    HA3    sing N N 175 
GLY C     O      doub N N 176 
GLY C     OXT    sing N N 177 
GLY OXT   HXT    sing N N 178 
HIS N     CA     sing N N 179 
HIS N     H      sing N N 180 
HIS N     H2     sing N N 181 
HIS CA    C      sing N N 182 
HIS CA    CB     sing N N 183 
HIS CA    HA     sing N N 184 
HIS C     O      doub N N 185 
HIS C     OXT    sing N N 186 
HIS CB    CG     sing N N 187 
HIS CB    HB2    sing N N 188 
HIS CB    HB3    sing N N 189 
HIS CG    ND1    sing Y N 190 
HIS CG    CD2    doub Y N 191 
HIS ND1   CE1    doub Y N 192 
HIS ND1   HD1    sing N N 193 
HIS CD2   NE2    sing Y N 194 
HIS CD2   HD2    sing N N 195 
HIS CE1   NE2    sing Y N 196 
HIS CE1   HE1    sing N N 197 
HIS NE2   HE2    sing N N 198 
HIS OXT   HXT    sing N N 199 
HOH O     H1     sing N N 200 
HOH O     H2     sing N N 201 
ILE N     CA     sing N N 202 
ILE N     H      sing N N 203 
ILE N     H2     sing N N 204 
ILE CA    C      sing N N 205 
ILE CA    CB     sing N N 206 
ILE CA    HA     sing N N 207 
ILE C     O      doub N N 208 
ILE C     OXT    sing N N 209 
ILE CB    CG1    sing N N 210 
ILE CB    CG2    sing N N 211 
ILE CB    HB     sing N N 212 
ILE CG1   CD1    sing N N 213 
ILE CG1   HG12   sing N N 214 
ILE CG1   HG13   sing N N 215 
ILE CG2   HG21   sing N N 216 
ILE CG2   HG22   sing N N 217 
ILE CG2   HG23   sing N N 218 
ILE CD1   HD11   sing N N 219 
ILE CD1   HD12   sing N N 220 
ILE CD1   HD13   sing N N 221 
ILE OXT   HXT    sing N N 222 
LEU N     CA     sing N N 223 
LEU N     H      sing N N 224 
LEU N     H2     sing N N 225 
LEU CA    C      sing N N 226 
LEU CA    CB     sing N N 227 
LEU CA    HA     sing N N 228 
LEU C     O      doub N N 229 
LEU C     OXT    sing N N 230 
LEU CB    CG     sing N N 231 
LEU CB    HB2    sing N N 232 
LEU CB    HB3    sing N N 233 
LEU CG    CD1    sing N N 234 
LEU CG    CD2    sing N N 235 
LEU CG    HG     sing N N 236 
LEU CD1   HD11   sing N N 237 
LEU CD1   HD12   sing N N 238 
LEU CD1   HD13   sing N N 239 
LEU CD2   HD21   sing N N 240 
LEU CD2   HD22   sing N N 241 
LEU CD2   HD23   sing N N 242 
LEU OXT   HXT    sing N N 243 
LYS N     CA     sing N N 244 
LYS N     H      sing N N 245 
LYS N     H2     sing N N 246 
LYS CA    C      sing N N 247 
LYS CA    CB     sing N N 248 
LYS CA    HA     sing N N 249 
LYS C     O      doub N N 250 
LYS C     OXT    sing N N 251 
LYS CB    CG     sing N N 252 
LYS CB    HB2    sing N N 253 
LYS CB    HB3    sing N N 254 
LYS CG    CD     sing N N 255 
LYS CG    HG2    sing N N 256 
LYS CG    HG3    sing N N 257 
LYS CD    CE     sing N N 258 
LYS CD    HD2    sing N N 259 
LYS CD    HD3    sing N N 260 
LYS CE    NZ     sing N N 261 
LYS CE    HE2    sing N N 262 
LYS CE    HE3    sing N N 263 
LYS NZ    HZ1    sing N N 264 
LYS NZ    HZ2    sing N N 265 
LYS NZ    HZ3    sing N N 266 
LYS OXT   HXT    sing N N 267 
MET N     CA     sing N N 268 
MET N     H      sing N N 269 
MET N     H2     sing N N 270 
MET CA    C      sing N N 271 
MET CA    CB     sing N N 272 
MET CA    HA     sing N N 273 
MET C     O      doub N N 274 
MET C     OXT    sing N N 275 
MET CB    CG     sing N N 276 
MET CB    HB2    sing N N 277 
MET CB    HB3    sing N N 278 
MET CG    SD     sing N N 279 
MET CG    HG2    sing N N 280 
MET CG    HG3    sing N N 281 
MET SD    CE     sing N N 282 
MET CE    HE1    sing N N 283 
MET CE    HE2    sing N N 284 
MET CE    HE3    sing N N 285 
MET OXT   HXT    sing N N 286 
PHE N     CA     sing N N 287 
PHE N     H      sing N N 288 
PHE N     H2     sing N N 289 
PHE CA    C      sing N N 290 
PHE CA    CB     sing N N 291 
PHE CA    HA     sing N N 292 
PHE C     O      doub N N 293 
PHE C     OXT    sing N N 294 
PHE CB    CG     sing N N 295 
PHE CB    HB2    sing N N 296 
PHE CB    HB3    sing N N 297 
PHE CG    CD1    doub Y N 298 
PHE CG    CD2    sing Y N 299 
PHE CD1   CE1    sing Y N 300 
PHE CD1   HD1    sing N N 301 
PHE CD2   CE2    doub Y N 302 
PHE CD2   HD2    sing N N 303 
PHE CE1   CZ     doub Y N 304 
PHE CE1   HE1    sing N N 305 
PHE CE2   CZ     sing Y N 306 
PHE CE2   HE2    sing N N 307 
PHE CZ    HZ     sing N N 308 
PHE OXT   HXT    sing N N 309 
PRO N     CA     sing N N 310 
PRO N     CD     sing N N 311 
PRO N     H      sing N N 312 
PRO CA    C      sing N N 313 
PRO CA    CB     sing N N 314 
PRO CA    HA     sing N N 315 
PRO C     O      doub N N 316 
PRO C     OXT    sing N N 317 
PRO CB    CG     sing N N 318 
PRO CB    HB2    sing N N 319 
PRO CB    HB3    sing N N 320 
PRO CG    CD     sing N N 321 
PRO CG    HG2    sing N N 322 
PRO CG    HG3    sing N N 323 
PRO CD    HD2    sing N N 324 
PRO CD    HD3    sing N N 325 
PRO OXT   HXT    sing N N 326 
SER N     CA     sing N N 327 
SER N     H      sing N N 328 
SER N     H2     sing N N 329 
SER CA    C      sing N N 330 
SER CA    CB     sing N N 331 
SER CA    HA     sing N N 332 
SER C     O      doub N N 333 
SER C     OXT    sing N N 334 
SER CB    OG     sing N N 335 
SER CB    HB2    sing N N 336 
SER CB    HB3    sing N N 337 
SER OG    HG     sing N N 338 
SER OXT   HXT    sing N N 339 
SO4 S     O1     doub N N 340 
SO4 S     O2     doub N N 341 
SO4 S     O3     sing N N 342 
SO4 S     O4     sing N N 343 
THR N     CA     sing N N 344 
THR N     H      sing N N 345 
THR N     H2     sing N N 346 
THR CA    C      sing N N 347 
THR CA    CB     sing N N 348 
THR CA    HA     sing N N 349 
THR C     O      doub N N 350 
THR C     OXT    sing N N 351 
THR CB    OG1    sing N N 352 
THR CB    CG2    sing N N 353 
THR CB    HB     sing N N 354 
THR OG1   HG1    sing N N 355 
THR CG2   HG21   sing N N 356 
THR CG2   HG22   sing N N 357 
THR CG2   HG23   sing N N 358 
THR OXT   HXT    sing N N 359 
TRP N     CA     sing N N 360 
TRP N     H      sing N N 361 
TRP N     H2     sing N N 362 
TRP CA    C      sing N N 363 
TRP CA    CB     sing N N 364 
TRP CA    HA     sing N N 365 
TRP C     O      doub N N 366 
TRP C     OXT    sing N N 367 
TRP CB    CG     sing N N 368 
TRP CB    HB2    sing N N 369 
TRP CB    HB3    sing N N 370 
TRP CG    CD1    doub Y N 371 
TRP CG    CD2    sing Y N 372 
TRP CD1   NE1    sing Y N 373 
TRP CD1   HD1    sing N N 374 
TRP CD2   CE2    doub Y N 375 
TRP CD2   CE3    sing Y N 376 
TRP NE1   CE2    sing Y N 377 
TRP NE1   HE1    sing N N 378 
TRP CE2   CZ2    sing Y N 379 
TRP CE3   CZ3    doub Y N 380 
TRP CE3   HE3    sing N N 381 
TRP CZ2   CH2    doub Y N 382 
TRP CZ2   HZ2    sing N N 383 
TRP CZ3   CH2    sing Y N 384 
TRP CZ3   HZ3    sing N N 385 
TRP CH2   HH2    sing N N 386 
TRP OXT   HXT    sing N N 387 
TYR N     CA     sing N N 388 
TYR N     H      sing N N 389 
TYR N     H2     sing N N 390 
TYR CA    C      sing N N 391 
TYR CA    CB     sing N N 392 
TYR CA    HA     sing N N 393 
TYR C     O      doub N N 394 
TYR C     OXT    sing N N 395 
TYR CB    CG     sing N N 396 
TYR CB    HB2    sing N N 397 
TYR CB    HB3    sing N N 398 
TYR CG    CD1    doub Y N 399 
TYR CG    CD2    sing Y N 400 
TYR CD1   CE1    sing Y N 401 
TYR CD1   HD1    sing N N 402 
TYR CD2   CE2    doub Y N 403 
TYR CD2   HD2    sing N N 404 
TYR CE1   CZ     doub Y N 405 
TYR CE1   HE1    sing N N 406 
TYR CE2   CZ     sing Y N 407 
TYR CE2   HE2    sing N N 408 
TYR CZ    OH     sing N N 409 
TYR OH    HH     sing N N 410 
TYR OXT   HXT    sing N N 411 
VAL N     CA     sing N N 412 
VAL N     H      sing N N 413 
VAL N     H2     sing N N 414 
VAL CA    C      sing N N 415 
VAL CA    CB     sing N N 416 
VAL CA    HA     sing N N 417 
VAL C     O      doub N N 418 
VAL C     OXT    sing N N 419 
VAL CB    CG1    sing N N 420 
VAL CB    CG2    sing N N 421 
VAL CB    HB     sing N N 422 
VAL CG1   HG11   sing N N 423 
VAL CG1   HG12   sing N N 424 
VAL CG1   HG13   sing N N 425 
VAL CG2   HG21   sing N N 426 
VAL CG2   HG22   sing N N 427 
VAL CG2   HG23   sing N N 428 
VAL OXT   HXT    sing N N 429 
# 
_atom_sites.entry_id                    1ZJ6 
_atom_sites.fract_transf_matrix[1][1]   -0.01060779 
_atom_sites.fract_transf_matrix[1][2]   0.00642137 
_atom_sites.fract_transf_matrix[1][3]   0.00398314 
_atom_sites.fract_transf_matrix[2][1]   0.00711855 
_atom_sites.fract_transf_matrix[2][2]   0.00827840 
_atom_sites.fract_transf_matrix[2][3]   0.00561199 
_atom_sites.fract_transf_matrix[3][1]   0.00022640 
_atom_sites.fract_transf_matrix[3][2]   0.00649672 
_atom_sites.fract_transf_matrix[3][3]   -0.00987067 
_atom_sites.fract_transf_vector[1]      0.047975 
_atom_sites.fract_transf_vector[2]      0.435189 
_atom_sites.fract_transf_vector[3]      0.481458 
# 
loop_
_atom_type.symbol 
C 
N 
O 
P 
S 
# 
loop_
_atom_site.group_PDB 
_atom_site.id 
_atom_site.type_symbol 
_atom_site.label_atom_id 
_atom_site.label_alt_id 
_atom_site.label_comp_id 
_atom_site.label_asym_id 
_atom_site.label_entity_id 
_atom_site.label_seq_id 
_atom_site.pdbx_PDB_ins_code 
_atom_site.Cartn_x 
_atom_site.Cartn_y 
_atom_site.Cartn_z 
_atom_site.occupancy 
_atom_site.B_iso_or_equiv 
_atom_site.pdbx_formal_charge 
_atom_site.auth_seq_id 
_atom_site.auth_comp_id 
_atom_site.auth_asym_id 
_atom_site.auth_atom_id 
_atom_site.pdbx_PDB_model_num 
ATOM   1    N N     . GLY A 1 2   ? -16.646 2.106   -6.585  1.00 22.00  ? 2   GLY A N     1 
ATOM   2    C CA    . GLY A 1 2   ? -17.842 2.737   -7.212  1.00 22.88  ? 2   GLY A CA    1 
ATOM   3    C C     . GLY A 1 2   ? -17.437 3.792   -8.221  1.00 24.49  ? 2   GLY A C     1 
ATOM   4    O O     . GLY A 1 2   ? -16.255 4.007   -8.469  1.00 24.09  ? 2   GLY A O     1 
ATOM   5    N N     . ILE A 1 3   ? -18.429 4.469   -8.799  1.00 24.78  ? 3   ILE A N     1 
ATOM   6    C CA    . ILE A 1 3   ? -18.175 5.496   -9.796  1.00 24.41  ? 3   ILE A CA    1 
ATOM   7    C C     . ILE A 1 3   ? -17.350 6.673   -9.267  1.00 23.00  ? 3   ILE A C     1 
ATOM   8    O O     . ILE A 1 3   ? -16.586 7.279   -10.014 1.00 22.72  ? 3   ILE A O     1 
ATOM   9    C CB    . ILE A 1 3   ? -19.510 6.020   -10.388 1.00 26.98  ? 3   ILE A CB    1 
ATOM   10   C CG1   . ILE A 1 3   ? -19.231 7.062   -11.474 1.00 31.52  ? 3   ILE A CG1   1 
ATOM   11   C CG2   . ILE A 1 3   ? -20.384 6.591   -9.282  1.00 28.62  ? 3   ILE A CG2   1 
ATOM   12   C CD1   . ILE A 1 3   ? -18.447 6.524   -12.667 1.00 33.23  ? 3   ILE A CD1   1 
ATOM   13   N N     . LEU A 1 4   ? -17.487 7.002   -7.983  1.00 22.19  ? 4   LEU A N     1 
ATOM   14   C CA    . LEU A 1 4   ? -16.711 8.106   -7.430  1.00 20.11  ? 4   LEU A CA    1 
ATOM   15   C C     . LEU A 1 4   ? -15.224 7.738   -7.431  1.00 21.21  ? 4   LEU A C     1 
ATOM   16   O O     . LEU A 1 4   ? -14.378 8.554   -7.806  1.00 21.83  ? 4   LEU A O     1 
ATOM   17   C CB    . LEU A 1 4   ? -17.178 8.452   -6.004  1.00 21.40  ? 4   LEU A CB    1 
ATOM   18   C CG    . LEU A 1 4   ? -16.409 9.598   -5.332  1.00 22.28  ? 4   LEU A CG    1 
ATOM   19   C CD1   . LEU A 1 4   ? -16.372 10.791  -6.273  1.00 25.14  ? 4   LEU A CD1   1 
ATOM   20   C CD2   . LEU A 1 4   ? -17.061 9.983   -4.004  1.00 22.44  ? 4   LEU A CD2   1 
ATOM   21   N N     . PHE A 1 5   ? -14.902 6.514   -7.022  1.00 20.40  ? 5   PHE A N     1 
ATOM   22   C CA    . PHE A 1 5   ? -13.507 6.071   -7.020  1.00 20.20  ? 5   PHE A CA    1 
ATOM   23   C C     . PHE A 1 5   ? -12.927 6.179   -8.431  1.00 21.50  ? 5   PHE A C     1 
ATOM   24   O O     . PHE A 1 5   ? -11.787 6.597   -8.617  1.00 20.80  ? 5   PHE A O     1 
ATOM   25   C CB    . PHE A 1 5   ? -13.405 4.619   -6.547  1.00 20.10  ? 5   PHE A CB    1 
ATOM   26   C CG    . PHE A 1 5   ? -12.002 4.077   -6.559  1.00 21.25  ? 5   PHE A CG    1 
ATOM   27   C CD1   . PHE A 1 5   ? -11.213 4.127   -5.415  1.00 19.57  ? 5   PHE A CD1   1 
ATOM   28   C CD2   . PHE A 1 5   ? -11.461 3.535   -7.725  1.00 19.94  ? 5   PHE A CD2   1 
ATOM   29   C CE1   . PHE A 1 5   ? -9.906  3.648   -5.425  1.00 20.22  ? 5   PHE A CE1   1 
ATOM   30   C CE2   . PHE A 1 5   ? -10.144 3.047   -7.747  1.00 21.02  ? 5   PHE A CE2   1 
ATOM   31   C CZ    . PHE A 1 5   ? -9.369  3.105   -6.592  1.00 18.78  ? 5   PHE A CZ    1 
ATOM   32   N N     . THR A 1 6   ? -13.718 5.795   -9.433  1.00 21.66  ? 6   THR A N     1 
ATOM   33   C CA    . THR A 1 6   ? -13.270 5.848   -10.819 1.00 24.01  ? 6   THR A CA    1 
ATOM   34   C C     . THR A 1 6   ? -12.923 7.272   -11.256 1.00 24.49  ? 6   THR A C     1 
ATOM   35   O O     . THR A 1 6   ? -11.917 7.490   -11.936 1.00 25.60  ? 6   THR A O     1 
ATOM   36   C CB    . THR A 1 6   ? -14.342 5.284   -11.761 1.00 25.15  ? 6   THR A CB    1 
ATOM   37   O OG1   . THR A 1 6   ? -14.532 3.893   -11.473 1.00 26.77  ? 6   THR A OG1   1 
ATOM   38   C CG2   . THR A 1 6   ? -13.925 5.455   -13.217 1.00 25.76  ? 6   THR A CG2   1 
ATOM   39   N N     . ARG A 1 7   ? -13.755 8.235   -10.878 1.00 25.00  ? 7   ARG A N     1 
ATOM   40   C CA    . ARG A 1 7   ? -13.506 9.627   -11.234 1.00 26.63  ? 7   ARG A CA    1 
ATOM   41   C C     . ARG A 1 7   ? -12.175 10.084  -10.658 1.00 25.44  ? 7   ARG A C     1 
ATOM   42   O O     . ARG A 1 7   ? -11.335 10.634  -11.361 1.00 26.58  ? 7   ARG A O     1 
ATOM   43   C CB    . ARG A 1 7   ? -14.624 10.527  -10.699 1.00 28.68  ? 7   ARG A CB    1 
ATOM   44   C CG    . ARG A 1 7   ? -15.971 10.311  -11.357 1.00 31.77  ? 7   ARG A CG    1 
ATOM   45   C CD    . ARG A 1 7   ? -16.042 10.943  -12.737 1.00 36.53  ? 7   ARG A CD    1 
ATOM   46   N NE    . ARG A 1 7   ? -17.393 10.843  -13.281 1.00 38.95  ? 7   ARG A NE    1 
ATOM   47   C CZ    . ARG A 1 7   ? -17.768 9.977   -14.215 1.00 41.64  ? 7   ARG A CZ    1 
ATOM   48   N NH1   . ARG A 1 7   ? -16.883 9.139   -14.741 1.00 41.93  ? 7   ARG A NH1   1 
ATOM   49   N NH2   . ARG A 1 7   ? -19.032 9.943   -14.617 1.00 41.06  ? 7   ARG A NH2   1 
ATOM   50   N N     . ILE A 1 8   ? -11.979 9.836   -9.367  1.00 24.48  ? 8   ILE A N     1 
ATOM   51   C CA    . ILE A 1 8   ? -10.750 10.232  -8.694  1.00 24.95  ? 8   ILE A CA    1 
ATOM   52   C C     . ILE A 1 8   ? -9.533  9.451   -9.176  1.00 24.29  ? 8   ILE A C     1 
ATOM   53   O O     . ILE A 1 8   ? -8.448  10.015  -9.342  1.00 22.84  ? 8   ILE A O     1 
ATOM   54   C CB    . ILE A 1 8   ? -10.907 10.081  -7.164  1.00 27.77  ? 8   ILE A CB    1 
ATOM   55   C CG1   . ILE A 1 8   ? -11.868 11.153  -6.647  1.00 31.84  ? 8   ILE A CG1   1 
ATOM   56   C CG2   . ILE A 1 8   ? -9.554  10.218  -6.475  1.00 30.33  ? 8   ILE A CG2   1 
ATOM   57   C CD1   . ILE A 1 8   ? -12.432 10.868  -5.268  1.00 36.91  ? 8   ILE A CD1   1 
ATOM   58   N N     . TRP A 1 9   ? -9.709  8.153   -9.414  1.00 21.50  ? 9   TRP A N     1 
ATOM   59   C CA    . TRP A 1 9   ? -8.609  7.315   -9.882  1.00 22.24  ? 9   TRP A CA    1 
ATOM   60   C C     . TRP A 1 9   ? -8.123  7.769   -11.263 1.00 22.09  ? 9   TRP A C     1 
ATOM   61   O O     . TRP A 1 9   ? -6.919  7.865   -11.511 1.00 20.43  ? 9   TRP A O     1 
ATOM   62   C CB    . TRP A 1 9   ? -9.055  5.852   -9.938  1.00 22.00  ? 9   TRP A CB    1 
ATOM   63   C CG    . TRP A 1 9   ? -8.053  4.907   -10.550 1.00 25.23  ? 9   TRP A CG    1 
ATOM   64   C CD1   . TRP A 1 9   ? -8.211  4.180   -11.700 1.00 28.83  ? 9   TRP A CD1   1 
ATOM   65   C CD2   . TRP A 1 9   ? -6.760  4.567   -10.039 1.00 25.25  ? 9   TRP A CD2   1 
ATOM   66   N NE1   . TRP A 1 9   ? -7.102  3.400   -11.923 1.00 29.55  ? 9   TRP A NE1   1 
ATOM   67   C CE2   . TRP A 1 9   ? -6.200  3.612   -10.915 1.00 26.98  ? 9   TRP A CE2   1 
ATOM   68   C CE3   . TRP A 1 9   ? -6.031  4.956   -8.906  1.00 25.28  ? 9   TRP A CE3   1 
ATOM   69   C CZ2   . TRP A 1 9   ? -4.928  3.063   -10.715 1.00 26.28  ? 9   TRP A CZ2   1 
ATOM   70   C CZ3   . TRP A 1 9   ? -4.766  4.413   -8.708  1.00 27.40  ? 9   TRP A CZ3   1 
ATOM   71   C CH2   . TRP A 1 9   ? -4.233  3.463   -9.600  1.00 26.88  ? 9   TRP A CH2   1 
ATOM   72   N N     . ARG A 1 10  ? -9.060  8.042   -12.160 1.00 23.99  ? 10  ARG A N     1 
ATOM   73   C CA    . ARG A 1 10  ? -8.685  8.477   -13.494 1.00 24.60  ? 10  ARG A CA    1 
ATOM   74   C C     . ARG A 1 10  ? -7.992  9.832   -13.458 1.00 25.71  ? 10  ARG A C     1 
ATOM   75   O O     . ARG A 1 10  ? -7.039  10.066  -14.198 1.00 24.32  ? 10  ARG A O     1 
ATOM   76   C CB    . ARG A 1 10  ? -9.912  8.483   -14.396 1.00 25.88  ? 10  ARG A CB    1 
ATOM   77   C CG    . ARG A 1 10  ? -10.337 7.066   -14.713 1.00 29.99  ? 10  ARG A CG    1 
ATOM   78   C CD    . ARG A 1 10  ? -11.528 6.976   -15.623 1.00 32.15  ? 10  ARG A CD    1 
ATOM   79   N NE    . ARG A 1 10  ? -11.775 5.585   -15.983 1.00 34.10  ? 10  ARG A NE    1 
ATOM   80   C CZ    . ARG A 1 10  ? -12.862 5.161   -16.623 1.00 36.52  ? 10  ARG A CZ    1 
ATOM   81   N NH1   . ARG A 1 10  ? -13.810 6.024   -16.966 1.00 35.11  ? 10  ARG A NH1   1 
ATOM   82   N NH2   . ARG A 1 10  ? -13.002 3.872   -16.907 1.00 37.45  ? 10  ARG A NH2   1 
ATOM   83   N N     . LEU A 1 11  ? -8.462  10.716  -12.587 1.00 25.64  ? 11  LEU A N     1 
ATOM   84   C CA    . LEU A 1 11  ? -7.838  12.027  -12.458 1.00 26.71  ? 11  LEU A CA    1 
ATOM   85   C C     . LEU A 1 11  ? -6.378  11.795  -12.071 1.00 24.97  ? 11  LEU A C     1 
ATOM   86   O O     . LEU A 1 11  ? -5.467  12.335  -12.693 1.00 24.27  ? 11  LEU A O     1 
ATOM   87   C CB    . LEU A 1 11  ? -8.542  12.847  -11.373 1.00 29.64  ? 11  LEU A CB    1 
ATOM   88   C CG    . LEU A 1 11  ? -8.006  14.259  -11.122 1.00 33.74  ? 11  LEU A CG    1 
ATOM   89   C CD1   . LEU A 1 11  ? -8.004  15.053  -12.429 1.00 34.59  ? 11  LEU A CD1   1 
ATOM   90   C CD2   . LEU A 1 11  ? -8.866  14.951  -10.074 1.00 34.67  ? 11  LEU A CD2   1 
ATOM   91   N N     . PHE A 1 12  ? -6.170  10.968  -11.042 1.00 24.02  ? 12  PHE A N     1 
ATOM   92   C CA    . PHE A 1 12  ? -4.841  10.623  -10.537 1.00 23.43  ? 12  PHE A CA    1 
ATOM   93   C C     . PHE A 1 12  ? -3.944  10.092  -11.655 1.00 23.87  ? 12  PHE A C     1 
ATOM   94   O O     . PHE A 1 12  ? -2.747  10.379  -11.710 1.00 24.90  ? 12  PHE A O     1 
ATOM   95   C CB    . PHE A 1 12  ? -4.977  9.543   -9.451  1.00 23.71  ? 12  PHE A CB    1 
ATOM   96   C CG    . PHE A 1 12  ? -3.676  9.154   -8.785  1.00 24.52  ? 12  PHE A CG    1 
ATOM   97   C CD1   . PHE A 1 12  ? -2.996  10.053  -7.970  1.00 27.38  ? 12  PHE A CD1   1 
ATOM   98   C CD2   . PHE A 1 12  ? -3.155  7.870   -8.934  1.00 26.69  ? 12  PHE A CD2   1 
ATOM   99   C CE1   . PHE A 1 12  ? -1.821  9.684   -7.309  1.00 27.99  ? 12  PHE A CE1   1 
ATOM   100  C CE2   . PHE A 1 12  ? -1.980  7.487   -8.278  1.00 27.01  ? 12  PHE A CE2   1 
ATOM   101  C CZ    . PHE A 1 12  ? -1.312  8.398   -7.463  1.00 27.77  ? 12  PHE A CZ    1 
ATOM   102  N N     . ASN A 1 13  ? -4.530  9.308   -12.553 1.00 24.31  ? 13  ASN A N     1 
ATOM   103  C CA    . ASN A 1 13  ? -3.768  8.727   -13.643 1.00 25.30  ? 13  ASN A CA    1 
ATOM   104  C C     . ASN A 1 13  ? -3.540  9.598   -14.871 1.00 26.84  ? 13  ASN A C     1 
ATOM   105  O O     . ASN A 1 13  ? -3.195  9.092   -15.940 1.00 24.68  ? 13  ASN A O     1 
ATOM   106  C CB    . ASN A 1 13  ? -4.395  7.385   -14.030 1.00 23.89  ? 13  ASN A CB    1 
ATOM   107  C CG    . ASN A 1 13  ? -3.972  6.267   -13.085 1.00 26.10  ? 13  ASN A CG    1 
ATOM   108  O OD1   . ASN A 1 13  ? -2.892  5.695   -13.231 1.00 25.03  ? 13  ASN A OD1   1 
ATOM   109  N ND2   . ASN A 1 13  ? -4.814  5.975   -12.102 1.00 22.17  ? 13  ASN A ND2   1 
ATOM   110  N N     . HIS A 1 14  ? -3.731  10.907  -14.720 1.00 28.68  ? 14  HIS A N     1 
ATOM   111  C CA    . HIS A 1 14  ? -3.466  11.814  -15.827 1.00 32.55  ? 14  HIS A CA    1 
ATOM   112  C C     . HIS A 1 14  ? -1.939  11.906  -15.887 1.00 34.20  ? 14  HIS A C     1 
ATOM   113  O O     . HIS A 1 14  ? -1.365  12.309  -16.893 1.00 34.65  ? 14  HIS A O     1 
ATOM   114  C CB    . HIS A 1 14  ? -4.096  13.191  -15.578 1.00 33.07  ? 14  HIS A CB    1 
ATOM   115  C CG    . HIS A 1 14  ? -5.557  13.252  -15.904 1.00 34.06  ? 14  HIS A CG    1 
ATOM   116  N ND1   . HIS A 1 14  ? -6.315  14.388  -15.724 1.00 35.47  ? 14  HIS A ND1   1 
ATOM   117  C CD2   . HIS A 1 14  ? -6.398  12.317  -16.408 1.00 34.08  ? 14  HIS A CD2   1 
ATOM   118  C CE1   . HIS A 1 14  ? -7.560  14.153  -16.104 1.00 35.15  ? 14  HIS A CE1   1 
ATOM   119  N NE2   . HIS A 1 14  ? -7.637  12.902  -16.522 1.00 34.40  ? 14  HIS A NE2   1 
ATOM   120  N N     . GLN A 1 15  ? -1.298  11.507  -14.790 1.00 33.94  ? 15  GLN A N     1 
ATOM   121  C CA    . GLN A 1 15  ? 0.161   11.478  -14.683 1.00 34.36  ? 15  GLN A CA    1 
ATOM   122  C C     . GLN A 1 15  ? 0.558   10.017  -14.453 1.00 33.65  ? 15  GLN A C     1 
ATOM   123  O O     . GLN A 1 15  ? -0.275  9.213   -14.030 1.00 29.95  ? 15  GLN A O     1 
ATOM   124  C CB    . GLN A 1 15  ? 0.658   12.298  -13.486 1.00 36.73  ? 15  GLN A CB    1 
ATOM   125  C CG    . GLN A 1 15  ? 0.499   13.811  -13.584 1.00 43.05  ? 15  GLN A CG    1 
ATOM   126  C CD    . GLN A 1 15  ? -0.922  14.271  -13.347 1.00 45.46  ? 15  GLN A CD    1 
ATOM   127  O OE1   . GLN A 1 15  ? -1.626  13.721  -12.504 1.00 48.70  ? 15  GLN A OE1   1 
ATOM   128  N NE2   . GLN A 1 15  ? -1.346  15.296  -14.075 1.00 46.80  ? 15  GLN A NE2   1 
ATOM   129  N N     . GLU A 1 16  ? 1.813   9.680   -14.726 1.00 30.93  ? 16  GLU A N     1 
ATOM   130  C CA    . GLU A 1 16  ? 2.301   8.317   -14.511 1.00 31.68  ? 16  GLU A CA    1 
ATOM   131  C C     . GLU A 1 16  ? 2.746   8.209   -13.056 1.00 29.26  ? 16  GLU A C     1 
ATOM   132  O O     . GLU A 1 16  ? 3.219   9.184   -12.476 1.00 28.98  ? 16  GLU A O     1 
ATOM   133  C CB    . GLU A 1 16  ? 3.506   8.009   -15.406 1.00 35.96  ? 16  GLU A CB    1 
ATOM   134  C CG    . GLU A 1 16  ? 3.266   8.186   -16.890 1.00 45.92  ? 16  GLU A CG    1 
ATOM   135  C CD    . GLU A 1 16  ? 4.467   7.772   -17.716 1.00 51.00  ? 16  GLU A CD    1 
ATOM   136  O OE1   . GLU A 1 16  ? 5.609   7.996   -17.262 1.00 53.30  ? 16  GLU A OE1   1 
ATOM   137  O OE2   . GLU A 1 16  ? 4.271   7.236   -18.825 1.00 54.55  ? 16  GLU A OE2   1 
ATOM   138  N N     . HIS A 1 17  ? 2.608   7.026   -12.473 1.00 26.47  ? 17  HIS A N     1 
ATOM   139  C CA    . HIS A 1 17  ? 3.000   6.824   -11.086 1.00 24.21  ? 17  HIS A CA    1 
ATOM   140  C C     . HIS A 1 17  ? 3.658   5.470   -10.890 1.00 24.50  ? 17  HIS A C     1 
ATOM   141  O O     . HIS A 1 17  ? 3.469   4.546   -11.681 1.00 24.00  ? 17  HIS A O     1 
ATOM   142  C CB    . HIS A 1 17  ? 1.775   6.912   -10.167 1.00 23.70  ? 17  HIS A CB    1 
ATOM   143  C CG    . HIS A 1 17  ? 1.027   8.205   -10.269 1.00 23.82  ? 17  HIS A CG    1 
ATOM   144  N ND1   . HIS A 1 17  ? 1.485   9.375   -9.698  1.00 26.04  ? 17  HIS A ND1   1 
ATOM   145  C CD2   . HIS A 1 17  ? -0.121  8.525   -10.910 1.00 26.56  ? 17  HIS A CD2   1 
ATOM   146  C CE1   . HIS A 1 17  ? 0.649   10.358  -9.985  1.00 27.03  ? 17  HIS A CE1   1 
ATOM   147  N NE2   . HIS A 1 17  ? -0.332  9.868   -10.719 1.00 27.74  ? 17  HIS A NE2   1 
ATOM   148  N N     . LYS A 1 18  ? 4.448   5.373   -9.825  1.00 24.78  ? 18  LYS A N     1 
ATOM   149  C CA    . LYS A 1 18  ? 5.112   4.136   -9.460  1.00 25.75  ? 18  LYS A CA    1 
ATOM   150  C C     . LYS A 1 18  ? 4.782   3.940   -7.989  1.00 25.92  ? 18  LYS A C     1 
ATOM   151  O O     . LYS A 1 18  ? 5.104   4.785   -7.149  1.00 25.35  ? 18  LYS A O     1 
ATOM   152  C CB    . LYS A 1 18  ? 6.627   4.230   -9.639  1.00 27.81  ? 18  LYS A CB    1 
ATOM   153  C CG    . LYS A 1 18  ? 7.330   2.910   -9.354  1.00 27.68  ? 18  LYS A CG    1 
ATOM   154  C CD    . LYS A 1 18  ? 8.827   3.008   -9.540  1.00 29.94  ? 18  LYS A CD    1 
ATOM   155  C CE    . LYS A 1 18  ? 9.483   1.656   -9.376  1.00 30.58  ? 18  LYS A CE    1 
ATOM   156  N NZ    . LYS A 1 18  ? 10.943  1.735   -9.637  1.00 32.73  ? 18  LYS A NZ    1 
ATOM   157  N N     . VAL A 1 19  ? 4.127   2.827   -7.687  1.00 25.33  ? 19  VAL A N     1 
ATOM   158  C CA    . VAL A 1 19  ? 3.714   2.513   -6.332  1.00 24.91  ? 19  VAL A CA    1 
ATOM   159  C C     . VAL A 1 19  ? 4.133   1.109   -5.932  1.00 24.44  ? 19  VAL A C     1 
ATOM   160  O O     . VAL A 1 19  ? 4.026   0.169   -6.711  1.00 25.16  ? 19  VAL A O     1 
ATOM   161  C CB    . VAL A 1 19  ? 2.174   2.605   -6.194  1.00 25.51  ? 19  VAL A CB    1 
ATOM   162  C CG1   . VAL A 1 19  ? 1.745   2.218   -4.783  1.00 24.79  ? 19  VAL A CG1   1 
ATOM   163  C CG2   . VAL A 1 19  ? 1.705   4.008   -6.536  1.00 25.18  ? 19  VAL A CG2   1 
ATOM   164  N N     . ILE A 1 20  ? 4.622   0.979   -4.707  1.00 23.86  ? 20  ILE A N     1 
ATOM   165  C CA    . ILE A 1 20  ? 5.015   -0.315  -4.174  1.00 23.02  ? 20  ILE A CA    1 
ATOM   166  C C     . ILE A 1 20  ? 3.915   -0.682  -3.188  1.00 22.97  ? 20  ILE A C     1 
ATOM   167  O O     . ILE A 1 20  ? 3.508   0.147   -2.371  1.00 21.01  ? 20  ILE A O     1 
ATOM   168  C CB    . ILE A 1 20  ? 6.368   -0.237  -3.418  1.00 25.14  ? 20  ILE A CB    1 
ATOM   169  C CG1   . ILE A 1 20  ? 7.530   -0.237  -4.415  1.00 24.67  ? 20  ILE A CG1   1 
ATOM   170  C CG2   . ILE A 1 20  ? 6.504   -1.411  -2.455  1.00 27.15  ? 20  ILE A CG2   1 
ATOM   171  C CD1   . ILE A 1 20  ? 8.897   -0.095  -3.764  1.00 25.58  ? 20  ILE A CD1   1 
ATOM   172  N N     . ILE A 1 21  ? 3.392   -1.897  -3.292  1.00 21.96  ? 21  ILE A N     1 
ATOM   173  C CA    . ILE A 1 21  ? 2.361   -2.334  -2.363  1.00 21.85  ? 21  ILE A CA    1 
ATOM   174  C C     . ILE A 1 21  ? 2.836   -3.628  -1.725  1.00 22.95  ? 21  ILE A C     1 
ATOM   175  O O     . ILE A 1 21  ? 3.034   -4.648  -2.400  1.00 21.89  ? 21  ILE A O     1 
ATOM   176  C CB    . ILE A 1 21  ? 0.977   -2.515  -3.063  1.00 23.20  ? 21  ILE A CB    1 
ATOM   177  C CG1   . ILE A 1 21  ? -0.038  -3.080  -2.062  1.00 22.65  ? 21  ILE A CG1   1 
ATOM   178  C CG2   . ILE A 1 21  ? 1.109   -3.398  -4.286  1.00 25.06  ? 21  ILE A CG2   1 
ATOM   179  C CD1   . ILE A 1 21  ? -1.487  -3.036  -2.543  1.00 24.05  ? 21  ILE A CD1   1 
ATOM   180  N N     . VAL A 1 22  ? 3.065   -3.565  -0.414  1.00 22.19  ? 22  VAL A N     1 
ATOM   181  C CA    . VAL A 1 22  ? 3.549   -4.708  0.338   1.00 22.18  ? 22  VAL A CA    1 
ATOM   182  C C     . VAL A 1 22  ? 2.709   -5.000  1.575   1.00 22.38  ? 22  VAL A C     1 
ATOM   183  O O     . VAL A 1 22  ? 1.866   -4.197  1.984   1.00 21.93  ? 22  VAL A O     1 
ATOM   184  C CB    . VAL A 1 22  ? 5.014   -4.496  0.776   1.00 23.19  ? 22  VAL A CB    1 
ATOM   185  C CG1   . VAL A 1 22  ? 5.924   -4.436  -0.444  1.00 20.96  ? 22  VAL A CG1   1 
ATOM   186  C CG2   . VAL A 1 22  ? 5.134   -3.210  1.591   1.00 21.28  ? 22  VAL A CG2   1 
ATOM   187  N N     . GLY A 1 23  ? 2.965   -6.166  2.166   1.00 23.52  ? 23  GLY A N     1 
ATOM   188  C CA    . GLY A 1 23  ? 2.254   -6.597  3.347   1.00 21.63  ? 23  GLY A CA    1 
ATOM   189  C C     . GLY A 1 23  ? 2.468   -8.088  3.475   1.00 24.11  ? 23  GLY A C     1 
ATOM   190  O O     . GLY A 1 23  ? 2.962   -8.728  2.543   1.00 22.80  ? 23  GLY A O     1 
ATOM   191  N N     . LEU A 1 24  ? 2.120   -8.653  4.625   1.00 22.25  ? 24  LEU A N     1 
ATOM   192  C CA    . LEU A 1 24  ? 2.288   -10.079 4.822   1.00 23.40  ? 24  LEU A CA    1 
ATOM   193  C C     . LEU A 1 24  ? 1.302   -10.806 3.920   1.00 25.70  ? 24  LEU A C     1 
ATOM   194  O O     . LEU A 1 24  ? 0.332   -10.214 3.428   1.00 22.09  ? 24  LEU A O     1 
ATOM   195  C CB    . LEU A 1 24  ? 2.007   -10.466 6.278   1.00 24.61  ? 24  LEU A CB    1 
ATOM   196  C CG    . LEU A 1 24  ? 2.790   -9.741  7.373   1.00 25.94  ? 24  LEU A CG    1 
ATOM   197  C CD1   . LEU A 1 24  ? 2.295   -10.215 8.737   1.00 27.38  ? 24  LEU A CD1   1 
ATOM   198  C CD2   . LEU A 1 24  ? 4.275   -9.994  7.215   1.00 26.45  ? 24  LEU A CD2   1 
ATOM   199  N N     . ASP A 1 25  ? 1.563   -12.085 3.701   1.00 24.93  ? 25  ASP A N     1 
ATOM   200  C CA    . ASP A 1 25  ? 0.706   -12.921 2.877   1.00 25.10  ? 25  ASP A CA    1 
ATOM   201  C C     . ASP A 1 25  ? -0.690  -12.910 3.491   1.00 25.16  ? 25  ASP A C     1 
ATOM   202  O O     . ASP A 1 25  ? -0.845  -12.985 4.713   1.00 23.20  ? 25  ASP A O     1 
ATOM   203  C CB    . ASP A 1 25  ? 1.292   -14.341 2.839   1.00 27.69  ? 25  ASP A CB    1 
ATOM   204  C CG    . ASP A 1 25  ? 0.466   -15.307 2.005   1.00 31.01  ? 25  ASP A CG    1 
ATOM   205  O OD1   . ASP A 1 25  ? -0.266  -14.877 1.091   1.00 28.35  ? 25  ASP A OD1   1 
ATOM   206  O OD2   . ASP A 1 25  ? 0.571   -16.526 2.262   1.00 37.36  ? 25  ASP A OD2   1 
ATOM   207  N N     . ASN A 1 26  ? -1.697  -12.783 2.640   1.00 25.27  ? 26  ASN A N     1 
ATOM   208  C CA    . ASN A 1 26  ? -3.091  -12.761 3.075   1.00 25.94  ? 26  ASN A CA    1 
ATOM   209  C C     . ASN A 1 26  ? -3.557  -11.455 3.717   1.00 23.25  ? 26  ASN A C     1 
ATOM   210  O O     . ASN A 1 26  ? -4.648  -11.390 4.268   1.00 21.55  ? 26  ASN A O     1 
ATOM   211  C CB    . ASN A 1 26  ? -3.352  -13.931 4.022   1.00 30.47  ? 26  ASN A CB    1 
ATOM   212  C CG    . ASN A 1 26  ? -3.268  -15.269 3.312   1.00 37.58  ? 26  ASN A CG    1 
ATOM   213  O OD1   . ASN A 1 26  ? -2.667  -16.217 3.813   1.00 42.23  ? 26  ASN A OD1   1 
ATOM   214  N ND2   . ASN A 1 26  ? -3.877  -15.350 2.137   1.00 38.76  ? 26  ASN A ND2   1 
ATOM   215  N N     . ALA A 1 27  ? -2.730  -10.417 3.654   1.00 22.92  ? 27  ALA A N     1 
ATOM   216  C CA    . ALA A 1 27  ? -3.114  -9.126  4.217   1.00 21.49  ? 27  ALA A CA    1 
ATOM   217  C C     . ALA A 1 27  ? -4.293  -8.564  3.411   1.00 20.43  ? 27  ALA A C     1 
ATOM   218  O O     . ALA A 1 27  ? -5.136  -7.840  3.945   1.00 18.33  ? 27  ALA A O     1 
ATOM   219  C CB    . ALA A 1 27  ? -1.935  -8.159  4.168   1.00 21.03  ? 27  ALA A CB    1 
ATOM   220  N N     . GLY A 1 28  ? -4.336  -8.904  2.126   1.00 19.76  ? 28  GLY A N     1 
ATOM   221  C CA    . GLY A 1 28  ? -5.413  -8.449  1.258   1.00 19.11  ? 28  GLY A CA    1 
ATOM   222  C C     . GLY A 1 28  ? -4.945  -7.603  0.082   1.00 21.57  ? 28  GLY A C     1 
ATOM   223  O O     . GLY A 1 28  ? -5.746  -6.885  -0.539  1.00 20.78  ? 28  GLY A O     1 
ATOM   224  N N     . LYS A 1 29  ? -3.661  -7.700  -0.241  1.00 21.60  ? 29  LYS A N     1 
ATOM   225  C CA    . LYS A 1 29  ? -3.079  -6.927  -1.336  1.00 21.72  ? 29  LYS A CA    1 
ATOM   226  C C     . LYS A 1 29  ? -3.721  -7.185  -2.691  1.00 22.41  ? 29  LYS A C     1 
ATOM   227  O O     . LYS A 1 29  ? -4.069  -6.249  -3.414  1.00 21.24  ? 29  LYS A O     1 
ATOM   228  C CB    . LYS A 1 29  ? -1.572  -7.192  -1.419  1.00 22.86  ? 29  LYS A CB    1 
ATOM   229  C CG    . LYS A 1 29  ? -0.814  -6.885  -0.133  1.00 19.54  ? 29  LYS A CG    1 
ATOM   230  C CD    . LYS A 1 29  ? 0.685   -7.139  -0.285  1.00 22.79  ? 29  LYS A CD    1 
ATOM   231  C CE    . LYS A 1 29  ? 0.992   -8.615  -0.518  1.00 21.60  ? 29  LYS A CE    1 
ATOM   232  N NZ    . LYS A 1 29  ? 0.567   -9.448  0.641   1.00 23.80  ? 29  LYS A NZ    1 
ATOM   233  N N     . THR A 1 30  ? -3.881  -8.455  -3.040  1.00 22.20  ? 30  THR A N     1 
ATOM   234  C CA    . THR A 1 30  ? -4.489  -8.806  -4.315  1.00 23.07  ? 30  THR A CA    1 
ATOM   235  C C     . THR A 1 30  ? -5.932  -8.315  -4.412  1.00 23.00  ? 30  THR A C     1 
ATOM   236  O O     . THR A 1 30  ? -6.377  -7.884  -5.479  1.00 22.30  ? 30  THR A O     1 
ATOM   237  C CB    . THR A 1 30  ? -4.446  -10.339 -4.539  1.00 24.09  ? 30  THR A CB    1 
ATOM   238  O OG1   . THR A 1 30  ? -3.082  -10.783 -4.530  1.00 23.50  ? 30  THR A OG1   1 
ATOM   239  C CG2   . THR A 1 30  ? -5.075  -10.714 -5.875  1.00 23.02  ? 30  THR A CG2   1 
ATOM   240  N N     . THR A 1 31  ? -6.650  -8.360  -3.295  1.00 21.20  ? 31  THR A N     1 
ATOM   241  C CA    . THR A 1 31  ? -8.044  -7.920  -3.266  1.00 20.73  ? 31  THR A CA    1 
ATOM   242  C C     . THR A 1 31  ? -8.130  -6.420  -3.536  1.00 20.52  ? 31  THR A C     1 
ATOM   243  O O     . THR A 1 31  ? -8.994  -5.960  -4.280  1.00 20.06  ? 31  THR A O     1 
ATOM   244  C CB    . THR A 1 31  ? -8.705  -8.254  -1.901  1.00 22.06  ? 31  THR A CB    1 
ATOM   245  O OG1   . THR A 1 31  ? -8.561  -9.657  -1.647  1.00 22.15  ? 31  THR A OG1   1 
ATOM   246  C CG2   . THR A 1 31  ? -10.193 -7.916  -1.912  1.00 22.93  ? 31  THR A CG2   1 
ATOM   247  N N     . ILE A 1 32  ? -7.212  -5.657  -2.943  1.00 19.53  ? 32  ILE A N     1 
ATOM   248  C CA    . ILE A 1 32  ? -7.186  -4.211  -3.141  1.00 18.46  ? 32  ILE A CA    1 
ATOM   249  C C     . ILE A 1 32  ? -6.847  -3.875  -4.593  1.00 19.14  ? 32  ILE A C     1 
ATOM   250  O O     . ILE A 1 32  ? -7.501  -3.024  -5.207  1.00 20.21  ? 32  ILE A O     1 
ATOM   251  C CB    . ILE A 1 32  ? -6.158  -3.534  -2.195  1.00 18.71  ? 32  ILE A CB    1 
ATOM   252  C CG1   . ILE A 1 32  ? -6.702  -3.533  -0.763  1.00 17.07  ? 32  ILE A CG1   1 
ATOM   253  C CG2   . ILE A 1 32  ? -5.873  -2.109  -2.656  1.00 19.07  ? 32  ILE A CG2   1 
ATOM   254  C CD1   . ILE A 1 32  ? -5.641  -3.284  0.299   1.00 18.91  ? 32  ILE A CD1   1 
ATOM   255  N N     . LEU A 1 33  ? -5.840  -4.541  -5.149  1.00 19.85  ? 33  LEU A N     1 
ATOM   256  C CA    . LEU A 1 33  ? -5.459  -4.275  -6.534  1.00 20.89  ? 33  LEU A CA    1 
ATOM   257  C C     . LEU A 1 33  ? -6.604  -4.592  -7.480  1.00 20.08  ? 33  LEU A C     1 
ATOM   258  O O     . LEU A 1 33  ? -6.811  -3.903  -8.474  1.00 19.87  ? 33  LEU A O     1 
ATOM   259  C CB    . LEU A 1 33  ? -4.214  -5.076  -6.935  1.00 21.09  ? 33  LEU A CB    1 
ATOM   260  C CG    . LEU A 1 33  ? -2.903  -4.538  -6.359  1.00 26.00  ? 33  LEU A CG    1 
ATOM   261  C CD1   . LEU A 1 33  ? -1.731  -5.144  -7.112  1.00 25.97  ? 33  LEU A CD1   1 
ATOM   262  C CD2   . LEU A 1 33  ? -2.868  -3.009  -6.491  1.00 25.37  ? 33  LEU A CD2   1 
ATOM   263  N N     . TYR A 1 34  ? -7.350  -5.641  -7.160  1.00 21.73  ? 34  TYR A N     1 
ATOM   264  C CA    . TYR A 1 34  ? -8.489  -6.031  -7.973  1.00 20.69  ? 34  TYR A CA    1 
ATOM   265  C C     . TYR A 1 34  ? -9.528  -4.898  -7.987  1.00 20.64  ? 34  TYR A C     1 
ATOM   266  O O     . TYR A 1 34  ? -10.101 -4.582  -9.031  1.00 19.73  ? 34  TYR A O     1 
ATOM   267  C CB    . TYR A 1 34  ? -9.114  -7.306  -7.412  1.00 27.62  ? 34  TYR A CB    1 
ATOM   268  C CG    . TYR A 1 34  ? -10.452 -7.587  -8.014  1.00 34.29  ? 34  TYR A CG    1 
ATOM   269  C CD1   . TYR A 1 34  ? -10.566 -8.021  -9.328  1.00 38.50  ? 34  TYR A CD1   1 
ATOM   270  C CD2   . TYR A 1 34  ? -11.616 -7.337  -7.297  1.00 39.49  ? 34  TYR A CD2   1 
ATOM   271  C CE1   . TYR A 1 34  ? -11.800 -8.188  -9.915  1.00 41.87  ? 34  TYR A CE1   1 
ATOM   272  C CE2   . TYR A 1 34  ? -12.861 -7.503  -7.875  1.00 43.18  ? 34  TYR A CE2   1 
ATOM   273  C CZ    . TYR A 1 34  ? -12.947 -7.926  -9.187  1.00 43.55  ? 34  TYR A CZ    1 
ATOM   274  O OH    . TYR A 1 34  ? -14.180 -8.074  -9.776  1.00 47.07  ? 34  TYR A OH    1 
ATOM   275  N N     . GLN A 1 35  ? -9.778  -4.299  -6.826  1.00 19.03  ? 35  GLN A N     1 
ATOM   276  C CA    . GLN A 1 35  ? -10.720 -3.188  -6.732  1.00 17.83  ? 35  GLN A CA    1 
ATOM   277  C C     . GLN A 1 35  ? -10.227 -2.039  -7.609  1.00 17.54  ? 35  GLN A C     1 
ATOM   278  O O     . GLN A 1 35  ? -11.005 -1.438  -8.354  1.00 19.63  ? 35  GLN A O     1 
ATOM   279  C CB    . GLN A 1 35  ? -10.855 -2.713  -5.275  1.00 19.32  ? 35  GLN A CB    1 
ATOM   280  C CG    . GLN A 1 35  ? -11.619 -3.671  -4.358  1.00 19.76  ? 35  GLN A CG    1 
ATOM   281  C CD    . GLN A 1 35  ? -13.124 -3.600  -4.551  1.00 26.18  ? 35  GLN A CD    1 
ATOM   282  O OE1   . GLN A 1 35  ? -13.615 -2.854  -5.400  1.00 26.74  ? 35  GLN A OE1   1 
ATOM   283  N NE2   . GLN A 1 35  ? -13.865 -4.374  -3.760  1.00 23.51  ? 35  GLN A NE2   1 
ATOM   284  N N     . PHE A 1 36  ? -8.930  -1.733  -7.518  1.00 17.94  ? 36  PHE A N     1 
ATOM   285  C CA    . PHE A 1 36  ? -8.340  -0.658  -8.322  1.00 20.42  ? 36  PHE A CA    1 
ATOM   286  C C     . PHE A 1 36  ? -8.448  -0.968  -9.819  1.00 21.00  ? 36  PHE A C     1 
ATOM   287  O O     . PHE A 1 36  ? -8.552  -0.063  -10.644 1.00 20.44  ? 36  PHE A O     1 
ATOM   288  C CB    . PHE A 1 36  ? -6.855  -0.460  -7.971  1.00 19.46  ? 36  PHE A CB    1 
ATOM   289  C CG    . PHE A 1 36  ? -6.602  0.483   -6.819  1.00 23.27  ? 36  PHE A CG    1 
ATOM   290  C CD1   . PHE A 1 36  ? -7.024  0.164   -5.534  1.00 23.19  ? 36  PHE A CD1   1 
ATOM   291  C CD2   . PHE A 1 36  ? -5.946  1.697   -7.026  1.00 25.56  ? 36  PHE A CD2   1 
ATOM   292  C CE1   . PHE A 1 36  ? -6.798  1.040   -4.464  1.00 22.97  ? 36  PHE A CE1   1 
ATOM   293  C CE2   . PHE A 1 36  ? -5.713  2.581   -5.968  1.00 26.08  ? 36  PHE A CE2   1 
ATOM   294  C CZ    . PHE A 1 36  ? -6.139  2.251   -4.682  1.00 25.90  ? 36  PHE A CZ    1 
ATOM   295  N N     . SER A 1 37  ? -8.430  -2.254  -10.161 1.00 19.66  ? 37  SER A N     1 
ATOM   296  C CA    . SER A 1 37  ? -8.484  -2.677  -11.558 1.00 20.62  ? 37  SER A CA    1 
ATOM   297  C C     . SER A 1 37  ? -9.841  -2.556  -12.253 1.00 22.09  ? 37  SER A C     1 
ATOM   298  O O     . SER A 1 37  ? -9.895  -2.403  -13.470 1.00 21.88  ? 37  SER A O     1 
ATOM   299  C CB    . SER A 1 37  ? -8.029  -4.129  -11.687 1.00 19.05  ? 37  SER A CB    1 
ATOM   300  O OG    . SER A 1 37  ? -9.081  -5.009  -11.315 1.00 19.57  ? 37  SER A OG    1 
ATOM   301  N N     . MET A 1 38  ? -10.928 -2.617  -11.501 1.00 21.16  ? 38  MET A N     1 
ATOM   302  C CA    . MET A 1 38  ? -12.240 -2.569  -12.135 1.00 24.47  ? 38  MET A CA    1 
ATOM   303  C C     . MET A 1 38  ? -12.518 -1.403  -13.065 1.00 24.10  ? 38  MET A C     1 
ATOM   304  O O     . MET A 1 38  ? -12.362 -0.236  -12.700 1.00 21.52  ? 38  MET A O     1 
ATOM   305  C CB    . MET A 1 38  ? -13.340 -2.691  -11.087 1.00 29.41  ? 38  MET A CB    1 
ATOM   306  C CG    . MET A 1 38  ? -13.541 -4.127  -10.671 1.00 37.81  ? 38  MET A CG    1 
ATOM   307  S SD    . MET A 1 38  ? -14.701 -4.299  -9.338  1.00 45.43  ? 38  MET A SD    1 
ATOM   308  C CE    . MET A 1 38  ? -15.928 -5.227  -10.105 1.00 48.45  ? 38  MET A CE    1 
ATOM   309  N N     . ASN A 1 39  ? -12.931 -1.751  -14.279 1.00 22.00  ? 39  ASN A N     1 
ATOM   310  C CA    . ASN A 1 39  ? -13.233 -0.796  -15.334 1.00 23.07  ? 39  ASN A CA    1 
ATOM   311  C C     . ASN A 1 39  ? -12.002 -0.047  -15.811 1.00 22.57  ? 39  ASN A C     1 
ATOM   312  O O     . ASN A 1 39  ? -12.117 0.998   -16.446 1.00 23.56  ? 39  ASN A O     1 
ATOM   313  C CB    . ASN A 1 39  ? -14.313 0.194   -14.887 1.00 26.14  ? 39  ASN A CB    1 
ATOM   314  C CG    . ASN A 1 39  ? -15.679 -0.455  -14.786 1.00 28.94  ? 39  ASN A CG    1 
ATOM   315  O OD1   . ASN A 1 39  ? -15.940 -1.464  -15.438 1.00 29.53  ? 39  ASN A OD1   1 
ATOM   316  N ND2   . ASN A 1 39  ? -16.559 0.124   -13.980 1.00 31.10  ? 39  ASN A ND2   1 
ATOM   317  N N     . GLU A 1 40  ? -10.827 -0.584  -15.514 1.00 22.15  ? 40  GLU A N     1 
ATOM   318  C CA    . GLU A 1 40  ? -9.573  0.033   -15.948 1.00 23.39  ? 40  GLU A CA    1 
ATOM   319  C C     . GLU A 1 40  ? -8.823  -0.947  -16.841 1.00 23.44  ? 40  GLU A C     1 
ATOM   320  O O     . GLU A 1 40  ? -9.269  -2.076  -17.052 1.00 22.30  ? 40  GLU A O     1 
ATOM   321  C CB    . GLU A 1 40  ? -8.684  0.387   -14.751 1.00 25.31  ? 40  GLU A CB    1 
ATOM   322  C CG    . GLU A 1 40  ? -9.249  1.457   -13.828 1.00 28.64  ? 40  GLU A CG    1 
ATOM   323  C CD    . GLU A 1 40  ? -9.573  2.741   -14.566 1.00 31.73  ? 40  GLU A CD    1 
ATOM   324  O OE1   . GLU A 1 40  ? -8.687  3.275   -15.265 1.00 32.68  ? 40  GLU A OE1   1 
ATOM   325  O OE2   . GLU A 1 40  ? -10.717 3.220   -14.440 1.00 30.63  ? 40  GLU A OE2   1 
ATOM   326  N N     . VAL A 1 41  ? -7.689  -0.504  -17.368 1.00 23.38  ? 41  VAL A N     1 
ATOM   327  C CA    . VAL A 1 41  ? -6.860  -1.344  -18.215 1.00 25.72  ? 41  VAL A CA    1 
ATOM   328  C C     . VAL A 1 41  ? -5.677  -1.836  -17.385 1.00 25.85  ? 41  VAL A C     1 
ATOM   329  O O     . VAL A 1 41  ? -4.993  -1.047  -16.730 1.00 26.31  ? 41  VAL A O     1 
ATOM   330  C CB    . VAL A 1 41  ? -6.314  -0.568  -19.421 1.00 28.34  ? 41  VAL A CB    1 
ATOM   331  C CG1   . VAL A 1 41  ? -5.442  -1.475  -20.269 1.00 31.59  ? 41  VAL A CG1   1 
ATOM   332  C CG2   . VAL A 1 41  ? -7.464  -0.029  -20.250 1.00 33.46  ? 41  VAL A CG2   1 
ATOM   333  N N     . VAL A 1 42  ? -5.442  -3.145  -17.415 1.00 24.17  ? 42  VAL A N     1 
ATOM   334  C CA    . VAL A 1 42  ? -4.353  -3.745  -16.662 1.00 22.14  ? 42  VAL A CA    1 
ATOM   335  C C     . VAL A 1 42  ? -3.337  -4.486  -17.537 1.00 22.48  ? 42  VAL A C     1 
ATOM   336  O O     . VAL A 1 42  ? -3.704  -5.143  -18.524 1.00 20.39  ? 42  VAL A O     1 
ATOM   337  C CB    . VAL A 1 42  ? -4.906  -4.744  -15.609 1.00 23.44  ? 42  VAL A CB    1 
ATOM   338  C CG1   . VAL A 1 42  ? -3.773  -5.577  -15.021 1.00 23.40  ? 42  VAL A CG1   1 
ATOM   339  C CG2   . VAL A 1 42  ? -5.631  -3.992  -14.506 1.00 22.63  ? 42  VAL A CG2   1 
ATOM   340  N N     . HIS A 1 43  ? -2.066  -4.363  -17.169 1.00 20.74  ? 43  HIS A N     1 
ATOM   341  C CA    . HIS A 1 43  ? -0.981  -5.058  -17.855 1.00 21.05  ? 43  HIS A CA    1 
ATOM   342  C C     . HIS A 1 43  ? -0.075  -5.656  -16.793 1.00 22.95  ? 43  HIS A C     1 
ATOM   343  O O     . HIS A 1 43  ? 0.617   -4.925  -16.074 1.00 22.08  ? 43  HIS A O     1 
ATOM   344  C CB    . HIS A 1 43  ? -0.132  -4.120  -18.729 1.00 22.66  ? 43  HIS A CB    1 
ATOM   345  C CG    . HIS A 1 43  ? -0.868  -3.530  -19.890 1.00 23.98  ? 43  HIS A CG    1 
ATOM   346  N ND1   . HIS A 1 43  ? -1.611  -2.376  -19.789 1.00 25.84  ? 43  HIS A ND1   1 
ATOM   347  C CD2   . HIS A 1 43  ? -0.981  -3.940  -21.174 1.00 26.34  ? 43  HIS A CD2   1 
ATOM   348  C CE1   . HIS A 1 43  ? -2.151  -2.099  -20.964 1.00 26.82  ? 43  HIS A CE1   1 
ATOM   349  N NE2   . HIS A 1 43  ? -1.783  -3.034  -21.823 1.00 27.37  ? 43  HIS A NE2   1 
ATOM   350  N N     . THR A 1 44  ? -0.088  -6.975  -16.667 1.00 22.79  ? 44  THR A N     1 
ATOM   351  C CA    . THR A 1 44  ? 0.781   -7.629  -15.696 1.00 25.03  ? 44  THR A CA    1 
ATOM   352  C C     . THR A 1 44  ? 1.970   -8.155  -16.481 1.00 26.62  ? 44  THR A C     1 
ATOM   353  O O     . THR A 1 44  ? 1.867   -8.414  -17.681 1.00 25.31  ? 44  THR A O     1 
ATOM   354  C CB    . THR A 1 44  ? 0.109   -8.836  -15.021 1.00 26.09  ? 44  THR A CB    1 
ATOM   355  O OG1   . THR A 1 44  ? -0.149  -9.847  -16.009 1.00 26.66  ? 44  THR A OG1   1 
ATOM   356  C CG2   . THR A 1 44  ? -1.191  -8.423  -14.349 1.00 25.37  ? 44  THR A CG2   1 
ATOM   357  N N     . SER A 1 45  ? 3.101   -8.312  -15.809 1.00 29.05  ? 45  SER A N     1 
ATOM   358  C CA    . SER A 1 45  ? 4.275   -8.827  -16.485 1.00 32.58  ? 45  SER A CA    1 
ATOM   359  C C     . SER A 1 45  ? 5.216   -9.460  -15.489 1.00 36.04  ? 45  SER A C     1 
ATOM   360  O O     . SER A 1 45  ? 5.232   -9.103  -14.309 1.00 34.44  ? 45  SER A O     1 
ATOM   361  C CB    . SER A 1 45  ? 4.995   -7.715  -17.246 1.00 32.86  ? 45  SER A CB    1 
ATOM   362  O OG    . SER A 1 45  ? 5.316   -6.629  -16.400 1.00 35.19  ? 45  SER A OG    1 
ATOM   363  N N     . PRO A 1 46  ? 6.016   -10.430 -15.956 1.00 38.38  ? 46  PRO A N     1 
ATOM   364  C CA    . PRO A 1 46  ? 6.956   -11.092 -15.065 1.00 40.59  ? 46  PRO A CA    1 
ATOM   365  C C     . PRO A 1 46  ? 8.068   -10.161 -14.642 1.00 42.94  ? 46  PRO A C     1 
ATOM   366  O O     . PRO A 1 46  ? 8.307   -9.119  -15.259 1.00 37.39  ? 46  PRO A O     1 
ATOM   367  C CB    . PRO A 1 46  ? 7.479   -12.247 -15.913 1.00 40.57  ? 46  PRO A CB    1 
ATOM   368  C CG    . PRO A 1 46  ? 7.475   -11.658 -17.282 1.00 41.67  ? 46  PRO A CG    1 
ATOM   369  C CD    . PRO A 1 46  ? 6.137   -10.956 -17.324 1.00 39.59  ? 46  PRO A CD    1 
ATOM   370  N N     . THR A 1 47  ? 8.728   -10.545 -13.573 1.00 47.99  ? 47  THR A N     1 
ATOM   371  C CA    . THR A 1 47  ? 9.845   -9.795  -13.052 1.00 53.95  ? 47  THR A CA    1 
ATOM   372  C C     . THR A 1 47  ? 10.918  -10.854 -12.906 1.00 56.67  ? 47  THR A C     1 
ATOM   373  O O     . THR A 1 47  ? 10.612  -12.043 -12.777 1.00 52.32  ? 47  THR A O     1 
ATOM   374  C CB    . THR A 1 47  ? 9.545   -9.234  -11.653 1.00 55.95  ? 47  THR A CB    1 
ATOM   375  O OG1   . THR A 1 47  ? 9.079   -10.302 -10.815 1.00 62.72  ? 47  THR A OG1   1 
ATOM   376  C CG2   . THR A 1 47  ? 8.495   -8.140  -11.720 1.00 63.36  ? 47  THR A CG2   1 
ATOM   377  N N     . ILE A 1 48  ? 12.175  -10.441 -12.955 1.00 61.50  ? 48  ILE A N     1 
ATOM   378  C CA    . ILE A 1 48  ? 13.246  -11.396 -12.721 1.00 68.89  ? 48  ILE A CA    1 
ATOM   379  C C     . ILE A 1 48  ? 13.066  -11.400 -11.211 1.00 71.64  ? 48  ILE A C     1 
ATOM   380  O O     . ILE A 1 48  ? 13.814  -12.014 -10.451 1.00 71.64  ? 48  ILE A O     1 
ATOM   381  C CB    . ILE A 1 48  ? 14.617  -10.812 -13.084 1.00 71.38  ? 48  ILE A CB    1 
ATOM   382  C CG1   . ILE A 1 48  ? 14.526  -10.076 -14.426 1.00 75.58  ? 48  ILE A CG1   1 
ATOM   383  C CG2   . ILE A 1 48  ? 15.649  -11.925 -13.162 1.00 75.40  ? 48  ILE A CG2   1 
ATOM   384  C CD1   . ILE A 1 48  ? 13.914  -10.894 -15.547 1.00 78.29  ? 48  ILE A CD1   1 
ATOM   385  N N     . GLY A 1 49  ? 12.020  -10.668 -10.829 1.00 73.89  ? 49  GLY A N     1 
ATOM   386  C CA    . GLY A 1 49  ? 11.609  -10.479 -9.454  1.00 77.99  ? 49  GLY A CA    1 
ATOM   387  C C     . GLY A 1 49  ? 11.327  -11.741 -8.666  1.00 79.27  ? 49  GLY A C     1 
ATOM   388  O O     . GLY A 1 49  ? 10.522  -12.590 -9.060  1.00 81.39  ? 49  GLY A O     1 
ATOM   389  N N     . SER A 1 50  ? 12.016  -11.836 -7.521  1.00 79.66  ? 50  SER A N     1 
ATOM   390  C CA    . SER A 1 50  ? 11.987  -12.919 -6.548  1.00 77.19  ? 50  SER A CA    1 
ATOM   391  C C     . SER A 1 50  ? 10.524  -13.245 -6.383  1.00 74.25  ? 50  SER A C     1 
ATOM   392  O O     . SER A 1 50  ? 10.092  -14.300 -6.994  1.00 71.13  ? 50  SER A O     1 
ATOM   393  C CB    . SER A 1 50  ? 12.500  -12.359 -5.235  1.00 79.71  ? 50  SER A CB    1 
ATOM   394  O OG    . SER A 1 50  ? 13.222  -11.169 -5.535  1.00 84.54  ? 50  SER A OG    1 
ATOM   395  N N     . ASN A 1 51  ? 9.770   -12.540 -5.679  1.00 72.87  ? 51  ASN A N     1 
ATOM   396  C CA    . ASN A 1 51  ? 8.343   -12.896 -5.834  1.00 68.53  ? 51  ASN A CA    1 
ATOM   397  C C     . ASN A 1 51  ? 7.562   -11.587 -5.957  1.00 63.10  ? 51  ASN A C     1 
ATOM   398  O O     . ASN A 1 51  ? 6.339   -11.489 -5.564  1.00 59.11  ? 51  ASN A O     1 
ATOM   399  C CB    . ASN A 1 51  ? 7.906   -14.022 -4.889  1.00 67.32  ? 51  ASN A CB    1 
ATOM   400  C CG    . ASN A 1 51  ? 8.450   -15.427 -5.302  1.00 72.61  ? 51  ASN A CG    1 
ATOM   401  O OD1   . ASN A 1 51  ? 7.845   -16.164 -6.133  1.00 74.76  ? 51  ASN A OD1   1 
ATOM   402  N ND2   . ASN A 1 51  ? 9.681   -15.667 -4.850  1.00 74.72  ? 51  ASN A ND2   1 
ATOM   403  N N     . VAL A 1 52  ? 8.193   -10.669 -6.655  1.00 53.45  ? 52  VAL A N     1 
ATOM   404  C CA    . VAL A 1 52  ? 7.671   -9.305  -6.939  1.00 43.06  ? 52  VAL A CA    1 
ATOM   405  C C     . VAL A 1 52  ? 6.864   -9.448  -8.249  1.00 39.57  ? 52  VAL A C     1 
ATOM   406  O O     . VAL A 1 52  ? 7.360   -9.998  -9.276  1.00 37.04  ? 52  VAL A O     1 
ATOM   407  C CB    . VAL A 1 52  ? 8.755   -8.270  -7.218  1.00 37.40  ? 52  VAL A CB    1 
ATOM   408  C CG1   . VAL A 1 52  ? 8.156   -6.923  -7.647  1.00 35.28  ? 52  VAL A CG1   1 
ATOM   409  C CG2   . VAL A 1 52  ? 9.643   -8.105  -6.034  1.00 37.27  ? 52  VAL A CG2   1 
ATOM   410  N N     . GLU A 1 53  ? 5.631   -8.969  -8.265  1.00 36.17  ? 53  GLU A N     1 
ATOM   411  C CA    . GLU A 1 53  ? 4.755   -9.016  -9.423  1.00 35.45  ? 53  GLU A CA    1 
ATOM   412  C C     . GLU A 1 53  ? 4.547   -7.575  -9.871  1.00 31.99  ? 53  GLU A C     1 
ATOM   413  O O     . GLU A 1 53  ? 4.321   -6.683  -9.048  1.00 28.73  ? 53  GLU A O     1 
ATOM   414  C CB    . GLU A 1 53  ? 3.418   -9.653  -9.040  1.00 38.97  ? 53  GLU A CB    1 
ATOM   415  C CG    . GLU A 1 53  ? 3.532   -11.135 -8.720  1.00 48.77  ? 53  GLU A CG    1 
ATOM   416  C CD    . GLU A 1 53  ? 2.384   -11.643 -7.874  1.00 54.18  ? 53  GLU A CD    1 
ATOM   417  O OE1   . GLU A 1 53  ? 1.430   -10.874 -7.636  1.00 57.76  ? 53  GLU A OE1   1 
ATOM   418  O OE2   . GLU A 1 53  ? 2.439   -12.816 -7.448  1.00 58.56  ? 53  GLU A OE2   1 
ATOM   419  N N     . GLU A 1 54  ? 4.656   -7.340  -11.171 1.00 28.27  ? 54  GLU A N     1 
ATOM   420  C CA    . GLU A 1 54  ? 4.471   -6.006  -11.705 1.00 29.60  ? 54  GLU A CA    1 
ATOM   421  C C     . GLU A 1 54  ? 3.087   -5.905  -12.319 1.00 27.65  ? 54  GLU A C     1 
ATOM   422  O O     . GLU A 1 54  ? 2.745   -6.653  -13.241 1.00 27.32  ? 54  GLU A O     1 
ATOM   423  C CB    . GLU A 1 54  ? 5.542   -5.704  -12.757 1.00 32.64  ? 54  GLU A CB    1 
ATOM   424  C CG    . GLU A 1 54  ? 5.452   -4.297  -13.318 1.00 41.18  ? 54  GLU A CG    1 
ATOM   425  C CD    . GLU A 1 54  ? 6.668   -3.913  -14.133 1.00 44.42  ? 54  GLU A CD    1 
ATOM   426  O OE1   . GLU A 1 54  ? 7.662   -4.666  -14.116 1.00 45.24  ? 54  GLU A OE1   1 
ATOM   427  O OE2   . GLU A 1 54  ? 6.630   -2.849  -14.780 1.00 48.38  ? 54  GLU A OE2   1 
ATOM   428  N N     . ILE A 1 55  ? 2.281   -4.985  -11.796 1.00 24.81  ? 55  ILE A N     1 
ATOM   429  C CA    . ILE A 1 55  ? 0.929   -4.795  -12.293 1.00 24.27  ? 55  ILE A CA    1 
ATOM   430  C C     . ILE A 1 55  ? 0.677   -3.335  -12.653 1.00 24.76  ? 55  ILE A C     1 
ATOM   431  O O     . ILE A 1 55  ? 0.630   -2.469  -11.776 1.00 24.96  ? 55  ILE A O     1 
ATOM   432  C CB    . ILE A 1 55  ? -0.124  -5.195  -11.236 1.00 26.78  ? 55  ILE A CB    1 
ATOM   433  C CG1   . ILE A 1 55  ? 0.127   -6.623  -10.736 1.00 29.03  ? 55  ILE A CG1   1 
ATOM   434  C CG2   . ILE A 1 55  ? -1.516  -5.074  -11.828 1.00 26.82  ? 55  ILE A CG2   1 
ATOM   435  C CD1   . ILE A 1 55  ? 0.757   -6.679  -9.361  1.00 32.73  ? 55  ILE A CD1   1 
ATOM   436  N N     . VAL A 1 56  ? 0.518   -3.049  -13.940 1.00 24.13  ? 56  VAL A N     1 
ATOM   437  C CA    . VAL A 1 56  ? 0.246   -1.677  -14.333 1.00 22.37  ? 56  VAL A CA    1 
ATOM   438  C C     . VAL A 1 56  ? -1.260  -1.512  -14.502 1.00 22.93  ? 56  VAL A C     1 
ATOM   439  O O     . VAL A 1 56  ? -1.895  -2.263  -15.245 1.00 21.53  ? 56  VAL A O     1 
ATOM   440  C CB    . VAL A 1 56  ? 0.947   -1.300  -15.653 1.00 23.49  ? 56  VAL A CB    1 
ATOM   441  C CG1   . VAL A 1 56  ? 0.617   0.137   -16.015 1.00 23.79  ? 56  VAL A CG1   1 
ATOM   442  C CG2   . VAL A 1 56  ? 2.445   -1.481  -15.521 1.00 24.71  ? 56  VAL A CG2   1 
ATOM   443  N N     . ILE A 1 57  ? -1.824  -0.543  -13.787 1.00 21.31  ? 57  ILE A N     1 
ATOM   444  C CA    . ILE A 1 57  ? -3.253  -0.249  -13.858 1.00 21.66  ? 57  ILE A CA    1 
ATOM   445  C C     . ILE A 1 57  ? -3.365  1.180   -14.373 1.00 22.41  ? 57  ILE A C     1 
ATOM   446  O O     . ILE A 1 57  ? -2.889  2.116   -13.726 1.00 21.43  ? 57  ILE A O     1 
ATOM   447  C CB    . ILE A 1 57  ? -3.923  -0.352  -12.467 1.00 20.86  ? 57  ILE A CB    1 
ATOM   448  C CG1   . ILE A 1 57  ? -3.691  -1.748  -11.881 1.00 23.88  ? 57  ILE A CG1   1 
ATOM   449  C CG2   . ILE A 1 57  ? -5.415  -0.084  -12.590 1.00 22.34  ? 57  ILE A CG2   1 
ATOM   450  C CD1   . ILE A 1 57  ? -4.384  -1.978  -10.538 1.00 25.88  ? 57  ILE A CD1   1 
ATOM   451  N N     . ASN A 1 58  ? -3.985  1.338   -15.538 1.00 24.52  ? 58  ASN A N     1 
ATOM   452  C CA    . ASN A 1 58  ? -4.128  2.647   -16.167 1.00 26.86  ? 58  ASN A CA    1 
ATOM   453  C C     . ASN A 1 58  ? -2.701  3.171   -16.382 1.00 27.69  ? 58  ASN A C     1 
ATOM   454  O O     . ASN A 1 58  ? -1.966  2.628   -17.205 1.00 29.26  ? 58  ASN A O     1 
ATOM   455  C CB    . ASN A 1 58  ? -4.923  3.605   -15.269 1.00 28.75  ? 58  ASN A CB    1 
ATOM   456  C CG    . ASN A 1 58  ? -5.441  4.821   -16.024 1.00 32.27  ? 58  ASN A CG    1 
ATOM   457  O OD1   . ASN A 1 58  ? -4.710  5.445   -16.793 1.00 29.71  ? 58  ASN A OD1   1 
ATOM   458  N ND2   . ASN A 1 58  ? -6.705  5.170   -15.802 1.00 34.48  ? 58  ASN A ND2   1 
ATOM   459  N N     . ASN A 1 59  ? -2.305  4.198   -15.641 1.00 29.85  ? 59  ASN A N     1 
ATOM   460  C CA    . ASN A 1 59  ? -0.956  4.758   -15.781 1.00 31.23  ? 59  ASN A CA    1 
ATOM   461  C C     . ASN A 1 59  ? -0.122  4.558   -14.523 1.00 29.65  ? 59  ASN A C     1 
ATOM   462  O O     . ASN A 1 59  ? 0.924   5.183   -14.366 1.00 29.04  ? 59  ASN A O     1 
ATOM   463  C CB    . ASN A 1 59  ? -1.026  6.251   -16.087 1.00 35.74  ? 59  ASN A CB    1 
ATOM   464  C CG    . ASN A 1 59  ? -1.365  6.544   -17.535 1.00 42.43  ? 59  ASN A CG    1 
ATOM   465  O OD1   . ASN A 1 59  ? -1.681  7.681   -17.885 1.00 46.81  ? 59  ASN A OD1   1 
ATOM   466  N ND2   . ASN A 1 59  ? -1.294  5.525   -18.384 1.00 43.85  ? 59  ASN A ND2   1 
ATOM   467  N N     . THR A 1 60  ? -0.576  3.692   -13.637 1.00 26.18  ? 60  THR A N     1 
ATOM   468  C CA    . THR A 1 60  ? 0.141   3.457   -12.391 1.00 24.39  ? 60  THR A CA    1 
ATOM   469  C C     . THR A 1 60  ? 0.792   2.084   -12.327 1.00 24.87  ? 60  THR A C     1 
ATOM   470  O O     . THR A 1 60  ? 0.105   1.066   -12.408 1.00 22.60  ? 60  THR A O     1 
ATOM   471  C CB    . THR A 1 60  ? -0.792  3.617   -11.173 1.00 23.37  ? 60  THR A CB    1 
ATOM   472  O OG1   . THR A 1 60  ? -1.301  4.958   -11.138 1.00 23.62  ? 60  THR A OG1   1 
ATOM   473  C CG2   . THR A 1 60  ? -0.048  3.325   -9.881  1.00 20.12  ? 60  THR A CG2   1 
ATOM   474  N N     . ARG A 1 61  ? 2.109   2.069   -12.181 1.00 25.22  ? 61  ARG A N     1 
ATOM   475  C CA    . ARG A 1 61  ? 2.847   0.817   -12.095 1.00 27.34  ? 61  ARG A CA    1 
ATOM   476  C C     . ARG A 1 61  ? 2.962   0.369   -10.644 1.00 25.96  ? 61  ARG A C     1 
ATOM   477  O O     . ARG A 1 61  ? 3.616   1.018   -9.827  1.00 26.31  ? 61  ARG A O     1 
ATOM   478  C CB    . ARG A 1 61  ? 4.250   0.965   -12.705 1.00 31.61  ? 61  ARG A CB    1 
ATOM   479  C CG    . ARG A 1 61  ? 5.122   -0.272  -12.522 1.00 41.43  ? 61  ARG A CG    1 
ATOM   480  C CD    . ARG A 1 61  ? 6.419   -0.233  -13.338 1.00 49.54  ? 61  ARG A CD    1 
ATOM   481  N NE    . ARG A 1 61  ? 7.247   0.937   -13.054 1.00 56.03  ? 61  ARG A NE    1 
ATOM   482  C CZ    . ARG A 1 61  ? 8.569   0.967   -13.186 1.00 58.14  ? 61  ARG A CZ    1 
ATOM   483  N NH1   . ARG A 1 61  ? 9.221   -0.116  -13.585 1.00 59.42  ? 61  ARG A NH1   1 
ATOM   484  N NH2   . ARG A 1 61  ? 9.241   2.079   -12.921 1.00 58.68  ? 61  ARG A NH2   1 
ATOM   485  N N     . PHE A 1 62  ? 2.315   -0.752  -10.333 1.00 24.00  ? 62  PHE A N     1 
ATOM   486  C CA    . PHE A 1 62  ? 2.349   -1.306  -8.988  1.00 23.80  ? 62  PHE A CA    1 
ATOM   487  C C     . PHE A 1 62  ? 3.366   -2.436  -8.913  1.00 23.62  ? 62  PHE A C     1 
ATOM   488  O O     . PHE A 1 62  ? 3.398   -3.311  -9.780  1.00 23.30  ? 62  PHE A O     1 
ATOM   489  C CB    . PHE A 1 62  ? 0.978   -1.879  -8.600  1.00 21.43  ? 62  PHE A CB    1 
ATOM   490  C CG    . PHE A 1 62  ? -0.063  -0.839  -8.286  1.00 21.26  ? 62  PHE A CG    1 
ATOM   491  C CD1   . PHE A 1 62  ? -0.147  -0.285  -7.014  1.00 19.96  ? 62  PHE A CD1   1 
ATOM   492  C CD2   . PHE A 1 62  ? -0.990  -0.448  -9.250  1.00 18.70  ? 62  PHE A CD2   1 
ATOM   493  C CE1   . PHE A 1 62  ? -1.141  0.642   -6.697  1.00 18.77  ? 62  PHE A CE1   1 
ATOM   494  C CE2   . PHE A 1 62  ? -1.986  0.474   -8.949  1.00 19.62  ? 62  PHE A CE2   1 
ATOM   495  C CZ    . PHE A 1 62  ? -2.063  1.021   -7.662  1.00 19.00  ? 62  PHE A CZ    1 
ATOM   496  N N     . LEU A 1 63  ? 4.203   -2.407  -7.888  1.00 24.04  ? 63  LEU A N     1 
ATOM   497  C CA    . LEU A 1 63  ? 5.169   -3.472  -7.668  1.00 25.79  ? 63  LEU A CA    1 
ATOM   498  C C     . LEU A 1 63  ? 4.705   -4.087  -6.352  1.00 26.99  ? 63  LEU A C     1 
ATOM   499  O O     . LEU A 1 63  ? 4.817   -3.464  -5.287  1.00 25.22  ? 63  LEU A O     1 
ATOM   500  C CB    . LEU A 1 63  ? 6.581   -2.912  -7.556  1.00 29.28  ? 63  LEU A CB    1 
ATOM   501  C CG    . LEU A 1 63  ? 7.049   -2.334  -8.896  1.00 32.99  ? 63  LEU A CG    1 
ATOM   502  C CD1   . LEU A 1 63  ? 8.428   -1.735  -8.747  1.00 35.09  ? 63  LEU A CD1   1 
ATOM   503  C CD2   . LEU A 1 63  ? 7.043   -3.431  -9.949  1.00 32.77  ? 63  LEU A CD2   1 
ATOM   504  N N     . MET A 1 64  ? 4.167   -5.295  -6.442  1.00 25.71  ? 64  MET A N     1 
ATOM   505  C CA    . MET A 1 64  ? 3.621   -5.983  -5.279  1.00 26.76  ? 64  MET A CA    1 
ATOM   506  C C     . MET A 1 64  ? 4.387   -7.191  -4.774  1.00 28.51  ? 64  MET A C     1 
ATOM   507  O O     . MET A 1 64  ? 4.903   -8.000  -5.552  1.00 27.45  ? 64  MET A O     1 
ATOM   508  C CB    . MET A 1 64  ? 2.187   -6.417  -5.580  1.00 28.75  ? 64  MET A CB    1 
ATOM   509  C CG    . MET A 1 64  ? 1.554   -7.288  -4.504  1.00 31.70  ? 64  MET A CG    1 
ATOM   510  S SD    . MET A 1 64  ? -0.185  -7.610  -4.833  1.00 33.40  ? 64  MET A SD    1 
ATOM   511  C CE    . MET A 1 64  ? -0.065  -8.945  -5.999  1.00 34.38  ? 64  MET A CE    1 
ATOM   512  N N     . TRP A 1 65  ? 4.462   -7.311  -3.453  1.00 27.16  ? 65  TRP A N     1 
ATOM   513  C CA    . TRP A 1 65  ? 5.120   -8.461  -2.858  1.00 27.43  ? 65  TRP A CA    1 
ATOM   514  C C     . TRP A 1 65  ? 4.860   -8.641  -1.379  1.00 28.51  ? 65  TRP A C     1 
ATOM   515  O O     . TRP A 1 65  ? 4.537   -7.695  -0.651  1.00 27.38  ? 65  TRP A O     1 
ATOM   516  C CB    . TRP A 1 65  ? 6.633   -8.444  -3.126  1.00 28.23  ? 65  TRP A CB    1 
ATOM   517  C CG    . TRP A 1 65  ? 7.448   -7.467  -2.329  1.00 29.56  ? 65  TRP A CG    1 
ATOM   518  C CD1   . TRP A 1 65  ? 7.844   -7.584  -1.023  1.00 30.20  ? 65  TRP A CD1   1 
ATOM   519  C CD2   . TRP A 1 65  ? 8.030   -6.255  -2.816  1.00 28.53  ? 65  TRP A CD2   1 
ATOM   520  N NE1   . TRP A 1 65  ? 8.643   -6.518  -0.671  1.00 29.80  ? 65  TRP A NE1   1 
ATOM   521  C CE2   . TRP A 1 65  ? 8.771   -5.687  -1.755  1.00 28.04  ? 65  TRP A CE2   1 
ATOM   522  C CE3   . TRP A 1 65  ? 7.993   -5.589  -4.048  1.00 28.86  ? 65  TRP A CE3   1 
ATOM   523  C CZ2   . TRP A 1 65  ? 9.476   -4.489  -1.893  1.00 28.60  ? 65  TRP A CZ2   1 
ATOM   524  C CZ3   . TRP A 1 65  ? 8.696   -4.401  -4.186  1.00 27.80  ? 65  TRP A CZ3   1 
ATOM   525  C CH2   . TRP A 1 65  ? 9.420   -3.859  -3.110  1.00 29.32  ? 65  TRP A CH2   1 
ATOM   526  N N     . ASP A 1 66  ? 4.990   -9.897  -0.968  1.00 27.87  ? 66  ASP A N     1 
ATOM   527  C CA    . ASP A 1 66  ? 4.800   -10.314 0.405   1.00 29.10  ? 66  ASP A CA    1 
ATOM   528  C C     . ASP A 1 66  ? 6.059   -10.059 1.191   1.00 29.55  ? 66  ASP A C     1 
ATOM   529  O O     . ASP A 1 66  ? 7.154   -10.346 0.723   1.00 28.39  ? 66  ASP A O     1 
ATOM   530  C CB    . ASP A 1 66  ? 4.533   -11.814 0.489   1.00 29.34  ? 66  ASP A CB    1 
ATOM   531  C CG    . ASP A 1 66  ? 3.169   -12.195 -0.006  1.00 30.33  ? 66  ASP A CG    1 
ATOM   532  O OD1   . ASP A 1 66  ? 2.348   -11.292 -0.256  1.00 28.43  ? 66  ASP A OD1   1 
ATOM   533  O OD2   . ASP A 1 66  ? 2.918   -13.410 -0.125  1.00 31.17  ? 66  ASP A OD2   1 
ATOM   534  N N     . ILE A 1 67  ? 5.900   -9.521  2.391   1.00 30.70  ? 67  ILE A N     1 
ATOM   535  C CA    . ILE A 1 67  ? 7.039   -9.309  3.264   1.00 31.87  ? 67  ILE A CA    1 
ATOM   536  C C     . ILE A 1 67  ? 6.845   -10.371 4.334   1.00 33.50  ? 67  ILE A C     1 
ATOM   537  O O     . ILE A 1 67  ? 5.804   -11.028 4.368   1.00 32.41  ? 67  ILE A O     1 
ATOM   538  C CB    . ILE A 1 67  ? 7.025   -7.907  3.916   1.00 32.40  ? 67  ILE A CB    1 
ATOM   539  C CG1   . ILE A 1 67  ? 5.606   -7.557  4.372   1.00 31.15  ? 67  ILE A CG1   1 
ATOM   540  C CG2   . ILE A 1 67  ? 7.581   -6.876  2.940   1.00 31.39  ? 67  ILE A CG2   1 
ATOM   541  C CD1   . ILE A 1 67  ? 5.536   -6.365  5.300   1.00 32.46  ? 67  ILE A CD1   1 
ATOM   542  N N     . GLY A 1 68  ? 7.845   -10.560 5.186   1.00 36.16  ? 68  GLY A N     1 
ATOM   543  C CA    . GLY A 1 68  ? 7.717   -11.544 6.247   1.00 39.18  ? 68  GLY A CA    1 
ATOM   544  C C     . GLY A 1 68  ? 7.956   -12.984 5.836   1.00 42.12  ? 68  GLY A C     1 
ATOM   545  O O     . GLY A 1 68  ? 7.697   -13.903 6.615   1.00 42.05  ? 68  GLY A O     1 
ATOM   546  N N     . GLY A 1 69  ? 8.443   -13.195 4.618   1.00 43.90  ? 69  GLY A N     1 
ATOM   547  C CA    . GLY A 1 69  ? 8.706   -14.547 4.161   1.00 47.59  ? 69  GLY A CA    1 
ATOM   548  C C     . GLY A 1 69  ? 9.980   -15.106 4.769   1.00 49.55  ? 69  GLY A C     1 
ATOM   549  O O     . GLY A 1 69  ? 10.859  -15.587 4.053   1.00 52.12  ? 69  GLY A O     1 
ATOM   550  N N     . ARG A 1 74  ? 14.321  -8.758  1.574   1.00 80.12  ? 74  ARG A N     1 
ATOM   551  C CA    . ARG A 1 74  ? 15.052  -9.382  0.481   1.00 78.94  ? 74  ARG A CA    1 
ATOM   552  C C     . ARG A 1 74  ? 15.925  -8.353  -0.223  1.00 78.98  ? 74  ARG A C     1 
ATOM   553  O O     . ARG A 1 74  ? 15.497  -7.225  -0.476  1.00 79.80  ? 74  ARG A O     1 
ATOM   554  C CB    . ARG A 1 74  ? 14.082  -9.988  -0.532  1.00 78.72  ? 74  ARG A CB    1 
ATOM   555  C CG    . ARG A 1 74  ? 14.582  -11.265 -1.173  1.00 76.30  ? 74  ARG A CG    1 
ATOM   556  C CD    . ARG A 1 74  ? 14.232  -12.482 -0.335  1.00 75.65  ? 74  ARG A CD    1 
ATOM   557  N NE    . ARG A 1 74  ? 12.899  -12.985 -0.649  1.00 75.87  ? 74  ARG A NE    1 
ATOM   558  C CZ    . ARG A 1 74  ? 12.601  -14.280 -0.763  1.00 76.60  ? 74  ARG A CZ    1 
ATOM   559  N NH1   . ARG A 1 74  ? 13.548  -15.189 -0.588  1.00 77.22  ? 74  ARG A NH1   1 
ATOM   560  N NH2   . ARG A 1 74  ? 11.370  -14.658 -1.066  1.00 76.64  ? 74  ARG A NH2   1 
ATOM   561  N N     . SER A 1 75  ? 17.152  -8.748  -0.532  1.00 77.51  ? 75  SER A N     1 
ATOM   562  C CA    . SER A 1 75  ? 18.091  -7.881  -1.228  1.00 74.89  ? 75  SER A CA    1 
ATOM   563  C C     . SER A 1 75  ? 17.484  -7.467  -2.565  1.00 71.09  ? 75  SER A C     1 
ATOM   564  O O     . SER A 1 75  ? 17.648  -6.336  -3.020  1.00 71.76  ? 75  SER A O     1 
ATOM   565  C CB    . SER A 1 75  ? 19.405  -8.632  -1.452  1.00 77.06  ? 75  SER A CB    1 
ATOM   566  O OG    . SER A 1 75  ? 19.157  -9.986  -1.796  1.00 78.04  ? 75  SER A OG    1 
ATOM   567  N N     . SER A 1 76  ? 16.761  -8.401  -3.172  1.00 66.66  ? 76  SER A N     1 
ATOM   568  C CA    . SER A 1 76  ? 16.120  -8.207  -4.468  1.00 59.82  ? 76  SER A CA    1 
ATOM   569  C C     . SER A 1 76  ? 15.122  -7.055  -4.599  1.00 57.09  ? 76  SER A C     1 
ATOM   570  O O     . SER A 1 76  ? 14.700  -6.737  -5.708  1.00 56.23  ? 76  SER A O     1 
ATOM   571  C CB    . SER A 1 76  ? 15.431  -9.506  -4.886  1.00 57.87  ? 76  SER A CB    1 
ATOM   572  O OG    . SER A 1 76  ? 14.467  -9.894  -3.922  1.00 55.32  ? 76  SER A OG    1 
ATOM   573  N N     . TRP A 1 77  ? 14.740  -6.433  -3.487  1.00 53.85  ? 77  TRP A N     1 
ATOM   574  C CA    . TRP A 1 77  ? 13.774  -5.334  -3.549  1.00 51.54  ? 77  TRP A CA    1 
ATOM   575  C C     . TRP A 1 77  ? 14.392  -3.969  -3.794  1.00 52.89  ? 77  TRP A C     1 
ATOM   576  O O     . TRP A 1 77  ? 13.790  -3.113  -4.435  1.00 51.24  ? 77  TRP A O     1 
ATOM   577  C CB    . TRP A 1 77  ? 12.952  -5.256  -2.262  1.00 47.79  ? 77  TRP A CB    1 
ATOM   578  C CG    . TRP A 1 77  ? 12.295  -6.533  -1.885  1.00 44.94  ? 77  TRP A CG    1 
ATOM   579  C CD1   . TRP A 1 77  ? 11.931  -7.545  -2.724  1.00 44.22  ? 77  TRP A CD1   1 
ATOM   580  C CD2   . TRP A 1 77  ? 11.884  -6.926  -0.575  1.00 43.96  ? 77  TRP A CD2   1 
ATOM   581  N NE1   . TRP A 1 77  ? 11.327  -8.550  -2.014  1.00 43.54  ? 77  TRP A NE1   1 
ATOM   582  C CE2   . TRP A 1 77  ? 11.282  -8.199  -0.691  1.00 43.66  ? 77  TRP A CE2   1 
ATOM   583  C CE3   . TRP A 1 77  ? 11.973  -6.330  0.690   1.00 44.20  ? 77  TRP A CE3   1 
ATOM   584  C CZ2   . TRP A 1 77  ? 10.765  -8.884  0.411   1.00 43.27  ? 77  TRP A CZ2   1 
ATOM   585  C CZ3   . TRP A 1 77  ? 11.452  -7.012  1.786   1.00 43.24  ? 77  TRP A CZ3   1 
ATOM   586  C CH2   . TRP A 1 77  ? 10.860  -8.279  1.639   1.00 43.66  ? 77  TRP A CH2   1 
ATOM   587  N N     . ASN A 1 78  ? 15.593  -3.771  -3.269  1.00 56.18  ? 78  ASN A N     1 
ATOM   588  C CA    . ASN A 1 78  ? 16.290  -2.500  -3.398  1.00 59.75  ? 78  ASN A CA    1 
ATOM   589  C C     . ASN A 1 78  ? 16.211  -1.834  -4.776  1.00 56.45  ? 78  ASN A C     1 
ATOM   590  O O     . ASN A 1 78  ? 16.128  -0.610  -4.865  1.00 53.64  ? 78  ASN A O     1 
ATOM   591  C CB    . ASN A 1 78  ? 17.754  -2.674  -2.981  1.00 69.15  ? 78  ASN A CB    1 
ATOM   592  C CG    . ASN A 1 78  ? 18.525  -1.373  -2.994  1.00 82.63  ? 78  ASN A CG    1 
ATOM   593  O OD1   . ASN A 1 78  ? 17.942  -0.287  -3.050  1.00 89.10  ? 78  ASN A OD1   1 
ATOM   594  N ND2   . ASN A 1 78  ? 19.846  -1.465  -2.923  1.00 89.35  ? 78  ASN A ND2   1 
ATOM   595  N N     . THR A 1 79  ? 16.224  -2.628  -5.842  1.00 53.48  ? 79  THR A N     1 
ATOM   596  C CA    . THR A 1 79  ? 16.176  -2.081  -7.200  1.00 49.96  ? 79  THR A CA    1 
ATOM   597  C C     . THR A 1 79  ? 14.881  -1.358  -7.566  1.00 47.73  ? 79  THR A C     1 
ATOM   598  O O     . THR A 1 79  ? 14.857  -0.543  -8.484  1.00 45.56  ? 79  THR A O     1 
ATOM   599  C CB    . THR A 1 79  ? 16.422  -3.182  -8.264  1.00 49.56  ? 79  THR A CB    1 
ATOM   600  O OG1   . THR A 1 79  ? 16.442  -2.591  -9.569  1.00 53.59  ? 79  THR A OG1   1 
ATOM   601  C CG2   . THR A 1 79  ? 15.325  -4.234  -8.214  1.00 52.98  ? 79  THR A CG2   1 
ATOM   602  N N     . TYR A 1 80  ? 13.802  -1.642  -6.836  1.00 46.14  ? 80  TYR A N     1 
ATOM   603  C CA    . TYR A 1 80  ? 12.505  -1.031  -7.119  1.00 44.92  ? 80  TYR A CA    1 
ATOM   604  C C     . TYR A 1 80  ? 12.217  0.283   -6.400  1.00 42.05  ? 80  TYR A C     1 
ATOM   605  O O     . TYR A 1 80  ? 11.416  1.084   -6.870  1.00 41.43  ? 80  TYR A O     1 
ATOM   606  C CB    . TYR A 1 80  ? 11.387  -2.019  -6.785  1.00 48.98  ? 80  TYR A CB    1 
ATOM   607  C CG    . TYR A 1 80  ? 11.482  -3.325  -7.531  1.00 53.41  ? 80  TYR A CG    1 
ATOM   608  C CD1   . TYR A 1 80  ? 11.198  -3.393  -8.897  1.00 55.91  ? 80  TYR A CD1   1 
ATOM   609  C CD2   . TYR A 1 80  ? 11.872  -4.491  -6.880  1.00 55.51  ? 80  TYR A CD2   1 
ATOM   610  C CE1   . TYR A 1 80  ? 11.302  -4.595  -9.593  1.00 57.54  ? 80  TYR A CE1   1 
ATOM   611  C CE2   . TYR A 1 80  ? 11.979  -5.696  -7.565  1.00 57.96  ? 80  TYR A CE2   1 
ATOM   612  C CZ    . TYR A 1 80  ? 11.691  -5.740  -8.920  1.00 58.73  ? 80  TYR A CZ    1 
ATOM   613  O OH    . TYR A 1 80  ? 11.799  -6.931  -9.602  1.00 60.27  ? 80  TYR A OH    1 
ATOM   614  N N     . TYR A 1 81  ? 12.873  0.503   -5.267  1.00 39.94  ? 81  TYR A N     1 
ATOM   615  C CA    . TYR A 1 81  ? 12.642  1.710   -4.477  1.00 36.90  ? 81  TYR A CA    1 
ATOM   616  C C     . TYR A 1 81  ? 12.786  3.038   -5.207  1.00 36.80  ? 81  TYR A C     1 
ATOM   617  O O     . TYR A 1 81  ? 11.931  3.913   -5.089  1.00 34.45  ? 81  TYR A O     1 
ATOM   618  C CB    . TYR A 1 81  ? 13.541  1.699   -3.235  1.00 35.20  ? 81  TYR A CB    1 
ATOM   619  C CG    . TYR A 1 81  ? 13.311  0.508   -2.330  1.00 33.74  ? 81  TYR A CG    1 
ATOM   620  C CD1   . TYR A 1 81  ? 12.068  -0.122  -2.282  1.00 34.27  ? 81  TYR A CD1   1 
ATOM   621  C CD2   . TYR A 1 81  ? 14.327  0.021   -1.509  1.00 34.70  ? 81  TYR A CD2   1 
ATOM   622  C CE1   . TYR A 1 81  ? 11.838  -1.206  -1.436  1.00 34.00  ? 81  TYR A CE1   1 
ATOM   623  C CE2   . TYR A 1 81  ? 14.109  -1.066  -0.660  1.00 34.53  ? 81  TYR A CE2   1 
ATOM   624  C CZ    . TYR A 1 81  ? 12.859  -1.671  -0.629  1.00 35.23  ? 81  TYR A CZ    1 
ATOM   625  O OH    . TYR A 1 81  ? 12.630  -2.734  0.215   1.00 36.50  ? 81  TYR A OH    1 
ATOM   626  N N     . THR A 1 82  ? 13.862  3.201   -5.964  1.00 38.18  ? 82  THR A N     1 
ATOM   627  C CA    . THR A 1 82  ? 14.068  4.451   -6.680  1.00 38.59  ? 82  THR A CA    1 
ATOM   628  C C     . THR A 1 82  ? 12.869  4.868   -7.531  1.00 36.66  ? 82  THR A C     1 
ATOM   629  O O     . THR A 1 82  ? 12.294  4.064   -8.270  1.00 34.25  ? 82  THR A O     1 
ATOM   630  C CB    . THR A 1 82  ? 15.334  4.377   -7.567  1.00 42.03  ? 82  THR A CB    1 
ATOM   631  O OG1   . THR A 1 82  ? 16.497  4.458   -6.733  1.00 47.77  ? 82  THR A OG1   1 
ATOM   632  C CG2   . THR A 1 82  ? 15.360  5.515   -8.576  1.00 46.43  ? 82  THR A CG2   1 
ATOM   633  N N     . ASN A 1 83  ? 12.496  6.139   -7.397  1.00 35.25  ? 83  ASN A N     1 
ATOM   634  C CA    . ASN A 1 83  ? 11.382  6.734   -8.131  1.00 35.32  ? 83  ASN A CA    1 
ATOM   635  C C     . ASN A 1 83  ? 9.991   6.328   -7.656  1.00 33.83  ? 83  ASN A C     1 
ATOM   636  O O     . ASN A 1 83  ? 8.992   6.709   -8.262  1.00 34.13  ? 83  ASN A O     1 
ATOM   637  C CB    . ASN A 1 83  ? 11.531  6.446   -9.627  1.00 37.40  ? 83  ASN A CB    1 
ATOM   638  C CG    . ASN A 1 83  ? 12.690  7.203   -10.243 1.00 39.69  ? 83  ASN A CG    1 
ATOM   639  O OD1   . ASN A 1 83  ? 13.373  6.698   -11.130 1.00 42.92  ? 83  ASN A OD1   1 
ATOM   640  N ND2   . ASN A 1 83  ? 12.909  8.428   -9.783  1.00 39.88  ? 83  ASN A ND2   1 
ATOM   641  N N     . THR A 1 84  ? 9.917   5.557   -6.578  1.00 32.95  ? 84  THR A N     1 
ATOM   642  C CA    . THR A 1 84  ? 8.619   5.158   -6.050  1.00 31.39  ? 84  THR A CA    1 
ATOM   643  C C     . THR A 1 84  ? 8.055   6.357   -5.296  1.00 30.33  ? 84  THR A C     1 
ATOM   644  O O     . THR A 1 84  ? 8.732   6.942   -4.447  1.00 29.58  ? 84  THR A O     1 
ATOM   645  C CB    . THR A 1 84  ? 8.741   3.953   -5.097  1.00 31.77  ? 84  THR A CB    1 
ATOM   646  O OG1   . THR A 1 84  ? 9.146   2.803   -5.850  1.00 30.99  ? 84  THR A OG1   1 
ATOM   647  C CG2   . THR A 1 84  ? 7.404   3.663   -4.410  1.00 30.15  ? 84  THR A CG2   1 
ATOM   648  N N     . GLU A 1 85  ? 6.825   6.736   -5.620  1.00 29.95  ? 85  GLU A N     1 
ATOM   649  C CA    . GLU A 1 85  ? 6.190   7.873   -4.972  1.00 30.34  ? 85  GLU A CA    1 
ATOM   650  C C     . GLU A 1 85  ? 5.499   7.498   -3.671  1.00 30.61  ? 85  GLU A C     1 
ATOM   651  O O     . GLU A 1 85  ? 5.499   8.275   -2.720  1.00 28.80  ? 85  GLU A O     1 
ATOM   652  C CB    . GLU A 1 85  ? 5.168   8.517   -5.912  1.00 34.09  ? 85  GLU A CB    1 
ATOM   653  C CG    . GLU A 1 85  ? 5.770   9.239   -7.096  1.00 39.42  ? 85  GLU A CG    1 
ATOM   654  C CD    . GLU A 1 85  ? 4.719   9.940   -7.927  1.00 43.93  ? 85  GLU A CD    1 
ATOM   655  O OE1   . GLU A 1 85  ? 3.848   9.242   -8.488  1.00 45.19  ? 85  GLU A OE1   1 
ATOM   656  O OE2   . GLU A 1 85  ? 4.759   11.186  -8.012  1.00 47.98  ? 85  GLU A OE2   1 
ATOM   657  N N     . PHE A 1 86  ? 4.906   6.311   -3.640  1.00 29.04  ? 86  PHE A N     1 
ATOM   658  C CA    . PHE A 1 86  ? 4.192   5.851   -2.454  1.00 27.99  ? 86  PHE A CA    1 
ATOM   659  C C     . PHE A 1 86  ? 4.431   4.384   -2.142  1.00 26.26  ? 86  PHE A C     1 
ATOM   660  O O     . PHE A 1 86  ? 4.510   3.548   -3.041  1.00 24.93  ? 86  PHE A O     1 
ATOM   661  C CB    . PHE A 1 86  ? 2.685   6.039   -2.639  1.00 27.61  ? 86  PHE A CB    1 
ATOM   662  C CG    . PHE A 1 86  ? 2.245   7.470   -2.727  1.00 28.69  ? 86  PHE A CG    1 
ATOM   663  C CD1   . PHE A 1 86  ? 2.097   8.234   -1.576  1.00 28.47  ? 86  PHE A CD1   1 
ATOM   664  C CD2   . PHE A 1 86  ? 1.956   8.047   -3.958  1.00 28.62  ? 86  PHE A CD2   1 
ATOM   665  C CE1   . PHE A 1 86  ? 1.669   9.555   -1.653  1.00 28.27  ? 86  PHE A CE1   1 
ATOM   666  C CE2   . PHE A 1 86  ? 1.529   9.365   -4.044  1.00 28.82  ? 86  PHE A CE2   1 
ATOM   667  C CZ    . PHE A 1 86  ? 1.382   10.119  -2.888  1.00 29.37  ? 86  PHE A CZ    1 
ATOM   668  N N     . VAL A 1 87  ? 4.565   4.079   -0.856  1.00 26.25  ? 87  VAL A N     1 
ATOM   669  C CA    . VAL A 1 87  ? 4.717   2.707   -0.410  1.00 23.96  ? 87  VAL A CA    1 
ATOM   670  C C     . VAL A 1 87  ? 3.404   2.419   0.309   1.00 24.86  ? 87  VAL A C     1 
ATOM   671  O O     . VAL A 1 87  ? 3.076   3.077   1.301   1.00 24.20  ? 87  VAL A O     1 
ATOM   672  C CB    . VAL A 1 87  ? 5.870   2.523   0.599   1.00 26.10  ? 87  VAL A CB    1 
ATOM   673  C CG1   . VAL A 1 87  ? 5.773   1.141   1.235   1.00 24.96  ? 87  VAL A CG1   1 
ATOM   674  C CG2   . VAL A 1 87  ? 7.216   2.682   -0.108  1.00 26.19  ? 87  VAL A CG2   1 
ATOM   675  N N     . ILE A 1 88  ? 2.644   1.459   -0.207  1.00 22.83  ? 88  ILE A N     1 
ATOM   676  C CA    . ILE A 1 88  ? 1.376   1.086   0.404   1.00 23.18  ? 88  ILE A CA    1 
ATOM   677  C C     . ILE A 1 88  ? 1.597   -0.187  1.200   1.00 23.72  ? 88  ILE A C     1 
ATOM   678  O O     . ILE A 1 88  ? 1.987   -1.217  0.646   1.00 24.64  ? 88  ILE A O     1 
ATOM   679  C CB    . ILE A 1 88  ? 0.283   0.808   -0.655  1.00 22.06  ? 88  ILE A CB    1 
ATOM   680  C CG1   . ILE A 1 88  ? 0.004   2.068   -1.474  1.00 22.53  ? 88  ILE A CG1   1 
ATOM   681  C CG2   . ILE A 1 88  ? -1.007  0.342   0.038   1.00 21.01  ? 88  ILE A CG2   1 
ATOM   682  C CD1   . ILE A 1 88  ? -0.966  1.836   -2.617  1.00 23.60  ? 88  ILE A CD1   1 
ATOM   683  N N     . VAL A 1 89  ? 1.357   -0.119  2.504   1.00 24.31  ? 89  VAL A N     1 
ATOM   684  C CA    . VAL A 1 89  ? 1.525   -1.284  3.365   1.00 22.12  ? 89  VAL A CA    1 
ATOM   685  C C     . VAL A 1 89  ? 0.150   -1.779  3.778   1.00 20.52  ? 89  VAL A C     1 
ATOM   686  O O     . VAL A 1 89  ? -0.603  -1.067  4.432   1.00 18.94  ? 89  VAL A O     1 
ATOM   687  C CB    . VAL A 1 89  ? 2.338   -0.951  4.634   1.00 25.07  ? 89  VAL A CB    1 
ATOM   688  C CG1   . VAL A 1 89  ? 2.435   -2.177  5.526   1.00 24.82  ? 89  VAL A CG1   1 
ATOM   689  C CG2   . VAL A 1 89  ? 3.730   -0.476  4.247   1.00 25.98  ? 89  VAL A CG2   1 
ATOM   690  N N     . VAL A 1 90  ? -0.184  -3.003  3.386   1.00 20.18  ? 90  VAL A N     1 
ATOM   691  C CA    . VAL A 1 90  ? -1.475  -3.567  3.721   1.00 18.23  ? 90  VAL A CA    1 
ATOM   692  C C     . VAL A 1 90  ? -1.307  -4.397  4.985   1.00 20.02  ? 90  VAL A C     1 
ATOM   693  O O     . VAL A 1 90  ? -0.436  -5.273  5.060   1.00 20.94  ? 90  VAL A O     1 
ATOM   694  C CB    . VAL A 1 90  ? -2.012  -4.438  2.567   1.00 17.73  ? 90  VAL A CB    1 
ATOM   695  C CG1   . VAL A 1 90  ? -3.415  -4.927  2.894   1.00 14.90  ? 90  VAL A CG1   1 
ATOM   696  C CG2   . VAL A 1 90  ? -2.006  -3.629  1.264   1.00 14.72  ? 90  VAL A CG2   1 
ATOM   697  N N     . VAL A 1 91  ? -2.143  -4.107  5.974   1.00 21.27  ? 91  VAL A N     1 
ATOM   698  C CA    . VAL A 1 91  ? -2.102  -4.779  7.269   1.00 19.56  ? 91  VAL A CA    1 
ATOM   699  C C     . VAL A 1 91  ? -3.375  -5.557  7.565   1.00 20.01  ? 91  VAL A C     1 
ATOM   700  O O     . VAL A 1 91  ? -4.474  -5.017  7.441   1.00 18.21  ? 91  VAL A O     1 
ATOM   701  C CB    . VAL A 1 91  ? -1.933  -3.746  8.410   1.00 21.41  ? 91  VAL A CB    1 
ATOM   702  C CG1   . VAL A 1 91  ? -1.967  -4.443  9.761   1.00 21.24  ? 91  VAL A CG1   1 
ATOM   703  C CG2   . VAL A 1 91  ? -0.654  -2.962  8.225   1.00 20.20  ? 91  VAL A CG2   1 
ATOM   704  N N     . ASP A 1 92  ? -3.231  -6.820  7.957   1.00 18.84  ? 92  ASP A N     1 
ATOM   705  C CA    . ASP A 1 92  ? -4.386  -7.631  8.312   1.00 19.34  ? 92  ASP A CA    1 
ATOM   706  C C     . ASP A 1 92  ? -4.736  -7.204  9.745   1.00 19.62  ? 92  ASP A C     1 
ATOM   707  O O     . ASP A 1 92  ? -4.022  -7.547  10.687  1.00 19.20  ? 92  ASP A O     1 
ATOM   708  C CB    . ASP A 1 92  ? -4.028  -9.123  8.285   1.00 20.61  ? 92  ASP A CB    1 
ATOM   709  C CG    . ASP A 1 92  ? -5.194  -10.013 8.693   1.00 22.38  ? 92  ASP A CG    1 
ATOM   710  O OD1   . ASP A 1 92  ? -6.232  -9.479  9.147   1.00 23.32  ? 92  ASP A OD1   1 
ATOM   711  O OD2   . ASP A 1 92  ? -5.067  -11.249 8.568   1.00 25.18  ? 92  ASP A OD2   1 
ATOM   712  N N     . SER A 1 93  ? -5.828  -6.459  9.901   1.00 19.93  ? 93  SER A N     1 
ATOM   713  C CA    . SER A 1 93  ? -6.250  -5.965  11.214  1.00 19.54  ? 93  SER A CA    1 
ATOM   714  C C     . SER A 1 93  ? -6.593  -7.042  12.244  1.00 21.22  ? 93  SER A C     1 
ATOM   715  O O     . SER A 1 93  ? -6.659  -6.762  13.441  1.00 21.90  ? 93  SER A O     1 
ATOM   716  C CB    . SER A 1 93  ? -7.450  -5.028  11.045  1.00 19.57  ? 93  SER A CB    1 
ATOM   717  O OG    . SER A 1 93  ? -7.130  -3.930  10.204  1.00 19.70  ? 93  SER A OG    1 
ATOM   718  N N     . THR A 1 94  ? -6.808  -8.273  11.795  1.00 21.00  ? 94  THR A N     1 
ATOM   719  C CA    . THR A 1 94  ? -7.161  -9.359  12.700  1.00 21.22  ? 94  THR A CA    1 
ATOM   720  C C     . THR A 1 94  ? -5.949  -10.163 13.174  1.00 21.95  ? 94  THR A C     1 
ATOM   721  O O     . THR A 1 94  ? -6.091  -11.080 13.989  1.00 21.94  ? 94  THR A O     1 
ATOM   722  C CB    . THR A 1 94  ? -8.117  -10.361 12.023  1.00 21.92  ? 94  THR A CB    1 
ATOM   723  O OG1   . THR A 1 94  ? -7.395  -11.103 11.031  1.00 22.16  ? 94  THR A OG1   1 
ATOM   724  C CG2   . THR A 1 94  ? -9.269  -9.630  11.341  1.00 21.10  ? 94  THR A CG2   1 
ATOM   725  N N     . ASP A 1 95  ? -4.764  -9.818  12.669  1.00 22.68  ? 95  ASP A N     1 
ATOM   726  C CA    . ASP A 1 95  ? -3.553  -10.560 13.022  1.00 23.31  ? 95  ASP A CA    1 
ATOM   727  C C     . ASP A 1 95  ? -2.655  -9.879  14.056  1.00 21.70  ? 95  ASP A C     1 
ATOM   728  O O     . ASP A 1 95  ? -1.681  -9.203  13.702  1.00 21.42  ? 95  ASP A O     1 
ATOM   729  C CB    . ASP A 1 95  ? -2.739  -10.845 11.750  1.00 23.96  ? 95  ASP A CB    1 
ATOM   730  C CG    . ASP A 1 95  ? -1.869  -12.086 11.877  1.00 26.45  ? 95  ASP A CG    1 
ATOM   731  O OD1   . ASP A 1 95  ? -1.669  -12.564 13.013  1.00 26.16  ? 95  ASP A OD1   1 
ATOM   732  O OD2   . ASP A 1 95  ? -1.381  -12.581 10.841  1.00 24.71  ? 95  ASP A OD2   1 
ATOM   733  N N     . ARG A 1 96  ? -2.979  -10.068 15.326  1.00 22.64  ? 96  ARG A N     1 
ATOM   734  C CA    . ARG A 1 96  ? -2.189  -9.477  16.403  1.00 23.13  ? 96  ARG A CA    1 
ATOM   735  C C     . ARG A 1 96  ? -0.843  -10.182 16.506  1.00 22.78  ? 96  ARG A C     1 
ATOM   736  O O     . ARG A 1 96  ? 0.161   -9.585  16.896  1.00 23.32  ? 96  ARG A O     1 
ATOM   737  C CB    . ARG A 1 96  ? -2.951  -9.582  17.733  1.00 21.18  ? 96  ARG A CB    1 
ATOM   738  C CG    . ARG A 1 96  ? -4.187  -8.671  17.802  1.00 18.69  ? 96  ARG A CG    1 
ATOM   739  C CD    . ARG A 1 96  ? -4.922  -8.793  19.139  1.00 20.17  ? 96  ARG A CD    1 
ATOM   740  N NE    . ARG A 1 96  ? -5.992  -7.802  19.264  1.00 21.79  ? 96  ARG A NE    1 
ATOM   741  C CZ    . ARG A 1 96  ? -7.158  -7.864  18.630  1.00 23.38  ? 96  ARG A CZ    1 
ATOM   742  N NH1   . ARG A 1 96  ? -7.433  -8.884  17.826  1.00 22.33  ? 96  ARG A NH1   1 
ATOM   743  N NH2   . ARG A 1 96  ? -8.053  -6.892  18.780  1.00 21.13  ? 96  ARG A NH2   1 
ATOM   744  N N     . GLU A 1 97  ? -0.825  -11.452 16.130  1.00 23.29  ? 97  GLU A N     1 
ATOM   745  C CA    . GLU A 1 97  ? 0.384   -12.270 16.190  1.00 25.00  ? 97  GLU A CA    1 
ATOM   746  C C     . GLU A 1 97  ? 1.500   -11.801 15.264  1.00 25.08  ? 97  GLU A C     1 
ATOM   747  O O     . GLU A 1 97  ? 2.674   -11.879 15.622  1.00 24.59  ? 97  GLU A O     1 
ATOM   748  C CB    . GLU A 1 97  ? 0.053   -13.732 15.868  1.00 26.77  ? 97  GLU A CB    1 
ATOM   749  C CG    . GLU A 1 97  ? 1.275   -14.653 15.818  1.00 32.11  ? 97  GLU A CG    1 
ATOM   750  C CD    . GLU A 1 97  ? 0.934   -16.100 15.464  1.00 34.55  ? 97  GLU A CD    1 
ATOM   751  O OE1   . GLU A 1 97  ? -0.083  -16.336 14.773  1.00 35.08  ? 97  GLU A OE1   1 
ATOM   752  O OE2   . GLU A 1 97  ? 1.701   -17.001 15.862  1.00 36.50  ? 97  GLU A OE2   1 
ATOM   753  N N     . ARG A 1 98  ? 1.142   -11.292 14.087  1.00 24.64  ? 98  ARG A N     1 
ATOM   754  C CA    . ARG A 1 98  ? 2.159   -10.877 13.128  1.00 25.06  ? 98  ARG A CA    1 
ATOM   755  C C     . ARG A 1 98  ? 2.345   -9.385  12.879  1.00 24.42  ? 98  ARG A C     1 
ATOM   756  O O     . ARG A 1 98  ? 3.141   -9.002  12.026  1.00 23.72  ? 98  ARG A O     1 
ATOM   757  C CB    . ARG A 1 98  ? 1.909   -11.599 11.796  1.00 26.38  ? 98  ARG A CB    1 
ATOM   758  C CG    . ARG A 1 98  ? 1.704   -13.106 11.960  1.00 28.74  ? 98  ARG A CG    1 
ATOM   759  C CD    . ARG A 1 98  ? 1.783   -13.863 10.633  1.00 30.24  ? 98  ARG A CD    1 
ATOM   760  N NE    . ARG A 1 98  ? 1.709   -15.313 10.831  1.00 32.92  ? 98  ARG A NE    1 
ATOM   761  C CZ    . ARG A 1 98  ? 0.586   -16.000 11.004  1.00 34.12  ? 98  ARG A CZ    1 
ATOM   762  N NH1   . ARG A 1 98  ? -0.587  -15.377 11.010  1.00 31.51  ? 98  ARG A NH1   1 
ATOM   763  N NH2   . ARG A 1 98  ? 0.630   -17.315 11.188  1.00 33.86  ? 98  ARG A NH2   1 
ATOM   764  N N     . ILE A 1 99  ? 1.646   -8.535  13.623  1.00 23.33  ? 99  ILE A N     1 
ATOM   765  C CA    . ILE A 1 99  ? 1.807   -7.108  13.393  1.00 24.15  ? 99  ILE A CA    1 
ATOM   766  C C     . ILE A 1 99  ? 3.264   -6.695  13.636  1.00 23.51  ? 99  ILE A C     1 
ATOM   767  O O     . ILE A 1 99  ? 3.766   -5.770  13.006  1.00 24.02  ? 99  ILE A O     1 
ATOM   768  C CB    . ILE A 1 99  ? 0.822   -6.260  14.264  1.00 25.70  ? 99  ILE A CB    1 
ATOM   769  C CG1   . ILE A 1 99  ? 0.949   -4.779  13.895  1.00 27.60  ? 99  ILE A CG1   1 
ATOM   770  C CG2   . ILE A 1 99  ? 1.101   -6.460  15.754  1.00 23.00  ? 99  ILE A CG2   1 
ATOM   771  C CD1   . ILE A 1 99  ? 0.672   -4.480  12.436  1.00 32.83  ? 99  ILE A CD1   1 
ATOM   772  N N     . SER A 1 100 ? 3.952   -7.398  14.534  1.00 23.70  ? 100 SER A N     1 
ATOM   773  C CA    . SER A 1 100 ? 5.354   -7.086  14.806  1.00 23.91  ? 100 SER A CA    1 
ATOM   774  C C     . SER A 1 100 ? 6.223   -7.375  13.576  1.00 24.56  ? 100 SER A C     1 
ATOM   775  O O     . SER A 1 100 ? 7.232   -6.707  13.341  1.00 23.85  ? 100 SER A O     1 
ATOM   776  C CB    . SER A 1 100 ? 5.857   -7.902  16.003  1.00 23.65  ? 100 SER A CB    1 
ATOM   777  O OG    . SER A 1 100 ? 5.461   -9.259  15.912  1.00 23.83  ? 100 SER A OG    1 
ATOM   778  N N     . VAL A 1 101 ? 5.831   -8.375  12.793  1.00 25.64  ? 101 VAL A N     1 
ATOM   779  C CA    . VAL A 1 101 ? 6.585   -8.722  11.593  1.00 24.95  ? 101 VAL A CA    1 
ATOM   780  C C     . VAL A 1 101 ? 6.453   -7.581  10.588  1.00 24.95  ? 101 VAL A C     1 
ATOM   781  O O     . VAL A 1 101 ? 7.440   -7.162  9.980   1.00 25.75  ? 101 VAL A O     1 
ATOM   782  C CB    . VAL A 1 101 ? 6.069   -10.044 10.976  1.00 24.90  ? 101 VAL A CB    1 
ATOM   783  C CG1   . VAL A 1 101 ? 6.912   -10.427 9.757   1.00 25.67  ? 101 VAL A CG1   1 
ATOM   784  C CG2   . VAL A 1 101 ? 6.131   -11.159 12.020  1.00 25.80  ? 101 VAL A CG2   1 
ATOM   785  N N     . THR A 1 102 ? 5.240   -7.065  10.426  1.00 24.67  ? 102 THR A N     1 
ATOM   786  C CA    . THR A 1 102 ? 5.006   -5.958  9.502   1.00 23.57  ? 102 THR A CA    1 
ATOM   787  C C     . THR A 1 102 ? 5.850   -4.765  9.938   1.00 23.49  ? 102 THR A C     1 
ATOM   788  O O     . THR A 1 102 ? 6.486   -4.107  9.116   1.00 22.44  ? 102 THR A O     1 
ATOM   789  C CB    . THR A 1 102 ? 3.508   -5.538  9.480   1.00 24.53  ? 102 THR A CB    1 
ATOM   790  O OG1   . THR A 1 102 ? 2.708   -6.601  8.939   1.00 23.29  ? 102 THR A OG1   1 
ATOM   791  C CG2   . THR A 1 102 ? 3.322   -4.286  8.627   1.00 25.22  ? 102 THR A CG2   1 
ATOM   792  N N     . ARG A 1 103 ? 5.856   -4.494  11.238  1.00 22.47  ? 103 ARG A N     1 
ATOM   793  C CA    . ARG A 1 103 ? 6.621   -3.381  11.784  1.00 23.10  ? 103 ARG A CA    1 
ATOM   794  C C     . ARG A 1 103 ? 8.116   -3.515  11.519  1.00 24.53  ? 103 ARG A C     1 
ATOM   795  O O     . ARG A 1 103 ? 8.768   -2.559  11.096  1.00 23.41  ? 103 ARG A O     1 
ATOM   796  C CB    . ARG A 1 103 ? 6.385   -3.271  13.293  1.00 22.89  ? 103 ARG A CB    1 
ATOM   797  C CG    . ARG A 1 103 ? 7.228   -2.208  13.967  1.00 24.35  ? 103 ARG A CG    1 
ATOM   798  C CD    . ARG A 1 103 ? 6.862   -2.093  15.434  1.00 25.90  ? 103 ARG A CD    1 
ATOM   799  N NE    . ARG A 1 103 ? 7.765   -1.205  16.155  1.00 23.66  ? 103 ARG A NE    1 
ATOM   800  C CZ    . ARG A 1 103 ? 7.510   -0.706  17.357  1.00 25.58  ? 103 ARG A CZ    1 
ATOM   801  N NH1   . ARG A 1 103 ? 6.375   -1.010  17.970  1.00 24.58  ? 103 ARG A NH1   1 
ATOM   802  N NH2   . ARG A 1 103 ? 8.395   0.085   17.947  1.00 26.39  ? 103 ARG A NH2   1 
ATOM   803  N N     . GLU A 1 104 ? 8.658   -4.697  11.783  1.00 26.59  ? 104 GLU A N     1 
ATOM   804  C CA    . GLU A 1 104 ? 10.080  -4.937  11.562  1.00 29.87  ? 104 GLU A CA    1 
ATOM   805  C C     . GLU A 1 104 ? 10.442  -4.698  10.095  1.00 28.60  ? 104 GLU A C     1 
ATOM   806  O O     . GLU A 1 104 ? 11.395  -3.977  9.780   1.00 26.63  ? 104 GLU A O     1 
ATOM   807  C CB    . GLU A 1 104 ? 10.443  -6.373  11.945  1.00 33.57  ? 104 GLU A CB    1 
ATOM   808  C CG    . GLU A 1 104 ? 11.918  -6.689  11.762  1.00 43.37  ? 104 GLU A CG    1 
ATOM   809  C CD    . GLU A 1 104 ? 12.264  -8.115  12.125  1.00 48.02  ? 104 GLU A CD    1 
ATOM   810  O OE1   . GLU A 1 104 ? 11.335  -8.900  12.411  1.00 52.33  ? 104 GLU A OE1   1 
ATOM   811  O OE2   . GLU A 1 104 ? 13.467  -8.451  12.123  1.00 50.64  ? 104 GLU A OE2   1 
ATOM   812  N N     . GLU A 1 105 ? 9.671   -5.301  9.197   1.00 29.37  ? 105 GLU A N     1 
ATOM   813  C CA    . GLU A 1 105 ? 9.915   -5.160  7.769   1.00 29.81  ? 105 GLU A CA    1 
ATOM   814  C C     . GLU A 1 105 ? 9.735   -3.727  7.293   1.00 29.14  ? 105 GLU A C     1 
ATOM   815  O O     . GLU A 1 105 ? 10.513  -3.231  6.482   1.00 29.20  ? 105 GLU A O     1 
ATOM   816  C CB    . GLU A 1 105 ? 8.990   -6.096  6.998   1.00 31.77  ? 105 GLU A CB    1 
ATOM   817  C CG    . GLU A 1 105 ? 9.202   -7.567  7.331   1.00 36.20  ? 105 GLU A CG    1 
ATOM   818  C CD    . GLU A 1 105 ? 10.645  -8.001  7.136   1.00 39.40  ? 105 GLU A CD    1 
ATOM   819  O OE1   . GLU A 1 105 ? 11.233  -7.648  6.091   1.00 37.47  ? 105 GLU A OE1   1 
ATOM   820  O OE2   . GLU A 1 105 ? 11.190  -8.698  8.023   1.00 41.06  ? 105 GLU A OE2   1 
ATOM   821  N N     . LEU A 1 106 ? 8.704   -3.058  7.802   1.00 28.28  ? 106 LEU A N     1 
ATOM   822  C CA    . LEU A 1 106 ? 8.435   -1.679  7.419   1.00 28.02  ? 106 LEU A CA    1 
ATOM   823  C C     . LEU A 1 106 ? 9.634   -0.772  7.664   1.00 28.74  ? 106 LEU A C     1 
ATOM   824  O O     . LEU A 1 106 ? 10.049  -0.007  6.783   1.00 27.85  ? 106 LEU A O     1 
ATOM   825  C CB    . LEU A 1 106 ? 7.236   -1.133  8.199   1.00 27.74  ? 106 LEU A CB    1 
ATOM   826  C CG    . LEU A 1 106 ? 7.031   0.382   8.067   1.00 27.70  ? 106 LEU A CG    1 
ATOM   827  C CD1   . LEU A 1 106 ? 6.886   0.757   6.600   1.00 27.48  ? 106 LEU A CD1   1 
ATOM   828  C CD2   . LEU A 1 106 ? 5.808   0.809   8.860   1.00 25.90  ? 106 LEU A CD2   1 
ATOM   829  N N     . TYR A 1 107 ? 10.190  -0.848  8.869   1.00 28.24  ? 107 TYR A N     1 
ATOM   830  C CA    . TYR A 1 107 ? 11.327  -0.017  9.212   1.00 28.90  ? 107 TYR A CA    1 
ATOM   831  C C     . TYR A 1 107 ? 12.605  -0.428  8.476   1.00 29.37  ? 107 TYR A C     1 
ATOM   832  O O     . TYR A 1 107 ? 13.493  0.402   8.285   1.00 30.68  ? 107 TYR A O     1 
ATOM   833  C CB    . TYR A 1 107 ? 11.504  0.005   10.736  1.00 27.44  ? 107 TYR A CB    1 
ATOM   834  C CG    . TYR A 1 107 ? 10.453  0.874   11.405  1.00 27.80  ? 107 TYR A CG    1 
ATOM   835  C CD1   . TYR A 1 107 ? 10.561  2.266   11.380  1.00 29.68  ? 107 TYR A CD1   1 
ATOM   836  C CD2   . TYR A 1 107 ? 9.308   0.315   11.968  1.00 28.81  ? 107 TYR A CD2   1 
ATOM   837  C CE1   . TYR A 1 107 ? 9.548   3.081   11.898  1.00 29.69  ? 107 TYR A CE1   1 
ATOM   838  C CE2   . TYR A 1 107 ? 8.287   1.121   12.486  1.00 28.99  ? 107 TYR A CE2   1 
ATOM   839  C CZ    . TYR A 1 107 ? 8.416   2.500   12.445  1.00 30.83  ? 107 TYR A CZ    1 
ATOM   840  O OH    . TYR A 1 107 ? 7.410   3.298   12.947  1.00 32.03  ? 107 TYR A OH    1 
ATOM   841  N N     . LYS A 1 108 ? 12.702  -1.681  8.051   1.00 30.47  ? 108 LYS A N     1 
ATOM   842  C CA    . LYS A 1 108 ? 13.887  -2.108  7.301   1.00 31.67  ? 108 LYS A CA    1 
ATOM   843  C C     . LYS A 1 108 ? 13.833  -1.511  5.901   1.00 32.38  ? 108 LYS A C     1 
ATOM   844  O O     . LYS A 1 108 ? 14.863  -1.316  5.260   1.00 31.34  ? 108 LYS A O     1 
ATOM   845  C CB    . LYS A 1 108 ? 13.974  -3.631  7.204   1.00 30.93  ? 108 LYS A CB    1 
ATOM   846  C CG    . LYS A 1 108 ? 14.460  -4.294  8.478   1.00 32.89  ? 108 LYS A CG    1 
ATOM   847  C CD    . LYS A 1 108 ? 14.853  -5.738  8.249   1.00 34.12  ? 108 LYS A CD    1 
ATOM   848  C CE    . LYS A 1 108 ? 15.348  -6.358  9.549   1.00 36.86  ? 108 LYS A CE    1 
ATOM   849  N NZ    . LYS A 1 108 ? 16.039  -7.659  9.338   1.00 39.67  ? 108 LYS A NZ    1 
ATOM   850  N N     . MET A 1 109 ? 12.620  -1.217  5.437   1.00 33.31  ? 109 MET A N     1 
ATOM   851  C CA    . MET A 1 109 ? 12.419  -0.629  4.118   1.00 33.86  ? 109 MET A CA    1 
ATOM   852  C C     . MET A 1 109 ? 12.646  0.878   4.137   1.00 35.11  ? 109 MET A C     1 
ATOM   853  O O     . MET A 1 109 ? 13.305  1.424   3.255   1.00 35.70  ? 109 MET A O     1 
ATOM   854  C CB    . MET A 1 109 ? 11.002  -0.911  3.614   1.00 33.58  ? 109 MET A CB    1 
ATOM   855  C CG    . MET A 1 109 ? 10.756  -2.337  3.157   1.00 32.71  ? 109 MET A CG    1 
ATOM   856  S SD    . MET A 1 109 ? 9.043   -2.574  2.589   1.00 36.67  ? 109 MET A SD    1 
ATOM   857  C CE    . MET A 1 109 ? 8.945   -1.384  1.273   1.00 30.54  ? 109 MET A CE    1 
ATOM   858  N N     . LEU A 1 110 ? 12.096  1.547   5.148   1.00 36.51  ? 110 LEU A N     1 
ATOM   859  C CA    . LEU A 1 110 ? 12.228  2.996   5.267   1.00 37.46  ? 110 LEU A CA    1 
ATOM   860  C C     . LEU A 1 110 ? 13.665  3.467   5.496   1.00 37.86  ? 110 LEU A C     1 
ATOM   861  O O     . LEU A 1 110 ? 13.958  4.653   5.350   1.00 38.86  ? 110 LEU A O     1 
ATOM   862  C CB    . LEU A 1 110 ? 11.337  3.513   6.402   1.00 38.32  ? 110 LEU A CB    1 
ATOM   863  C CG    . LEU A 1 110 ? 9.823   3.361   6.203   1.00 39.15  ? 110 LEU A CG    1 
ATOM   864  C CD1   . LEU A 1 110 ? 9.094   3.887   7.428   1.00 40.10  ? 110 LEU A CD1   1 
ATOM   865  C CD2   . LEU A 1 110 ? 9.386   4.120   4.957   1.00 39.56  ? 110 LEU A CD2   1 
ATOM   866  N N     . ALA A 1 111 ? 14.551  2.547   5.857   1.00 37.71  ? 111 ALA A N     1 
ATOM   867  C CA    . ALA A 1 111 ? 15.949  2.896   6.092   1.00 39.41  ? 111 ALA A CA    1 
ATOM   868  C C     . ALA A 1 111 ? 16.686  3.087   4.767   1.00 40.11  ? 111 ALA A C     1 
ATOM   869  O O     . ALA A 1 111 ? 17.736  3.728   4.715   1.00 41.81  ? 111 ALA A O     1 
ATOM   870  C CB    . ALA A 1 111 ? 16.628  1.814   6.920   1.00 38.23  ? 111 ALA A CB    1 
ATOM   871  N N     . HIS A 1 112 ? 16.119  2.529   3.699   1.00 40.49  ? 112 HIS A N     1 
ATOM   872  C CA    . HIS A 1 112 ? 16.715  2.643   2.374   1.00 40.83  ? 112 HIS A CA    1 
ATOM   873  C C     . HIS A 1 112 ? 16.537  4.048   1.820   1.00 42.67  ? 112 HIS A C     1 
ATOM   874  O O     . HIS A 1 112 ? 15.421  4.501   1.568   1.00 41.11  ? 112 HIS A O     1 
ATOM   875  C CB    . HIS A 1 112 ? 16.091  1.609   1.437   1.00 40.57  ? 112 HIS A CB    1 
ATOM   876  C CG    . HIS A 1 112 ? 16.448  0.202   1.789   1.00 40.12  ? 112 HIS A CG    1 
ATOM   877  N ND1   . HIS A 1 112 ? 17.626  -0.389  1.380   1.00 40.68  ? 112 HIS A ND1   1 
ATOM   878  C CD2   . HIS A 1 112 ? 15.815  -0.714  2.559   1.00 39.39  ? 112 HIS A CD2   1 
ATOM   879  C CE1   . HIS A 1 112 ? 17.702  -1.609  1.888   1.00 40.93  ? 112 HIS A CE1   1 
ATOM   880  N NE2   . HIS A 1 112 ? 16.616  -1.829  2.608   1.00 40.21  ? 112 HIS A NE2   1 
ATOM   881  N N     . GLU A 1 113 ? 17.659  4.734   1.641   1.00 45.49  ? 113 GLU A N     1 
ATOM   882  C CA    . GLU A 1 113 ? 17.673  6.095   1.131   1.00 46.61  ? 113 GLU A CA    1 
ATOM   883  C C     . GLU A 1 113 ? 16.938  6.267   -0.196  1.00 42.83  ? 113 GLU A C     1 
ATOM   884  O O     . GLU A 1 113 ? 16.498  7.367   -0.528  1.00 38.69  ? 113 GLU A O     1 
ATOM   885  C CB    . GLU A 1 113 ? 19.121  6.591   1.011   1.00 52.89  ? 113 GLU A CB    1 
ATOM   886  C CG    . GLU A 1 113 ? 20.117  5.575   0.454   1.00 67.65  ? 113 GLU A CG    1 
ATOM   887  C CD    . GLU A 1 113 ? 20.306  4.362   1.352   1.00 74.58  ? 113 GLU A CD    1 
ATOM   888  O OE1   . GLU A 1 113 ? 20.436  4.539   2.583   1.00 77.58  ? 113 GLU A OE1   1 
ATOM   889  O OE2   . GLU A 1 113 ? 20.333  3.230   0.826   1.00 77.67  ? 113 GLU A OE2   1 
ATOM   890  N N     . ASP A 1 114 ? 16.792  5.186   -0.956  1.00 40.35  ? 114 ASP A N     1 
ATOM   891  C CA    . ASP A 1 114 ? 16.084  5.289   -2.223  1.00 39.35  ? 114 ASP A CA    1 
ATOM   892  C C     . ASP A 1 114 ? 14.577  5.506   -2.037  1.00 38.53  ? 114 ASP A C     1 
ATOM   893  O O     . ASP A 1 114 ? 13.871  5.796   -3.001  1.00 38.53  ? 114 ASP A O     1 
ATOM   894  C CB    . ASP A 1 114 ? 16.350  4.055   -3.094  1.00 41.17  ? 114 ASP A CB    1 
ATOM   895  C CG    . ASP A 1 114 ? 17.754  4.049   -3.684  1.00 44.60  ? 114 ASP A CG    1 
ATOM   896  O OD1   . ASP A 1 114 ? 18.313  5.147   -3.881  1.00 45.93  ? 114 ASP A OD1   1 
ATOM   897  O OD2   . ASP A 1 114 ? 18.293  2.959   -3.965  1.00 45.80  ? 114 ASP A OD2   1 
ATOM   898  N N     . LEU A 1 115 ? 14.090  5.368   -0.809  1.00 37.94  ? 115 LEU A N     1 
ATOM   899  C CA    . LEU A 1 115 ? 12.670  5.587   -0.520  1.00 37.47  ? 115 LEU A CA    1 
ATOM   900  C C     . LEU A 1 115 ? 12.489  6.886   0.256   1.00 39.77  ? 115 LEU A C     1 
ATOM   901  O O     . LEU A 1 115 ? 11.431  7.144   0.825   1.00 38.66  ? 115 LEU A O     1 
ATOM   902  C CB    . LEU A 1 115 ? 12.092  4.431   0.301   1.00 35.43  ? 115 LEU A CB    1 
ATOM   903  C CG    . LEU A 1 115 ? 11.840  3.085   -0.379  1.00 33.79  ? 115 LEU A CG    1 
ATOM   904  C CD1   . LEU A 1 115 ? 11.289  2.114   0.651   1.00 31.85  ? 115 LEU A CD1   1 
ATOM   905  C CD2   . LEU A 1 115 ? 10.851  3.248   -1.531  1.00 33.31  ? 115 LEU A CD2   1 
ATOM   906  N N     . ARG A 1 116 ? 13.538  7.705   0.270   1.00 43.12  ? 116 ARG A N     1 
ATOM   907  C CA    . ARG A 1 116 ? 13.527  8.980   0.984   1.00 45.42  ? 116 ARG A CA    1 
ATOM   908  C C     . ARG A 1 116 ? 12.294  9.852   0.742   1.00 43.81  ? 116 ARG A C     1 
ATOM   909  O O     . ARG A 1 116 ? 11.725  10.397  1.684   1.00 42.08  ? 116 ARG A O     1 
ATOM   910  C CB    . ARG A 1 116 ? 14.778  9.790   0.627   1.00 50.40  ? 116 ARG A CB    1 
ATOM   911  C CG    . ARG A 1 116 ? 14.903  11.120  1.364   1.00 60.92  ? 116 ARG A CG    1 
ATOM   912  C CD    . ARG A 1 116 ? 16.129  11.902  0.900   1.00 67.71  ? 116 ARG A CD    1 
ATOM   913  N NE    . ARG A 1 116 ? 15.866  12.743  -0.268  1.00 71.31  ? 116 ARG A NE    1 
ATOM   914  C CZ    . ARG A 1 116 ? 16.784  13.099  -1.153  1.00 73.65  ? 116 ARG A CZ    1 
ATOM   915  N NH1   . ARG A 1 116 ? 18.038  12.687  -1.018  1.00 74.44  ? 116 ARG A NH1   1 
ATOM   916  N NH2   . ARG A 1 116 ? 16.462  13.882  -2.176  1.00 74.37  ? 116 ARG A NH2   1 
ATOM   917  N N     . LYS A 1 117 ? 11.879  9.974   -0.520  1.00 42.23  ? 117 LYS A N     1 
ATOM   918  C CA    . LYS A 1 117 ? 10.741  10.824  -0.876  1.00 41.17  ? 117 LYS A CA    1 
ATOM   919  C C     . LYS A 1 117 ? 9.376   10.147  -0.967  1.00 38.21  ? 117 LYS A C     1 
ATOM   920  O O     . LYS A 1 117 ? 8.382   10.808  -1.251  1.00 37.83  ? 117 LYS A O     1 
ATOM   921  C CB    . LYS A 1 117 ? 11.018  11.524  -2.213  1.00 44.17  ? 117 LYS A CB    1 
ATOM   922  C CG    . LYS A 1 117 ? 12.366  12.217  -2.294  1.00 50.86  ? 117 LYS A CG    1 
ATOM   923  C CD    . LYS A 1 117 ? 12.582  12.898  -3.640  1.00 54.68  ? 117 LYS A CD    1 
ATOM   924  C CE    . LYS A 1 117 ? 11.724  14.149  -3.787  1.00 57.42  ? 117 LYS A CE    1 
ATOM   925  N NZ    . LYS A 1 117 ? 12.089  14.936  -5.004  1.00 59.36  ? 117 LYS A NZ    1 
ATOM   926  N N     . ALA A 1 118 ? 9.316   8.842   -0.731  1.00 33.89  ? 118 ALA A N     1 
ATOM   927  C CA    . ALA A 1 118 ? 8.045   8.135   -0.825  1.00 30.91  ? 118 ALA A CA    1 
ATOM   928  C C     . ALA A 1 118 ? 7.080   8.442   0.310   1.00 28.95  ? 118 ALA A C     1 
ATOM   929  O O     . ALA A 1 118 ? 7.492   8.654   1.451   1.00 29.99  ? 118 ALA A O     1 
ATOM   930  C CB    . ALA A 1 118 ? 8.288   6.630   -0.898  1.00 27.88  ? 118 ALA A CB    1 
ATOM   931  N N     . GLY A 1 119 ? 5.791   8.480   -0.018  1.00 28.74  ? 119 GLY A N     1 
ATOM   932  C CA    . GLY A 1 119 ? 4.768   8.714   0.982   1.00 28.85  ? 119 GLY A CA    1 
ATOM   933  C C     . GLY A 1 119 ? 4.356   7.335   1.460   1.00 28.08  ? 119 GLY A C     1 
ATOM   934  O O     . GLY A 1 119 ? 4.451   6.372   0.705   1.00 28.64  ? 119 GLY A O     1 
ATOM   935  N N     . LEU A 1 120 ? 3.894   7.223   2.697   1.00 26.26  ? 120 LEU A N     1 
ATOM   936  C CA    . LEU A 1 120 ? 3.499   5.926   3.232   1.00 26.82  ? 120 LEU A CA    1 
ATOM   937  C C     . LEU A 1 120 ? 2.006   5.836   3.537   1.00 24.82  ? 120 LEU A C     1 
ATOM   938  O O     . LEU A 1 120 ? 1.490   6.552   4.393   1.00 22.82  ? 120 LEU A O     1 
ATOM   939  C CB    . LEU A 1 120 ? 4.313   5.628   4.500   1.00 29.37  ? 120 LEU A CB    1 
ATOM   940  C CG    . LEU A 1 120 ? 4.120   4.306   5.248   1.00 33.16  ? 120 LEU A CG    1 
ATOM   941  C CD1   . LEU A 1 120 ? 4.583   3.129   4.395   1.00 33.83  ? 120 LEU A CD1   1 
ATOM   942  C CD2   . LEU A 1 120 ? 4.918   4.364   6.539   1.00 34.12  ? 120 LEU A CD2   1 
ATOM   943  N N     . LEU A 1 121 ? 1.312   4.965   2.816   1.00 22.70  ? 121 LEU A N     1 
ATOM   944  C CA    . LEU A 1 121 ? -0.108  4.759   3.042   1.00 23.03  ? 121 LEU A CA    1 
ATOM   945  C C     . LEU A 1 121 ? -0.261  3.399   3.711   1.00 22.55  ? 121 LEU A C     1 
ATOM   946  O O     . LEU A 1 121 ? 0.146   2.381   3.149   1.00 23.95  ? 121 LEU A O     1 
ATOM   947  C CB    . LEU A 1 121 ? -0.884  4.782   1.719   1.00 22.30  ? 121 LEU A CB    1 
ATOM   948  C CG    . LEU A 1 121 ? -2.384  4.466   1.772   1.00 21.75  ? 121 LEU A CG    1 
ATOM   949  C CD1   . LEU A 1 121 ? -3.091  5.418   2.735   1.00 19.85  ? 121 LEU A CD1   1 
ATOM   950  C CD2   . LEU A 1 121 ? -2.979  4.581   0.376   1.00 20.84  ? 121 LEU A CD2   1 
ATOM   951  N N     . ILE A 1 122 ? -0.812  3.387   4.916   1.00 21.52  ? 122 ILE A N     1 
ATOM   952  C CA    . ILE A 1 122 ? -1.029  2.144   5.643   1.00 21.50  ? 122 ILE A CA    1 
ATOM   953  C C     . ILE A 1 122 ? -2.513  1.803   5.584   1.00 21.15  ? 122 ILE A C     1 
ATOM   954  O O     . ILE A 1 122 ? -3.347  2.524   6.128   1.00 19.24  ? 122 ILE A O     1 
ATOM   955  C CB    . ILE A 1 122 ? -0.617  2.256   7.144   1.00 21.66  ? 122 ILE A CB    1 
ATOM   956  C CG1   . ILE A 1 122 ? 0.870   2.614   7.280   1.00 24.70  ? 122 ILE A CG1   1 
ATOM   957  C CG2   . ILE A 1 122 ? -0.868  0.935   7.852   1.00 23.01  ? 122 ILE A CG2   1 
ATOM   958  C CD1   . ILE A 1 122 ? 1.190   4.054   6.933   1.00 28.98  ? 122 ILE A CD1   1 
ATOM   959  N N     . PHE A 1 123 ? -2.846  0.723   4.885   1.00 19.78  ? 123 PHE A N     1 
ATOM   960  C CA    . PHE A 1 123 ? -4.232  0.292   4.802   1.00 18.82  ? 123 PHE A CA    1 
ATOM   961  C C     . PHE A 1 123 ? -4.467  -0.704  5.921   1.00 18.50  ? 123 PHE A C     1 
ATOM   962  O O     . PHE A 1 123 ? -3.894  -1.795  5.913   1.00 18.43  ? 123 PHE A O     1 
ATOM   963  C CB    . PHE A 1 123 ? -4.536  -0.395  3.461   1.00 18.44  ? 123 PHE A CB    1 
ATOM   964  C CG    . PHE A 1 123 ? -5.025  0.538   2.378   1.00 19.17  ? 123 PHE A CG    1 
ATOM   965  C CD1   . PHE A 1 123 ? -6.122  1.370   2.594   1.00 20.51  ? 123 PHE A CD1   1 
ATOM   966  C CD2   . PHE A 1 123 ? -4.425  0.539   1.123   1.00 21.36  ? 123 PHE A CD2   1 
ATOM   967  C CE1   . PHE A 1 123 ? -6.616  2.191   1.569   1.00 18.63  ? 123 PHE A CE1   1 
ATOM   968  C CE2   . PHE A 1 123 ? -4.912  1.353   0.093   1.00 20.34  ? 123 PHE A CE2   1 
ATOM   969  C CZ    . PHE A 1 123 ? -6.007  2.180   0.317   1.00 20.01  ? 123 PHE A CZ    1 
ATOM   970  N N     . ALA A 1 124 ? -5.281  -0.317  6.903   1.00 16.53  ? 124 ALA A N     1 
ATOM   971  C CA    . ALA A 1 124 ? -5.632  -1.210  8.013   1.00 17.95  ? 124 ALA A CA    1 
ATOM   972  C C     . ALA A 1 124 ? -6.818  -1.985  7.441   1.00 16.01  ? 124 ALA A C     1 
ATOM   973  O O     . ALA A 1 124 ? -7.977  -1.576  7.588   1.00 16.31  ? 124 ALA A O     1 
ATOM   974  C CB    . ALA A 1 124 ? -6.065  -0.397  9.229   1.00 15.96  ? 124 ALA A CB    1 
ATOM   975  N N     . ASN A 1 125 ? -6.518  -3.093  6.774   1.00 18.97  ? 125 ASN A N     1 
ATOM   976  C CA    . ASN A 1 125 ? -7.531  -3.904  6.110   1.00 17.00  ? 125 ASN A CA    1 
ATOM   977  C C     . ASN A 1 125 ? -8.287  -4.876  7.013   1.00 17.78  ? 125 ASN A C     1 
ATOM   978  O O     . ASN A 1 125 ? -7.868  -5.157  8.131   1.00 18.35  ? 125 ASN A O     1 
ATOM   979  C CB    . ASN A 1 125 ? -6.874  -4.647  4.938   1.00 16.56  ? 125 ASN A CB    1 
ATOM   980  C CG    . ASN A 1 125 ? -7.883  -5.183  3.939   1.00 16.90  ? 125 ASN A CG    1 
ATOM   981  O OD1   . ASN A 1 125 ? -8.887  -4.532  3.647   1.00 15.93  ? 125 ASN A OD1   1 
ATOM   982  N ND2   . ASN A 1 125 ? -7.610  -6.364  3.391   1.00 15.70  ? 125 ASN A ND2   1 
ATOM   983  N N     . LYS A 1 126 ? -9.405  -5.382  6.506   1.00 18.11  ? 126 LYS A N     1 
ATOM   984  C CA    . LYS A 1 126 ? -10.253 -6.317  7.243   1.00 17.92  ? 126 LYS A CA    1 
ATOM   985  C C     . LYS A 1 126 ? -10.825 -5.666  8.504   1.00 18.02  ? 126 LYS A C     1 
ATOM   986  O O     . LYS A 1 126 ? -11.003 -6.323  9.535   1.00 17.13  ? 126 LYS A O     1 
ATOM   987  C CB    . LYS A 1 126 ? -9.453  -7.581  7.614   1.00 18.95  ? 126 LYS A CB    1 
ATOM   988  C CG    . LYS A 1 126 ? -8.688  -8.186  6.425   1.00 19.60  ? 126 LYS A CG    1 
ATOM   989  C CD    . LYS A 1 126 ? -8.284  -9.643  6.655   1.00 19.67  ? 126 LYS A CD    1 
ATOM   990  C CE    . LYS A 1 126 ? -7.515  -10.185 5.455   1.00 20.97  ? 126 LYS A CE    1 
ATOM   991  N NZ    . LYS A 1 126 ? -7.226  -11.638 5.545   1.00 21.43  ? 126 LYS A NZ    1 
ATOM   992  N N     . GLN A 1 127 ? -11.125 -4.366  8.414   1.00 18.73  ? 127 GLN A N     1 
ATOM   993  C CA    . GLN A 1 127 ? -11.687 -3.633  9.540   1.00 18.96  ? 127 GLN A CA    1 
ATOM   994  C C     . GLN A 1 127 ? -13.160 -3.988  9.730   1.00 20.46  ? 127 GLN A C     1 
ATOM   995  O O     . GLN A 1 127 ? -13.807 -3.531  10.672  1.00 19.94  ? 127 GLN A O     1 
ATOM   996  C CB    . GLN A 1 127 ? -11.524 -2.120  9.336   1.00 17.55  ? 127 GLN A CB    1 
ATOM   997  C CG    . GLN A 1 127 ? -10.144 -1.583  9.749   1.00 14.26  ? 127 GLN A CG    1 
ATOM   998  C CD    . GLN A 1 127 ? -9.950  -1.586  11.252  1.00 15.10  ? 127 GLN A CD    1 
ATOM   999  O OE1   . GLN A 1 127 ? -10.785 -1.076  11.999  1.00 17.48  ? 127 GLN A OE1   1 
ATOM   1000 N NE2   . GLN A 1 127 ? -8.842  -2.159  11.710  1.00 13.49  ? 127 GLN A NE2   1 
ATOM   1001 N N     . ASP A 1 128 ? -13.680 -4.806  8.818   1.00 20.08  ? 128 ASP A N     1 
ATOM   1002 C CA    . ASP A 1 128 ? -15.064 -5.269  8.886   1.00 21.43  ? 128 ASP A CA    1 
ATOM   1003 C C     . ASP A 1 128 ? -15.190 -6.438  9.864   1.00 22.69  ? 128 ASP A C     1 
ATOM   1004 O O     . ASP A 1 128 ? -16.285 -6.773  10.310  1.00 24.18  ? 128 ASP A O     1 
ATOM   1005 C CB    . ASP A 1 128 ? -15.512 -5.753  7.509   1.00 22.23  ? 128 ASP A CB    1 
ATOM   1006 C CG    . ASP A 1 128 ? -14.632 -6.873  6.984   1.00 25.30  ? 128 ASP A CG    1 
ATOM   1007 O OD1   . ASP A 1 128 ? -13.429 -6.623  6.762   1.00 22.90  ? 128 ASP A OD1   1 
ATOM   1008 O OD2   . ASP A 1 128 ? -15.134 -8.004  6.799   1.00 24.40  ? 128 ASP A OD2   1 
ATOM   1009 N N     . VAL A 1 129 ? -14.060 -7.065  10.193  1.00 21.88  ? 129 VAL A N     1 
ATOM   1010 C CA    . VAL A 1 129 ? -14.044 -8.217  11.085  1.00 22.65  ? 129 VAL A CA    1 
ATOM   1011 C C     . VAL A 1 129 ? -14.129 -7.854  12.564  1.00 24.60  ? 129 VAL A C     1 
ATOM   1012 O O     . VAL A 1 129 ? -13.349 -7.044  13.066  1.00 22.97  ? 129 VAL A O     1 
ATOM   1013 C CB    . VAL A 1 129 ? -12.780 -9.070  10.850  1.00 21.50  ? 129 VAL A CB    1 
ATOM   1014 C CG1   . VAL A 1 129 ? -12.783 -10.294 11.771  1.00 21.17  ? 129 VAL A CG1   1 
ATOM   1015 C CG2   . VAL A 1 129 ? -12.719 -9.508  9.390   1.00 21.71  ? 129 VAL A CG2   1 
ATOM   1016 N N     . LYS A 1 130 ? -15.087 -8.464  13.254  1.00 25.12  ? 130 LYS A N     1 
ATOM   1017 C CA    . LYS A 1 130 ? -15.278 -8.198  14.672  1.00 28.83  ? 130 LYS A CA    1 
ATOM   1018 C C     . LYS A 1 130 ? -14.059 -8.546  15.507  1.00 29.02  ? 130 LYS A C     1 
ATOM   1019 O O     . LYS A 1 130 ? -13.356 -9.522  15.238  1.00 24.87  ? 130 LYS A O     1 
ATOM   1020 C CB    . LYS A 1 130 ? -16.481 -8.963  15.222  1.00 33.00  ? 130 LYS A CB    1 
ATOM   1021 C CG    . LYS A 1 130 ? -17.819 -8.424  14.765  1.00 40.90  ? 130 LYS A CG    1 
ATOM   1022 C CD    . LYS A 1 130 ? -18.938 -8.959  15.635  1.00 47.14  ? 130 LYS A CD    1 
ATOM   1023 C CE    . LYS A 1 130 ? -20.194 -9.180  14.815  1.00 51.01  ? 130 LYS A CE    1 
ATOM   1024 N NZ    . LYS A 1 130 ? -21.378 -8.479  15.376  1.00 54.08  ? 130 LYS A NZ    1 
ATOM   1025 N N     . GLU A 1 131 ? -13.811 -7.720  16.515  1.00 34.21  ? 131 GLU A N     1 
ATOM   1026 C CA    . GLU A 1 131 ? -12.695 -7.910  17.428  1.00 40.17  ? 131 GLU A CA    1 
ATOM   1027 C C     . GLU A 1 131 ? -11.339 -7.643  16.781  1.00 33.19  ? 131 GLU A C     1 
ATOM   1028 O O     . GLU A 1 131 ? -10.307 -7.928  17.376  1.00 27.30  ? 131 GLU A O     1 
ATOM   1029 C CB    . GLU A 1 131 ? -12.728 -9.330  18.001  1.00 54.67  ? 131 GLU A CB    1 
ATOM   1030 C CG    . GLU A 1 131 ? -11.808 -9.555  19.189  1.00 85.52  ? 131 GLU A CG    1 
ATOM   1031 C CD    . GLU A 1 131 ? -12.250 -8.793  20.424  1.00 99.41  ? 131 GLU A CD    1 
ATOM   1032 O OE1   . GLU A 1 131 ? -13.263 -8.067  20.351  1.00 105.39 ? 131 GLU A OE1   1 
ATOM   1033 O OE2   . GLU A 1 131 ? -11.583 -8.922  21.471  1.00 106.28 ? 131 GLU A OE2   1 
ATOM   1034 N N     . CYS A 1 132 ? -11.342 -7.107  15.564  1.00 27.48  ? 132 CYS A N     1 
ATOM   1035 C CA    . CYS A 1 132 ? -10.081 -6.813  14.890  1.00 23.05  ? 132 CYS A CA    1 
ATOM   1036 C C     . CYS A 1 132 ? -9.401  -5.661  15.631  1.00 21.48  ? 132 CYS A C     1 
ATOM   1037 O O     . CYS A 1 132 ? -10.039 -4.969  16.433  1.00 22.38  ? 132 CYS A O     1 
ATOM   1038 C CB    . CYS A 1 132 ? -10.327 -6.404  13.435  1.00 20.97  ? 132 CYS A CB    1 
ATOM   1039 S SG    . CYS A 1 132 ? -11.163 -4.818  13.241  1.00 22.30  ? 132 CYS A SG    1 
ATOM   1040 N N     . MET A 1 133 ? -8.111  -5.463  15.389  1.00 21.37  ? 133 MET A N     1 
ATOM   1041 C CA    . MET A 1 133 ? -7.399  -4.364  16.034  1.00 20.72  ? 133 MET A CA    1 
ATOM   1042 C C     . MET A 1 133 ? -7.981  -3.047  15.510  1.00 22.08  ? 133 MET A C     1 
ATOM   1043 O O     . MET A 1 133 ? -8.384  -2.967  14.346  1.00 19.71  ? 133 MET A O     1 
ATOM   1044 C CB    . MET A 1 133 ? -5.911  -4.417  15.697  1.00 20.81  ? 133 MET A CB    1 
ATOM   1045 C CG    . MET A 1 133 ? -5.164  -5.637  16.238  1.00 16.94  ? 133 MET A CG    1 
ATOM   1046 S SD    . MET A 1 133 ? -3.404  -5.541  15.840  1.00 24.48  ? 133 MET A SD    1 
ATOM   1047 C CE    . MET A 1 133 ? -3.423  -5.998  14.141  1.00 18.13  ? 133 MET A CE    1 
ATOM   1048 N N     . THR A 1 134 ? -8.035  -2.020  16.351  1.00 19.45  ? 134 THR A N     1 
ATOM   1049 C CA    . THR A 1 134 ? -8.553  -0.730  15.902  1.00 19.66  ? 134 THR A CA    1 
ATOM   1050 C C     . THR A 1 134 ? -7.447  -0.031  15.130  1.00 21.10  ? 134 THR A C     1 
ATOM   1051 O O     . THR A 1 134 ? -6.285  -0.420  15.201  1.00 18.29  ? 134 THR A O     1 
ATOM   1052 C CB    . THR A 1 134 ? -8.944  0.196   17.074  1.00 20.75  ? 134 THR A CB    1 
ATOM   1053 O OG1   . THR A 1 134 ? -7.773  0.501   17.841  1.00 20.28  ? 134 THR A OG1   1 
ATOM   1054 C CG2   . THR A 1 134 ? -9.997  -0.456  17.960  1.00 17.03  ? 134 THR A CG2   1 
ATOM   1055 N N     . VAL A 1 135 ? -7.803  1.020   14.390  1.00 20.10  ? 135 VAL A N     1 
ATOM   1056 C CA    . VAL A 1 135 ? -6.810  1.760   13.631  1.00 21.03  ? 135 VAL A CA    1 
ATOM   1057 C C     . VAL A 1 135 ? -5.780  2.375   14.584  1.00 21.13  ? 135 VAL A C     1 
ATOM   1058 O O     . VAL A 1 135 ? -4.585  2.377   14.295  1.00 19.86  ? 135 VAL A O     1 
ATOM   1059 C CB    . VAL A 1 135 ? -7.476  2.867   12.772  1.00 22.11  ? 135 VAL A CB    1 
ATOM   1060 C CG1   . VAL A 1 135 ? -6.425  3.824   12.230  1.00 23.15  ? 135 VAL A CG1   1 
ATOM   1061 C CG2   . VAL A 1 135 ? -8.234  2.216   11.616  1.00 23.07  ? 135 VAL A CG2   1 
ATOM   1062 N N     . ALA A 1 136 ? -6.242  2.891   15.725  1.00 20.95  ? 136 ALA A N     1 
ATOM   1063 C CA    . ALA A 1 136 ? -5.343  3.492   16.707  1.00 19.98  ? 136 ALA A CA    1 
ATOM   1064 C C     . ALA A 1 136 ? -4.343  2.449   17.199  1.00 19.28  ? 136 ALA A C     1 
ATOM   1065 O O     . ALA A 1 136 ? -3.155  2.741   17.352  1.00 20.93  ? 136 ALA A O     1 
ATOM   1066 C CB    . ALA A 1 136 ? -6.142  4.044   17.894  1.00 21.61  ? 136 ALA A CB    1 
ATOM   1067 N N     . GLU A 1 137 ? -4.824  1.240   17.455  1.00 18.40  ? 137 GLU A N     1 
ATOM   1068 C CA    . GLU A 1 137 ? -3.947  0.166   17.916  1.00 20.58  ? 137 GLU A CA    1 
ATOM   1069 C C     . GLU A 1 137 ? -2.889  -0.181  16.871  1.00 20.97  ? 137 GLU A C     1 
ATOM   1070 O O     . GLU A 1 137 ? -1.719  -0.374  17.197  1.00 21.14  ? 137 GLU A O     1 
ATOM   1071 C CB    . GLU A 1 137 ? -4.762  -1.081  18.249  1.00 19.37  ? 137 GLU A CB    1 
ATOM   1072 C CG    . GLU A 1 137 ? -5.561  -0.974  19.538  1.00 22.58  ? 137 GLU A CG    1 
ATOM   1073 C CD    . GLU A 1 137 ? -6.327  -2.244  19.836  1.00 23.55  ? 137 GLU A CD    1 
ATOM   1074 O OE1   . GLU A 1 137 ? -7.059  -2.711  18.946  1.00 21.78  ? 137 GLU A OE1   1 
ATOM   1075 O OE2   . GLU A 1 137 ? -6.205  -2.783  20.955  1.00 25.05  ? 137 GLU A OE2   1 
ATOM   1076 N N     . ILE A 1 138 ? -3.297  -0.268  15.611  1.00 20.24  ? 138 ILE A N     1 
ATOM   1077 C CA    . ILE A 1 138 ? -2.355  -0.592  14.550  1.00 20.45  ? 138 ILE A CA    1 
ATOM   1078 C C     . ILE A 1 138 ? -1.293  0.501   14.437  1.00 20.48  ? 138 ILE A C     1 
ATOM   1079 O O     . ILE A 1 138 ? -0.116  0.209   14.256  1.00 21.33  ? 138 ILE A O     1 
ATOM   1080 C CB    . ILE A 1 138 ? -3.096  -0.803  13.206  1.00 19.05  ? 138 ILE A CB    1 
ATOM   1081 C CG1   . ILE A 1 138 ? -3.969  -2.060  13.311  1.00 20.13  ? 138 ILE A CG1   1 
ATOM   1082 C CG2   . ILE A 1 138 ? -2.096  -0.958  12.068  1.00 17.30  ? 138 ILE A CG2   1 
ATOM   1083 C CD1   . ILE A 1 138 ? -4.981  -2.224  12.183  1.00 21.34  ? 138 ILE A CD1   1 
ATOM   1084 N N     . SER A 1 139 ? -1.706  1.758   14.558  1.00 21.25  ? 139 SER A N     1 
ATOM   1085 C CA    . SER A 1 139 ? -0.761  2.868   14.488  1.00 21.62  ? 139 SER A CA    1 
ATOM   1086 C C     . SER A 1 139 ? 0.232   2.724   15.647  1.00 23.12  ? 139 SER A C     1 
ATOM   1087 O O     . SER A 1 139 ? 1.444   2.833   15.456  1.00 22.34  ? 139 SER A O     1 
ATOM   1088 C CB    . SER A 1 139 ? -1.500  4.205   14.592  1.00 23.41  ? 139 SER A CB    1 
ATOM   1089 O OG    . SER A 1 139 ? -0.611  5.303   14.480  1.00 26.58  ? 139 SER A OG    1 
ATOM   1090 N N     . GLN A 1 140 ? -0.294  2.460   16.843  1.00 22.14  ? 140 GLN A N     1 
ATOM   1091 C CA    . GLN A 1 140 ? 0.540   2.299   18.034  1.00 23.33  ? 140 GLN A CA    1 
ATOM   1092 C C     . GLN A 1 140 ? 1.518   1.129   17.920  1.00 23.31  ? 140 GLN A C     1 
ATOM   1093 O O     . GLN A 1 140 ? 2.709   1.270   18.199  1.00 23.48  ? 140 GLN A O     1 
ATOM   1094 C CB    . GLN A 1 140 ? -0.342  2.098   19.274  1.00 21.78  ? 140 GLN A CB    1 
ATOM   1095 C CG    . GLN A 1 140 ? -1.151  3.318   19.680  1.00 26.84  ? 140 GLN A CG    1 
ATOM   1096 C CD    . GLN A 1 140 ? -2.067  3.035   20.859  1.00 27.74  ? 140 GLN A CD    1 
ATOM   1097 O OE1   . GLN A 1 140 ? -2.988  2.223   20.761  1.00 29.89  ? 140 GLN A OE1   1 
ATOM   1098 N NE2   . GLN A 1 140 ? -1.813  3.699   21.981  1.00 26.48  ? 140 GLN A NE2   1 
ATOM   1099 N N     . PHE A 1 141 ? 1.017   -0.031  17.511  1.00 23.67  ? 141 PHE A N     1 
ATOM   1100 C CA    . PHE A 1 141 ? 1.860   -1.210  17.386  1.00 24.61  ? 141 PHE A CA    1 
ATOM   1101 C C     . PHE A 1 141 ? 2.864   -1.133  16.240  1.00 25.60  ? 141 PHE A C     1 
ATOM   1102 O O     . PHE A 1 141 ? 3.814   -1.919  16.193  1.00 25.84  ? 141 PHE A O     1 
ATOM   1103 C CB    . PHE A 1 141 ? 0.985   -2.460  17.289  1.00 24.17  ? 141 PHE A CB    1 
ATOM   1104 C CG    . PHE A 1 141 ? 0.453   -2.915  18.619  1.00 26.01  ? 141 PHE A CG    1 
ATOM   1105 C CD1   . PHE A 1 141 ? 1.118   -3.893  19.352  1.00 26.47  ? 141 PHE A CD1   1 
ATOM   1106 C CD2   . PHE A 1 141 ? -0.665  -2.305  19.178  1.00 24.47  ? 141 PHE A CD2   1 
ATOM   1107 C CE1   . PHE A 1 141 ? 0.679   -4.249  20.631  1.00 27.81  ? 141 PHE A CE1   1 
ATOM   1108 C CE2   . PHE A 1 141 ? -1.109  -2.650  20.452  1.00 26.18  ? 141 PHE A CE2   1 
ATOM   1109 C CZ    . PHE A 1 141 ? -0.436  -3.626  21.178  1.00 26.62  ? 141 PHE A CZ    1 
ATOM   1110 N N     . LEU A 1 142 ? 2.655   -0.197  15.321  1.00 24.24  ? 142 LEU A N     1 
ATOM   1111 C CA    . LEU A 1 142 ? 3.590   -0.014  14.211  1.00 25.65  ? 142 LEU A CA    1 
ATOM   1112 C C     . LEU A 1 142 ? 4.432   1.216   14.539  1.00 27.19  ? 142 LEU A C     1 
ATOM   1113 O O     . LEU A 1 142 ? 5.361   1.553   13.798  1.00 27.47  ? 142 LEU A O     1 
ATOM   1114 C CB    . LEU A 1 142 ? 2.860   0.207   12.879  1.00 24.29  ? 142 LEU A CB    1 
ATOM   1115 C CG    . LEU A 1 142 ? 2.102   -0.956  12.235  1.00 22.87  ? 142 LEU A CG    1 
ATOM   1116 C CD1   . LEU A 1 142 ? 1.555   -0.515  10.876  1.00 23.80  ? 142 LEU A CD1   1 
ATOM   1117 C CD2   . LEU A 1 142 ? 3.031   -2.143  12.055  1.00 24.39  ? 142 LEU A CD2   1 
ATOM   1118 N N     . LYS A 1 143 ? 4.093   1.880   15.640  1.00 28.61  ? 143 LYS A N     1 
ATOM   1119 C CA    . LYS A 1 143 ? 4.809   3.077   16.094  1.00 31.07  ? 143 LYS A CA    1 
ATOM   1120 C C     . LYS A 1 143 ? 4.923   4.114   14.977  1.00 30.28  ? 143 LYS A C     1 
ATOM   1121 O O     . LYS A 1 143 ? 5.983   4.714   14.781  1.00 30.18  ? 143 LYS A O     1 
ATOM   1122 C CB    . LYS A 1 143 ? 6.211   2.685   16.566  1.00 33.88  ? 143 LYS A CB    1 
ATOM   1123 C CG    . LYS A 1 143 ? 6.927   3.733   17.396  1.00 40.83  ? 143 LYS A CG    1 
ATOM   1124 C CD    . LYS A 1 143 ? 6.559   3.624   18.861  1.00 45.54  ? 143 LYS A CD    1 
ATOM   1125 C CE    . LYS A 1 143 ? 7.481   4.482   19.709  1.00 48.85  ? 143 LYS A CE    1 
ATOM   1126 N NZ    . LYS A 1 143 ? 8.902   4.256   19.327  1.00 52.78  ? 143 LYS A NZ    1 
ATOM   1127 N N     . LEU A 1 144 ? 3.829   4.343   14.258  1.00 28.93  ? 144 LEU A N     1 
ATOM   1128 C CA    . LEU A 1 144 ? 3.827   5.290   13.149  1.00 26.99  ? 144 LEU A CA    1 
ATOM   1129 C C     . LEU A 1 144 ? 4.254   6.713   13.501  1.00 28.00  ? 144 LEU A C     1 
ATOM   1130 O O     . LEU A 1 144 ? 4.880   7.386   12.683  1.00 25.33  ? 144 LEU A O     1 
ATOM   1131 C CB    . LEU A 1 144 ? 2.447   5.305   12.475  1.00 24.57  ? 144 LEU A CB    1 
ATOM   1132 C CG    . LEU A 1 144 ? 2.010   3.954   11.885  1.00 24.73  ? 144 LEU A CG    1 
ATOM   1133 C CD1   . LEU A 1 144 ? 0.648   4.086   11.223  1.00 24.74  ? 144 LEU A CD1   1 
ATOM   1134 C CD2   . LEU A 1 144 ? 3.039   3.480   10.875  1.00 23.36  ? 144 LEU A CD2   1 
ATOM   1135 N N     . THR A 1 145 ? 3.924   7.177   14.704  1.00 27.80  ? 145 THR A N     1 
ATOM   1136 C CA    . THR A 1 145 ? 4.306   8.535   15.088  1.00 30.80  ? 145 THR A CA    1 
ATOM   1137 C C     . THR A 1 145 ? 5.825   8.728   15.104  1.00 32.44  ? 145 THR A C     1 
ATOM   1138 O O     . THR A 1 145 ? 6.315   9.859   15.067  1.00 33.76  ? 145 THR A O     1 
ATOM   1139 C CB    . THR A 1 145 ? 3.734   8.917   16.472  1.00 31.11  ? 145 THR A CB    1 
ATOM   1140 O OG1   . THR A 1 145 ? 4.131   7.945   17.448  1.00 29.94  ? 145 THR A OG1   1 
ATOM   1141 C CG2   . THR A 1 145 ? 2.215   8.989   16.411  1.00 33.10  ? 145 THR A CG2   1 
ATOM   1142 N N     . SER A 1 146 ? 6.567   7.627   15.151  1.00 32.74  ? 146 SER A N     1 
ATOM   1143 C CA    . SER A 1 146 ? 8.026   7.687   15.159  1.00 34.51  ? 146 SER A CA    1 
ATOM   1144 C C     . SER A 1 146 ? 8.556   8.108   13.789  1.00 35.20  ? 146 SER A C     1 
ATOM   1145 O O     . SER A 1 146 ? 9.714   8.506   13.652  1.00 35.56  ? 146 SER A O     1 
ATOM   1146 C CB    . SER A 1 146 ? 8.618   6.322   15.506  1.00 34.71  ? 146 SER A CB    1 
ATOM   1147 O OG    . SER A 1 146 ? 8.605   5.469   14.376  1.00 36.02  ? 146 SER A OG    1 
ATOM   1148 N N     . ILE A 1 147 ? 7.704   8.008   12.772  1.00 35.14  ? 147 ILE A N     1 
ATOM   1149 C CA    . ILE A 1 147 ? 8.086   8.367   11.409  1.00 34.78  ? 147 ILE A CA    1 
ATOM   1150 C C     . ILE A 1 147 ? 7.974   9.871   11.184  1.00 36.61  ? 147 ILE A C     1 
ATOM   1151 O O     . ILE A 1 147 ? 6.897   10.390  10.895  1.00 35.95  ? 147 ILE A O     1 
ATOM   1152 C CB    . ILE A 1 147 ? 7.204   7.608   10.396  1.00 33.00  ? 147 ILE A CB    1 
ATOM   1153 C CG1   . ILE A 1 147 ? 7.417   6.102   10.575  1.00 30.84  ? 147 ILE A CG1   1 
ATOM   1154 C CG2   . ILE A 1 147 ? 7.544   8.035   8.973   1.00 31.50  ? 147 ILE A CG2   1 
ATOM   1155 C CD1   . ILE A 1 147 ? 6.397   5.237   9.871   1.00 30.17  ? 147 ILE A CD1   1 
ATOM   1156 N N     . LYS A 1 148 ? 9.108   10.560  11.314  1.00 40.59  ? 148 LYS A N     1 
ATOM   1157 C CA    . LYS A 1 148 ? 9.176   12.012  11.159  1.00 44.10  ? 148 LYS A CA    1 
ATOM   1158 C C     . LYS A 1 148 ? 9.631   12.465  9.770   1.00 44.36  ? 148 LYS A C     1 
ATOM   1159 O O     . LYS A 1 148 ? 9.335   13.588  9.355   1.00 43.77  ? 148 LYS A O     1 
ATOM   1160 C CB    . LYS A 1 148 ? 10.150  12.595  12.189  1.00 46.83  ? 148 LYS A CB    1 
ATOM   1161 C CG    . LYS A 1 148 ? 9.968   12.084  13.606  1.00 52.69  ? 148 LYS A CG    1 
ATOM   1162 C CD    . LYS A 1 148 ? 8.812   12.755  14.320  1.00 56.08  ? 148 LYS A CD    1 
ATOM   1163 C CE    . LYS A 1 148 ? 8.632   12.160  15.706  1.00 59.25  ? 148 LYS A CE    1 
ATOM   1164 N NZ    . LYS A 1 148 ? 9.945   11.857  16.348  1.00 61.21  ? 148 LYS A NZ    1 
ATOM   1165 N N     . ASP A 1 149 ? 10.347  11.598  9.059   1.00 43.94  ? 149 ASP A N     1 
ATOM   1166 C CA    . ASP A 1 149 ? 10.874  11.934  7.735   1.00 44.22  ? 149 ASP A CA    1 
ATOM   1167 C C     . ASP A 1 149 ? 10.028  11.616  6.501   1.00 42.87  ? 149 ASP A C     1 
ATOM   1168 O O     . ASP A 1 149 ? 10.397  12.000  5.390   1.00 43.71  ? 149 ASP A O     1 
ATOM   1169 C CB    . ASP A 1 149 ? 12.274  11.328  7.571   1.00 46.61  ? 149 ASP A CB    1 
ATOM   1170 C CG    . ASP A 1 149 ? 12.389  9.919   8.137   1.00 48.36  ? 149 ASP A CG    1 
ATOM   1171 O OD1   . ASP A 1 149 ? 11.365  9.347   8.573   1.00 48.66  ? 149 ASP A OD1   1 
ATOM   1172 O OD2   . ASP A 1 149 ? 13.517  9.382   8.147   1.00 47.70  ? 149 ASP A OD2   1 
ATOM   1173 N N     . HIS A 1 150 ? 8.915   10.913  6.676   1.00 40.11  ? 150 HIS A N     1 
ATOM   1174 C CA    . HIS A 1 150 ? 8.037   10.606  5.546   1.00 35.98  ? 150 HIS A CA    1 
ATOM   1175 C C     . HIS A 1 150 ? 6.620   11.035  5.887   1.00 34.44  ? 150 HIS A C     1 
ATOM   1176 O O     . HIS A 1 150 ? 6.242   11.058  7.059   1.00 33.92  ? 150 HIS A O     1 
ATOM   1177 C CB    . HIS A 1 150 ? 7.981   9.105   5.231   1.00 33.40  ? 150 HIS A CB    1 
ATOM   1178 C CG    . HIS A 1 150 ? 9.270   8.513   4.754   1.00 29.99  ? 150 HIS A CG    1 
ATOM   1179 N ND1   . HIS A 1 150 ? 10.267  8.106   5.612   1.00 29.80  ? 150 HIS A ND1   1 
ATOM   1180 C CD2   . HIS A 1 150 ? 9.693   8.196   3.508   1.00 29.03  ? 150 HIS A CD2   1 
ATOM   1181 C CE1   . HIS A 1 150 ? 11.246  7.557   4.918   1.00 27.34  ? 150 HIS A CE1   1 
ATOM   1182 N NE2   . HIS A 1 150 ? 10.923  7.598   3.638   1.00 29.24  ? 150 HIS A NE2   1 
ATOM   1183 N N     . GLN A 1 151 ? 5.846   11.382  4.872   1.00 33.84  ? 151 GLN A N     1 
ATOM   1184 C CA    . GLN A 1 151 ? 4.454   11.747  5.076   1.00 33.83  ? 151 GLN A CA    1 
ATOM   1185 C C     . GLN A 1 151 ? 3.763   10.388  5.176   1.00 32.38  ? 151 GLN A C     1 
ATOM   1186 O O     . GLN A 1 151 ? 4.114   9.456   4.444   1.00 31.65  ? 151 GLN A O     1 
ATOM   1187 C CB    . GLN A 1 151 ? 3.901   12.498  3.862   1.00 37.26  ? 151 GLN A CB    1 
ATOM   1188 C CG    . GLN A 1 151 ? 4.569   13.830  3.545   1.00 44.77  ? 151 GLN A CG    1 
ATOM   1189 C CD    . GLN A 1 151 ? 4.073   14.425  2.234   1.00 49.56  ? 151 GLN A CD    1 
ATOM   1190 O OE1   . GLN A 1 151 ? 4.323   13.880  1.155   1.00 52.37  ? 151 GLN A OE1   1 
ATOM   1191 N NE2   . GLN A 1 151 ? 3.358   15.545  2.319   1.00 50.87  ? 151 GLN A NE2   1 
ATOM   1192 N N     . TRP A 1 152 ? 2.811   10.241  6.089   1.00 29.55  ? 152 TRP A N     1 
ATOM   1193 C CA    . TRP A 1 152 ? 2.107   8.973   6.190   1.00 27.84  ? 152 TRP A CA    1 
ATOM   1194 C C     . TRP A 1 152 ? 0.656   9.161   6.609   1.00 26.93  ? 152 TRP A C     1 
ATOM   1195 O O     . TRP A 1 152 ? 0.279   10.192  7.159   1.00 25.14  ? 152 TRP A O     1 
ATOM   1196 C CB    . TRP A 1 152 ? 2.821   8.009   7.150   1.00 28.53  ? 152 TRP A CB    1 
ATOM   1197 C CG    . TRP A 1 152 ? 2.956   8.495   8.564   1.00 29.83  ? 152 TRP A CG    1 
ATOM   1198 C CD1   . TRP A 1 152 ? 3.997   9.198   9.093   1.00 30.08  ? 152 TRP A CD1   1 
ATOM   1199 C CD2   . TRP A 1 152 ? 1.996   8.339   9.615   1.00 29.45  ? 152 TRP A CD2   1 
ATOM   1200 N NE1   . TRP A 1 152 ? 3.749   9.488   10.415  1.00 31.29  ? 152 TRP A NE1   1 
ATOM   1201 C CE2   . TRP A 1 152 ? 2.532   8.967   10.765  1.00 30.06  ? 152 TRP A CE2   1 
ATOM   1202 C CE3   . TRP A 1 152 ? 0.744   7.713   9.710   1.00 29.49  ? 152 TRP A CE3   1 
ATOM   1203 C CZ2   . TRP A 1 152 ? 1.845   9.009   11.986  1.00 29.60  ? 152 TRP A CZ2   1 
ATOM   1204 C CZ3   . TRP A 1 152 ? 0.059   7.756   10.923  1.00 28.53  ? 152 TRP A CZ3   1 
ATOM   1205 C CH2   . TRP A 1 152 ? 0.619   8.390   12.048  1.00 29.70  ? 152 TRP A CH2   1 
ATOM   1206 N N     . HIS A 1 153 ? -0.152  8.151   6.321   1.00 24.95  ? 153 HIS A N     1 
ATOM   1207 C CA    . HIS A 1 153 ? -1.568  8.172   6.642   1.00 23.94  ? 153 HIS A CA    1 
ATOM   1208 C C     . HIS A 1 153 ? -2.001  6.736   6.871   1.00 24.27  ? 153 HIS A C     1 
ATOM   1209 O O     . HIS A 1 153 ? -1.673  5.854   6.077   1.00 25.97  ? 153 HIS A O     1 
ATOM   1210 C CB    . HIS A 1 153 ? -2.352  8.772   5.463   1.00 22.78  ? 153 HIS A CB    1 
ATOM   1211 C CG    . HIS A 1 153 ? -3.841  8.664   5.592   1.00 23.15  ? 153 HIS A CG    1 
ATOM   1212 N ND1   . HIS A 1 153 ? -4.566  9.399   6.510   1.00 22.04  ? 153 HIS A ND1   1 
ATOM   1213 C CD2   . HIS A 1 153 ? -4.742  7.914   4.916   1.00 22.54  ? 153 HIS A CD2   1 
ATOM   1214 C CE1   . HIS A 1 153 ? -5.852  9.099   6.392   1.00 24.40  ? 153 HIS A CE1   1 
ATOM   1215 N NE2   . HIS A 1 153 ? -5.982  8.204   5.428   1.00 22.96  ? 153 HIS A NE2   1 
ATOM   1216 N N     . ILE A 1 154 ? -2.703  6.479   7.968   1.00 22.75  ? 154 ILE A N     1 
ATOM   1217 C CA    . ILE A 1 154 ? -3.200  5.136   8.207   1.00 20.86  ? 154 ILE A CA    1 
ATOM   1218 C C     . ILE A 1 154 ? -4.684  5.209   7.871   1.00 21.20  ? 154 ILE A C     1 
ATOM   1219 O O     . ILE A 1 154 ? -5.391  6.143   8.272   1.00 19.00  ? 154 ILE A O     1 
ATOM   1220 C CB    . ILE A 1 154 ? -2.955  4.646   9.656   1.00 20.66  ? 154 ILE A CB    1 
ATOM   1221 C CG1   . ILE A 1 154 ? -3.451  3.200   9.776   1.00 20.45  ? 154 ILE A CG1   1 
ATOM   1222 C CG2   . ILE A 1 154 ? -3.626  5.562   10.665  1.00 19.82  ? 154 ILE A CG2   1 
ATOM   1223 C CD1   . ILE A 1 154 ? -2.959  2.468   11.018  1.00 21.46  ? 154 ILE A CD1   1 
ATOM   1224 N N     . GLN A 1 155 ? -5.134  4.220   7.105   1.00 20.20  ? 155 GLN A N     1 
ATOM   1225 C CA    . GLN A 1 155 ? -6.503  4.176   6.613   1.00 19.19  ? 155 GLN A CA    1 
ATOM   1226 C C     . GLN A 1 155 ? -7.285  2.903   6.911   1.00 18.05  ? 155 GLN A C     1 
ATOM   1227 O O     . GLN A 1 155 ? -6.864  1.806   6.544   1.00 19.51  ? 155 GLN A O     1 
ATOM   1228 C CB    . GLN A 1 155 ? -6.468  4.369   5.093   1.00 17.83  ? 155 GLN A CB    1 
ATOM   1229 C CG    . GLN A 1 155 ? -7.819  4.347   4.413   1.00 20.67  ? 155 GLN A CG    1 
ATOM   1230 C CD    . GLN A 1 155 ? -8.689  5.498   4.860   1.00 20.36  ? 155 GLN A CD    1 
ATOM   1231 O OE1   . GLN A 1 155 ? -8.280  6.658   4.793   1.00 21.93  ? 155 GLN A OE1   1 
ATOM   1232 N NE2   . GLN A 1 155 ? -9.895  5.191   5.319   1.00 19.11  ? 155 GLN A NE2   1 
ATOM   1233 N N     . ALA A 1 156 ? -8.437  3.050   7.553   1.00 18.10  ? 156 ALA A N     1 
ATOM   1234 C CA    . ALA A 1 156 ? -9.289  1.904   7.833   1.00 18.51  ? 156 ALA A CA    1 
ATOM   1235 C C     . ALA A 1 156 ? -9.925  1.530   6.491   1.00 19.07  ? 156 ALA A C     1 
ATOM   1236 O O     . ALA A 1 156 ? -10.389 2.407   5.750   1.00 19.90  ? 156 ALA A O     1 
ATOM   1237 C CB    . ALA A 1 156 ? -10.380 2.289   8.836   1.00 18.36  ? 156 ALA A CB    1 
ATOM   1238 N N     . CYS A 1 157 ? -9.935  0.240   6.153   1.00 17.96  ? 157 CYS A N     1 
ATOM   1239 C CA    . CYS A 1 157 ? -10.548 -0.173  4.895   1.00 18.96  ? 157 CYS A CA    1 
ATOM   1240 C C     . CYS A 1 157 ? -11.052 -1.612  4.916   1.00 18.52  ? 157 CYS A C     1 
ATOM   1241 O O     . CYS A 1 157 ? -10.736 -2.379  5.817   1.00 16.64  ? 157 CYS A O     1 
ATOM   1242 C CB    . CYS A 1 157 ? -9.571  0.004   3.719   1.00 16.50  ? 157 CYS A CB    1 
ATOM   1243 S SG    . CYS A 1 157 ? -8.166  -1.167  3.628   1.00 22.54  ? 157 CYS A SG    1 
ATOM   1244 N N     . CYS A 1 158 ? -11.871 -1.940  3.924   1.00 18.29  ? 158 CYS A N     1 
ATOM   1245 C CA    . CYS A 1 158 ? -12.411 -3.287  3.746   1.00 18.59  ? 158 CYS A CA    1 
ATOM   1246 C C     . CYS A 1 158 ? -12.252 -3.536  2.250   1.00 18.75  ? 158 CYS A C     1 
ATOM   1247 O O     . CYS A 1 158 ? -13.021 -3.009  1.441   1.00 18.91  ? 158 CYS A O     1 
ATOM   1248 C CB    . CYS A 1 158 ? -13.890 -3.351  4.115   1.00 18.77  ? 158 CYS A CB    1 
ATOM   1249 S SG    . CYS A 1 158 ? -14.613 -4.984  3.800   1.00 24.37  ? 158 CYS A SG    1 
ATOM   1250 N N     . ALA A 1 159 ? -11.242 -4.314  1.884   1.00 19.16  ? 159 ALA A N     1 
ATOM   1251 C CA    . ALA A 1 159 ? -10.973 -4.588  0.476   1.00 20.23  ? 159 ALA A CA    1 
ATOM   1252 C C     . ALA A 1 159 ? -12.110 -5.309  -0.246  1.00 22.11  ? 159 ALA A C     1 
ATOM   1253 O O     . ALA A 1 159 ? -12.228 -5.230  -1.465  1.00 21.51  ? 159 ALA A O     1 
ATOM   1254 C CB    . ALA A 1 159 ? -9.679  -5.380  0.344   1.00 18.90  ? 159 ALA A CB    1 
ATOM   1255 N N     . LEU A 1 160 ? -12.951 -6.016  0.508   1.00 22.88  ? 160 LEU A N     1 
ATOM   1256 C CA    . LEU A 1 160 ? -14.069 -6.733  -0.098  1.00 24.87  ? 160 LEU A CA    1 
ATOM   1257 C C     . LEU A 1 160 ? -15.132 -5.787  -0.644  1.00 23.73  ? 160 LEU A C     1 
ATOM   1258 O O     . LEU A 1 160 ? -15.702 -6.028  -1.708  1.00 23.92  ? 160 LEU A O     1 
ATOM   1259 C CB    . LEU A 1 160 ? -14.721 -7.671  0.925   1.00 25.72  ? 160 LEU A CB    1 
ATOM   1260 C CG    . LEU A 1 160 ? -13.884 -8.855  1.406   1.00 28.12  ? 160 LEU A CG    1 
ATOM   1261 C CD1   . LEU A 1 160 ? -14.683 -9.649  2.428   1.00 27.72  ? 160 LEU A CD1   1 
ATOM   1262 C CD2   . LEU A 1 160 ? -13.503 -9.731  0.214   1.00 28.66  ? 160 LEU A CD2   1 
ATOM   1263 N N     . THR A 1 161 ? -15.390 -4.708  0.085   1.00 23.15  ? 161 THR A N     1 
ATOM   1264 C CA    . THR A 1 161 ? -16.401 -3.734  -0.321  1.00 21.58  ? 161 THR A CA    1 
ATOM   1265 C C     . THR A 1 161 ? -15.817 -2.481  -0.967  1.00 21.16  ? 161 THR A C     1 
ATOM   1266 O O     . THR A 1 161 ? -16.537 -1.739  -1.632  1.00 23.10  ? 161 THR A O     1 
ATOM   1267 C CB    . THR A 1 161 ? -17.238 -3.294  0.888   1.00 22.81  ? 161 THR A CB    1 
ATOM   1268 O OG1   . THR A 1 161 ? -16.393 -2.607  1.824   1.00 19.32  ? 161 THR A OG1   1 
ATOM   1269 C CG2   . THR A 1 161 ? -17.870 -4.499  1.570   1.00 19.86  ? 161 THR A CG2   1 
ATOM   1270 N N     . GLY A 1 162 ? -14.527 -2.242  -0.769  1.00 20.40  ? 162 GLY A N     1 
ATOM   1271 C CA    . GLY A 1 162 ? -13.906 -1.058  -1.339  1.00 22.00  ? 162 GLY A CA    1 
ATOM   1272 C C     . GLY A 1 162 ? -13.957 0.126   -0.392  1.00 22.46  ? 162 GLY A C     1 
ATOM   1273 O O     . GLY A 1 162 ? -13.374 1.176   -0.657  1.00 22.79  ? 162 GLY A O     1 
ATOM   1274 N N     . GLU A 1 163 ? -14.673 -0.033  0.713   1.00 20.24  ? 163 GLU A N     1 
ATOM   1275 C CA    . GLU A 1 163 ? -14.785 1.035   1.701   1.00 20.33  ? 163 GLU A CA    1 
ATOM   1276 C C     . GLU A 1 163 ? -13.393 1.416   2.211   1.00 18.73  ? 163 GLU A C     1 
ATOM   1277 O O     . GLU A 1 163 ? -12.583 0.554   2.541   1.00 16.86  ? 163 GLU A O     1 
ATOM   1278 C CB    . GLU A 1 163 ? -15.671 0.578   2.866   1.00 21.13  ? 163 GLU A CB    1 
ATOM   1279 C CG    . GLU A 1 163 ? -17.151 0.504   2.514   1.00 20.28  ? 163 GLU A CG    1 
ATOM   1280 C CD    . GLU A 1 163 ? -17.973 -0.205  3.570   1.00 22.15  ? 163 GLU A CD    1 
ATOM   1281 O OE1   . GLU A 1 163 ? -17.805 -1.434  3.739   1.00 22.58  ? 163 GLU A OE1   1 
ATOM   1282 O OE2   . GLU A 1 163 ? -18.783 0.469   4.234   1.00 22.60  ? 163 GLU A OE2   1 
ATOM   1283 N N     . GLY A 1 164 ? -13.118 2.715   2.244   1.00 19.91  ? 164 GLY A N     1 
ATOM   1284 C CA    . GLY A 1 164 ? -11.835 3.196   2.715   1.00 17.78  ? 164 GLY A CA    1 
ATOM   1285 C C     . GLY A 1 164 ? -10.835 3.438   1.599   1.00 19.80  ? 164 GLY A C     1 
ATOM   1286 O O     . GLY A 1 164 ? -9.853  4.161   1.789   1.00 18.39  ? 164 GLY A O     1 
ATOM   1287 N N     . LEU A 1 165 ? -11.076 2.845   0.440   1.00 20.81  ? 165 LEU A N     1 
ATOM   1288 C CA    . LEU A 1 165 ? -10.154 3.015   -0.673  1.00 23.52  ? 165 LEU A CA    1 
ATOM   1289 C C     . LEU A 1 165 ? -10.248 4.410   -1.280  1.00 22.88  ? 165 LEU A C     1 
ATOM   1290 O O     . LEU A 1 165 ? -9.236  4.965   -1.707  1.00 24.69  ? 165 LEU A O     1 
ATOM   1291 C CB    . LEU A 1 165 ? -10.383 1.935   -1.743  1.00 24.29  ? 165 LEU A CB    1 
ATOM   1292 C CG    . LEU A 1 165 ? -10.269 0.473   -1.273  1.00 26.07  ? 165 LEU A CG    1 
ATOM   1293 C CD1   . LEU A 1 165 ? -10.129 -0.433  -2.487  1.00 23.49  ? 165 LEU A CD1   1 
ATOM   1294 C CD2   . LEU A 1 165 ? -9.069  0.287   -0.351  1.00 24.78  ? 165 LEU A CD2   1 
ATOM   1295 N N     . CYS A 1 166 ? -11.446 4.979   -1.325  1.00 24.28  ? 166 CYS A N     1 
ATOM   1296 C CA    . CYS A 1 166 ? -11.597 6.328   -1.858  1.00 22.19  ? 166 CYS A CA    1 
ATOM   1297 C C     . CYS A 1 166 ? -10.766 7.276   -0.985  1.00 23.18  ? 166 CYS A C     1 
ATOM   1298 O O     . CYS A 1 166 ? -10.020 8.109   -1.499  1.00 21.21  ? 166 CYS A O     1 
ATOM   1299 C CB    . CYS A 1 166 ? -13.063 6.784   -1.845  1.00 25.71  ? 166 CYS A CB    1 
ATOM   1300 S SG    . CYS A 1 166 ? -14.060 6.333   -3.304  1.00 25.11  ? 166 CYS A SG    1 
ATOM   1301 N N     . GLN A 1 167 ? -10.878 7.137   0.335   1.00 21.19  ? 167 GLN A N     1 
ATOM   1302 C CA    . GLN A 1 167 ? -10.121 8.014   1.223   1.00 21.87  ? 167 GLN A CA    1 
ATOM   1303 C C     . GLN A 1 167 ? -8.610  7.839   1.078   1.00 20.91  ? 167 GLN A C     1 
ATOM   1304 O O     . GLN A 1 167 ? -7.867  8.816   1.059   1.00 20.92  ? 167 GLN A O     1 
ATOM   1305 C CB    . GLN A 1 167 ? -10.511 7.795   2.693   1.00 21.86  ? 167 GLN A CB    1 
ATOM   1306 C CG    . GLN A 1 167 ? -10.016 8.930   3.580   1.00 22.48  ? 167 GLN A CG    1 
ATOM   1307 C CD    . GLN A 1 167 ? -10.286 8.724   5.050   1.00 23.79  ? 167 GLN A CD    1 
ATOM   1308 O OE1   . GLN A 1 167 ? -11.198 7.990   5.435   1.00 22.45  ? 167 GLN A OE1   1 
ATOM   1309 N NE2   . GLN A 1 167 ? -9.505  9.394   5.893   1.00 24.55  ? 167 GLN A NE2   1 
ATOM   1310 N N     . GLY A 1 168 ? -8.158  6.593   0.978   1.00 20.54  ? 168 GLY A N     1 
ATOM   1311 C CA    . GLY A 1 168 ? -6.731  6.340   0.841   1.00 19.17  ? 168 GLY A CA    1 
ATOM   1312 C C     . GLY A 1 168 ? -6.180  6.949   -0.435  1.00 21.13  ? 168 GLY A C     1 
ATOM   1313 O O     . GLY A 1 168 ? -5.117  7.571   -0.434  1.00 20.41  ? 168 GLY A O     1 
ATOM   1314 N N     . LEU A 1 169 ? -6.904  6.754   -1.535  1.00 22.08  ? 169 LEU A N     1 
ATOM   1315 C CA    . LEU A 1 169 ? -6.507  7.301   -2.826  1.00 22.21  ? 169 LEU A CA    1 
ATOM   1316 C C     . LEU A 1 169 ? -6.512  8.830   -2.758  1.00 24.48  ? 169 LEU A C     1 
ATOM   1317 O O     . LEU A 1 169 ? -5.635  9.487   -3.327  1.00 24.02  ? 169 LEU A O     1 
ATOM   1318 C CB    . LEU A 1 169 ? -7.480  6.838   -3.915  1.00 23.22  ? 169 LEU A CB    1 
ATOM   1319 C CG    . LEU A 1 169 ? -7.317  7.452   -5.312  1.00 24.47  ? 169 LEU A CG    1 
ATOM   1320 C CD1   . LEU A 1 169 ? -5.921  7.180   -5.854  1.00 23.05  ? 169 LEU A CD1   1 
ATOM   1321 C CD2   . LEU A 1 169 ? -8.370  6.878   -6.239  1.00 22.77  ? 169 LEU A CD2   1 
ATOM   1322 N N     . GLU A 1 170 ? -7.495  9.392   -2.067  1.00 23.54  ? 170 GLU A N     1 
ATOM   1323 C CA    . GLU A 1 170 ? -7.576  10.839  -1.944  1.00 23.65  ? 170 GLU A CA    1 
ATOM   1324 C C     . GLU A 1 170 ? -6.381  11.391  -1.167  1.00 23.59  ? 170 GLU A C     1 
ATOM   1325 O O     . GLU A 1 170 ? -5.907  12.490  -1.457  1.00 23.09  ? 170 GLU A O     1 
ATOM   1326 C CB    . GLU A 1 170 ? -8.899  11.240  -1.294  1.00 24.46  ? 170 GLU A CB    1 
ATOM   1327 C CG    . GLU A 1 170 ? -10.047 11.285  -2.296  1.00 25.74  ? 170 GLU A CG    1 
ATOM   1328 C CD    . GLU A 1 170 ? -11.416 11.325  -1.644  1.00 29.26  ? 170 GLU A CD    1 
ATOM   1329 O OE1   . GLU A 1 170 ? -11.527 11.796  -0.490  1.00 28.81  ? 170 GLU A OE1   1 
ATOM   1330 O OE2   . GLU A 1 170 ? -12.394 10.896  -2.296  1.00 26.92  ? 170 GLU A OE2   1 
ATOM   1331 N N     . TRP A 1 171 ? -5.876  10.626  -0.201  1.00 23.23  ? 171 TRP A N     1 
ATOM   1332 C CA    . TRP A 1 171 ? -4.717  11.088  0.559   1.00 23.37  ? 171 TRP A CA    1 
ATOM   1333 C C     . TRP A 1 171 ? -3.514  11.151  -0.379  1.00 25.82  ? 171 TRP A C     1 
ATOM   1334 O O     . TRP A 1 171 ? -2.743  12.115  -0.362  1.00 26.27  ? 171 TRP A O     1 
ATOM   1335 C CB    . TRP A 1 171 ? -4.385  10.138  1.712   1.00 22.98  ? 171 TRP A CB    1 
ATOM   1336 C CG    . TRP A 1 171 ? -3.152  10.571  2.466   1.00 21.91  ? 171 TRP A CG    1 
ATOM   1337 C CD1   . TRP A 1 171 ? -3.062  11.587  3.380   1.00 22.94  ? 171 TRP A CD1   1 
ATOM   1338 C CD2   . TRP A 1 171 ? -1.831  10.034  2.338   1.00 21.41  ? 171 TRP A CD2   1 
ATOM   1339 N NE1   . TRP A 1 171 ? -1.768  11.708  3.829   1.00 20.16  ? 171 TRP A NE1   1 
ATOM   1340 C CE2   . TRP A 1 171 ? -0.991  10.766  3.211   1.00 22.43  ? 171 TRP A CE2   1 
ATOM   1341 C CE3   . TRP A 1 171 ? -1.272  8.995   1.576   1.00 20.27  ? 171 TRP A CE3   1 
ATOM   1342 C CZ2   . TRP A 1 171 ? 0.379   10.500  3.337   1.00 22.23  ? 171 TRP A CZ2   1 
ATOM   1343 C CZ3   . TRP A 1 171 ? 0.095   8.728   1.704   1.00 21.66  ? 171 TRP A CZ3   1 
ATOM   1344 C CH2   . TRP A 1 171 ? 0.902   9.483   2.576   1.00 21.43  ? 171 TRP A CH2   1 
ATOM   1345 N N     . MET A 1 172 ? -3.349  10.113  -1.193  1.00 26.23  ? 172 MET A N     1 
ATOM   1346 C CA    . MET A 1 172 ? -2.237  10.060  -2.134  1.00 28.62  ? 172 MET A CA    1 
ATOM   1347 C C     . MET A 1 172 ? -2.275  11.257  -3.081  1.00 29.51  ? 172 MET A C     1 
ATOM   1348 O O     . MET A 1 172 ? -1.245  11.867  -3.365  1.00 28.41  ? 172 MET A O     1 
ATOM   1349 C CB    . MET A 1 172 ? -2.282  8.755   -2.939  1.00 28.90  ? 172 MET A CB    1 
ATOM   1350 C CG    . MET A 1 172 ? -2.199  7.500   -2.081  1.00 30.91  ? 172 MET A CG    1 
ATOM   1351 S SD    . MET A 1 172 ? -2.073  5.961   -3.032  1.00 32.39  ? 172 MET A SD    1 
ATOM   1352 C CE    . MET A 1 172 ? -0.419  5.748   -3.017  1.00 29.74  ? 172 MET A CE    1 
ATOM   1353 N N     . MET A 1 173 ? -3.465  11.592  -3.565  1.00 30.51  ? 173 MET A N     1 
ATOM   1354 C CA    . MET A 1 173 ? -3.605  12.719  -4.472  1.00 33.82  ? 173 MET A CA    1 
ATOM   1355 C C     . MET A 1 173 ? -3.259  14.035  -3.779  1.00 33.17  ? 173 MET A C     1 
ATOM   1356 O O     . MET A 1 173 ? -2.589  14.890  -4.357  1.00 32.83  ? 173 MET A O     1 
ATOM   1357 C CB    . MET A 1 173 ? -5.025  12.774  -5.028  1.00 38.29  ? 173 MET A CB    1 
ATOM   1358 C CG    . MET A 1 173 ? -5.372  11.565  -5.867  1.00 44.58  ? 173 MET A CG    1 
ATOM   1359 S SD    . MET A 1 173 ? -6.897  11.803  -6.751  1.00 51.75  ? 173 MET A SD    1 
ATOM   1360 C CE    . MET A 1 173 ? -6.321  12.932  -8.078  1.00 51.00  ? 173 MET A CE    1 
ATOM   1361 N N     . SER A 1 174 ? -3.706  14.189  -2.538  1.00 31.20  ? 174 SER A N     1 
ATOM   1362 C CA    . SER A 1 174 ? -3.424  15.408  -1.794  1.00 32.57  ? 174 SER A CA    1 
ATOM   1363 C C     . SER A 1 174 ? -1.917  15.549  -1.572  1.00 34.37  ? 174 SER A C     1 
ATOM   1364 O O     . SER A 1 174 ? -1.399  16.662  -1.560  1.00 34.50  ? 174 SER A O     1 
ATOM   1365 C CB    . SER A 1 174 ? -4.142  15.394  -0.440  1.00 30.30  ? 174 SER A CB    1 
ATOM   1366 O OG    . SER A 1 174 ? -3.554  14.446  0.428   1.00 32.97  ? 174 SER A OG    1 
ATOM   1367 N N     . ARG A 1 175 ? -1.219  14.435  -1.397  1.00 35.69  ? 175 ARG A N     1 
ATOM   1368 C CA    . ARG A 1 175 ? 0.226   14.485  -1.175  1.00 39.72  ? 175 ARG A CA    1 
ATOM   1369 C C     . ARG A 1 175 ? 1.017   14.833  -2.419  1.00 42.68  ? 175 ARG A C     1 
ATOM   1370 O O     . ARG A 1 175 ? 2.034   15.524  -2.340  1.00 41.51  ? 175 ARG A O     1 
ATOM   1371 C CB    . ARG A 1 175 ? 0.753   13.160  -0.610  1.00 41.00  ? 175 ARG A CB    1 
ATOM   1372 C CG    . ARG A 1 175 ? 0.342   12.887  0.817   1.00 45.65  ? 175 ARG A CG    1 
ATOM   1373 C CD    . ARG A 1 175 ? 0.512   14.123  1.680   1.00 48.83  ? 175 ARG A CD    1 
ATOM   1374 N NE    . ARG A 1 175 ? -0.660  14.311  2.526   1.00 52.81  ? 175 ARG A NE    1 
ATOM   1375 C CZ    . ARG A 1 175 ? -1.271  15.480  2.710   1.00 54.52  ? 175 ARG A CZ    1 
ATOM   1376 N NH1   . ARG A 1 175 ? -0.823  16.562  2.104   1.00 56.83  ? 175 ARG A NH1   1 
ATOM   1377 N NH2   . ARG A 1 175 ? -2.344  15.556  3.481   1.00 54.18  ? 175 ARG A NH2   1 
ATOM   1378 N N     . LEU A 1 176 ? 0.571   14.356  -3.576  1.00 46.61  ? 176 LEU A N     1 
ATOM   1379 C CA    . LEU A 1 176 ? 1.310   14.672  -4.782  1.00 53.12  ? 176 LEU A CA    1 
ATOM   1380 C C     . LEU A 1 176 ? 1.293   16.154  -5.078  1.00 59.03  ? 176 LEU A C     1 
ATOM   1381 O O     . LEU A 1 176 ? 2.288   16.832  -4.815  1.00 57.33  ? 176 LEU A O     1 
ATOM   1382 C CB    . LEU A 1 176 ? 0.805   13.863  -5.972  1.00 49.97  ? 176 LEU A CB    1 
ATOM   1383 C CG    . LEU A 1 176 ? 1.494   12.496  -5.975  1.00 50.66  ? 176 LEU A CG    1 
ATOM   1384 C CD1   . LEU A 1 176 ? 1.363   11.888  -7.345  1.00 51.28  ? 176 LEU A CD1   1 
ATOM   1385 C CD2   . LEU A 1 176 ? 2.979   12.641  -5.616  1.00 50.16  ? 176 LEU A CD2   1 
ATOM   1386 N N     . LYS A 1 177 ? 0.211   16.697  -5.617  1.00 66.16  ? 177 LYS A N     1 
ATOM   1387 C CA    . LYS A 1 177 ? 0.317   18.121  -5.814  1.00 77.71  ? 177 LYS A CA    1 
ATOM   1388 C C     . LYS A 1 177 ? 0.008   18.863  -4.546  1.00 81.17  ? 177 LYS A C     1 
ATOM   1389 O O     . LYS A 1 177 ? -1.128  19.212  -4.202  1.00 83.71  ? 177 LYS A O     1 
ATOM   1390 C CB    . LYS A 1 177 ? -0.456  18.644  -7.011  1.00 83.48  ? 177 LYS A CB    1 
ATOM   1391 C CG    . LYS A 1 177 ? 0.440   19.605  -7.831  1.00 89.12  ? 177 LYS A CG    1 
ATOM   1392 C CD    . LYS A 1 177 ? 1.774   18.944  -8.295  1.00 90.68  ? 177 LYS A CD    1 
ATOM   1393 C CE    . LYS A 1 177 ? 2.888   18.925  -7.232  1.00 90.95  ? 177 LYS A CE    1 
ATOM   1394 N NZ    . LYS A 1 177 ? 4.047   18.068  -7.640  1.00 91.39  ? 177 LYS A NZ    1 
ATOM   1395 N N     . ILE A 1 178 ? 1.120   19.013  -3.851  1.00 84.85  ? 178 ILE A N     1 
ATOM   1396 C CA    . ILE A 1 178 ? 1.300   19.682  -2.588  1.00 85.86  ? 178 ILE A CA    1 
ATOM   1397 C C     . ILE A 1 178 ? 2.664   20.279  -2.912  1.00 85.15  ? 178 ILE A C     1 
ATOM   1398 O O     . ILE A 1 178 ? 3.448   19.638  -3.625  1.00 84.23  ? 178 ILE A O     1 
ATOM   1399 C CB    . ILE A 1 178 ? 1.491   18.678  -1.440  1.00 86.19  ? 178 ILE A CB    1 
ATOM   1400 C CG1   . ILE A 1 178 ? 0.344   18.799  -0.448  1.00 87.78  ? 178 ILE A CG1   1 
ATOM   1401 C CG2   . ILE A 1 178 ? 2.830   18.923  -0.744  1.00 87.92  ? 178 ILE A CG2   1 
ATOM   1402 C CD1   . ILE A 1 178 ? 0.685   18.233  0.897   1.00 88.37  ? 178 ILE A CD1   1 
HETATM 1403 S S     . SO4 B 2 .   ? -3.782  -13.747 17.047  1.00 23.56  ? 188 SO4 A S     1 
HETATM 1404 O O1    . SO4 B 2 .   ? -3.384  -15.181 16.737  1.00 32.00  ? 188 SO4 A O1    1 
HETATM 1405 O O2    . SO4 B 2 .   ? -3.119  -13.339 18.341  1.00 27.97  ? 188 SO4 A O2    1 
HETATM 1406 O O3    . SO4 B 2 .   ? -3.305  -12.889 15.991  1.00 29.73  ? 188 SO4 A O3    1 
HETATM 1407 O O4    . SO4 B 2 .   ? -5.215  -13.700 17.214  1.00 30.56  ? 188 SO4 A O4    1 
HETATM 1408 S S     . SO4 C 2 .   ? -15.295 5.992   1.724   0.50 21.61  ? 189 SO4 A S     1 
HETATM 1409 O O1    . SO4 C 2 .   ? -15.895 7.151   2.825   0.50 21.90  ? 189 SO4 A O1    1 
HETATM 1410 O O2    . SO4 C 2 .   ? -16.125 6.593   0.276   0.50 20.60  ? 189 SO4 A O2    1 
HETATM 1411 O O3    . SO4 C 2 .   ? -13.435 6.190   1.954   0.50 21.44  ? 189 SO4 A O3    1 
HETATM 1412 O O4    . SO4 C 2 .   ? -16.238 4.689   2.348   0.50 23.82  ? 189 SO4 A O4    1 
HETATM 1413 P PB    . G3D D 3 .   ? -2.643  -11.059 -0.352  1.00 27.38  ? 190 G3D A PB    1 
HETATM 1414 O O1B   . G3D D 3 .   ? -2.105  -9.950  0.469   1.00 25.84  ? 190 G3D A O1B   1 
HETATM 1415 O O2B   . G3D D 3 .   ? -2.736  -10.884 -1.743  1.00 28.54  ? 190 G3D A O2B   1 
HETATM 1416 O O3B   . G3D D 3 .   ? -1.806  -12.404 -0.003  1.00 25.77  ? 190 G3D A O3B   1 
HETATM 1417 P PA    . G3D D 3 .   ? -5.537  -11.494 -0.694  1.00 27.22  ? 190 G3D A PA    1 
HETATM 1418 O O3A   . G3D D 3 .   ? -4.105  -11.353 0.127   1.00 25.13  ? 190 G3D A O3A   1 
HETATM 1419 O O1A   . G3D D 3 .   ? -5.901  -10.238 -1.413  1.00 26.17  ? 190 G3D A O1A   1 
HETATM 1420 O O2A   . G3D D 3 .   ? -5.338  -12.710 -1.573  1.00 29.45  ? 190 G3D A O2A   1 
HETATM 1421 O "O5'" . G3D D 3 .   ? -6.508  -11.745 0.486   1.00 27.41  ? 190 G3D A "O5'" 1 
HETATM 1422 C "C5'" . G3D D 3 .   ? -6.404  -12.902 1.363   1.00 29.78  ? 190 G3D A "C5'" 1 
HETATM 1423 C "C4'" . G3D D 3 .   ? -7.687  -13.329 1.917   1.00 30.12  ? 190 G3D A "C4'" 1 
HETATM 1424 O "O4'" . G3D D 3 .   ? -8.279  -12.197 2.723   1.00 27.37  ? 190 G3D A "O4'" 1 
HETATM 1425 C "C3'" . G3D D 3 .   ? -8.846  -13.613 0.893   1.00 30.78  ? 190 G3D A "C3'" 1 
HETATM 1426 O "O3'" . G3D D 3 .   ? -9.612  -14.704 1.521   1.00 35.55  ? 190 G3D A "O3'" 1 
HETATM 1427 C "C2'" . G3D D 3 .   ? -9.713  -12.335 0.817   1.00 30.02  ? 190 G3D A "C2'" 1 
HETATM 1428 O "O2'" . G3D D 3 .   ? -11.058 -12.400 0.306   1.00 27.84  ? 190 G3D A "O2'" 1 
HETATM 1429 C "C1'" . G3D D 3 .   ? -9.651  -11.820 2.277   1.00 26.84  ? 190 G3D A "C1'" 1 
HETATM 1430 N N9    . G3D D 3 .   ? -9.783  -10.349 2.470   1.00 27.00  ? 190 G3D A N9    1 
HETATM 1431 C C8    . G3D D 3 .   ? -8.975  -9.379  1.640   1.00 27.00  ? 190 G3D A C8    1 
HETATM 1432 N N7    . G3D D 3 .   ? -9.528  -8.240  2.263   1.00 25.94  ? 190 G3D A N7    1 
HETATM 1433 C C5    . G3D D 3 .   ? -10.463 -8.376  3.212   1.00 25.38  ? 190 G3D A C5    1 
HETATM 1434 C C6    . G3D D 3 .   ? -11.310 -7.681  4.142   1.00 25.83  ? 190 G3D A C6    1 
HETATM 1435 O O6    . G3D D 3 .   ? -11.263 -6.353  4.114   1.00 21.24  ? 190 G3D A O6    1 
HETATM 1436 N N1    . G3D D 3 .   ? -12.171 -8.299  5.016   1.00 24.51  ? 190 G3D A N1    1 
HETATM 1437 C C2    . G3D D 3 .   ? -12.217 -9.803  5.023   1.00 25.34  ? 190 G3D A C2    1 
HETATM 1438 N N2    . G3D D 3 .   ? -13.096 -10.192 5.932   1.00 24.23  ? 190 G3D A N2    1 
HETATM 1439 N N3    . G3D D 3 .   ? -11.463 -10.461 4.227   1.00 25.51  ? 190 G3D A N3    1 
HETATM 1440 C C4    . G3D D 3 .   ? -10.640 -9.812  3.359   1.00 26.56  ? 190 G3D A C4    1 
HETATM 1441 P P1    . G3D D 3 .   ? -9.781  -16.140 0.823   1.00 40.64  ? 190 G3D A P1    1 
HETATM 1442 O O4P   . G3D D 3 .   ? -8.421  -16.662 0.620   1.00 38.20  ? 190 G3D A O4P   1 
HETATM 1443 O O5P   . G3D D 3 .   ? -10.658 -15.963 -0.397  1.00 38.48  ? 190 G3D A O5P   1 
HETATM 1444 O O6P   . G3D D 3 .   ? -10.560 -17.013 1.912   1.00 38.32  ? 190 G3D A O6P   1 
HETATM 1445 O O     . HOH E 4 .   ? -8.970  -4.248  -15.409 1.00 22.06  ? 191 HOH A O     1 
HETATM 1446 O O     . HOH E 4 .   ? -13.060 6.082   4.587   1.00 20.44  ? 192 HOH A O     1 
HETATM 1447 O O     . HOH E 4 .   ? -3.362  8.882   9.503   1.00 22.94  ? 193 HOH A O     1 
HETATM 1448 O O     . HOH E 4 .   ? -1.525  -7.432  11.770  1.00 20.33  ? 194 HOH A O     1 
HETATM 1449 O O     . HOH E 4 .   ? 1.218   -6.782  6.574   1.00 18.17  ? 195 HOH A O     1 
HETATM 1450 O O     . HOH E 4 .   ? -0.732  -8.318  7.652   1.00 22.27  ? 196 HOH A O     1 
HETATM 1451 O O     . HOH E 4 .   ? -2.700  -0.123  22.109  1.00 25.43  ? 197 HOH A O     1 
HETATM 1452 O O     . HOH E 4 .   ? -6.173  -11.337 16.765  1.00 22.24  ? 198 HOH A O     1 
HETATM 1453 O O     . HOH E 4 .   ? -9.138  3.772   16.166  1.00 26.95  ? 199 HOH A O     1 
HETATM 1454 O O     . HOH E 4 .   ? -14.178 3.939   -1.047  1.00 27.89  ? 200 HOH A O     1 
HETATM 1455 O O     . HOH E 4 .   ? 3.636   2.424   20.486  1.00 26.31  ? 201 HOH A O     1 
HETATM 1456 O O     . HOH E 4 .   ? 11.619  3.465   -12.846 1.00 37.78  ? 202 HOH A O     1 
HETATM 1457 O O     . HOH E 4 .   ? -7.717  14.553  -2.721  1.00 33.44  ? 203 HOH A O     1 
HETATM 1458 O O     . HOH E 4 .   ? 10.782  1.057   16.479  1.00 38.59  ? 204 HOH A O     1 
HETATM 1459 O O     . HOH E 4 .   ? -14.763 10.339  -1.176  1.00 26.82  ? 205 HOH A O     1 
HETATM 1460 O O     . HOH E 4 .   ? -7.249  2.345   -17.288 1.00 28.19  ? 206 HOH A O     1 
HETATM 1461 O O     . HOH E 4 .   ? -2.216  7.465   14.123  1.00 29.10  ? 207 HOH A O     1 
HETATM 1462 O O     . HOH E 4 .   ? -10.550 1.959   14.356  1.00 26.74  ? 208 HOH A O     1 
HETATM 1463 O O     . HOH E 4 .   ? -7.728  11.359  4.921   1.00 25.73  ? 209 HOH A O     1 
HETATM 1464 O O     . HOH E 4 .   ? -9.525  5.511   8.698   1.00 28.88  ? 210 HOH A O     1 
HETATM 1465 O O     . HOH E 4 .   ? 3.195   -12.086 18.387  1.00 26.29  ? 211 HOH A O     1 
HETATM 1466 O O     . HOH E 4 .   ? -11.908 3.159   -12.069 1.00 33.85  ? 212 HOH A O     1 
HETATM 1467 O O     . HOH E 4 .   ? -11.956 -2.873  -17.456 1.00 23.54  ? 213 HOH A O     1 
HETATM 1468 O O     . HOH E 4 .   ? -1.620  -10.725 6.689   1.00 23.47  ? 214 HOH A O     1 
HETATM 1469 O O     . HOH E 4 .   ? -9.583  -12.862 5.656   1.00 36.92  ? 215 HOH A O     1 
HETATM 1470 O O     . HOH E 4 .   ? 4.186   -13.212 4.405   1.00 31.35  ? 216 HOH A O     1 
HETATM 1471 O O     . HOH E 4 .   ? 2.750   12.344  8.168   1.00 35.15  ? 217 HOH A O     1 
HETATM 1472 O O     . HOH E 4 .   ? 6.923   11.370  2.289   1.00 32.75  ? 218 HOH A O     1 
HETATM 1473 O O     . HOH E 4 .   ? -7.116  -12.873 8.083   1.00 29.83  ? 219 HOH A O     1 
HETATM 1474 O O     . HOH E 4 .   ? -16.697 -10.514 12.125  1.00 31.17  ? 220 HOH A O     1 
HETATM 1475 O O     . HOH E 4 .   ? -7.946  11.411  2.275   1.00 29.66  ? 221 HOH A O     1 
HETATM 1476 O O     . HOH E 4 .   ? 0.465   -13.367 -1.175  1.00 35.66  ? 222 HOH A O     1 
HETATM 1477 O O     . HOH E 4 .   ? -2.272  -15.156 13.946  1.00 37.18  ? 223 HOH A O     1 
HETATM 1478 O O     . HOH E 4 .   ? 8.768   -5.632  15.359  1.00 28.11  ? 224 HOH A O     1 
HETATM 1479 O O     . HOH E 4 .   ? 13.181  -2.922  11.590  1.00 30.22  ? 225 HOH A O     1 
HETATM 1480 O O     . HOH E 4 .   ? 11.532  -5.208  4.681   1.00 32.99  ? 226 HOH A O     1 
HETATM 1481 O O     . HOH E 4 .   ? -3.363  11.618  7.825   1.00 36.47  ? 227 HOH A O     1 
HETATM 1482 O O     . HOH E 4 .   ? 2.785   -9.064  16.844  1.00 31.75  ? 228 HOH A O     1 
HETATM 1483 O O     . HOH E 4 .   ? -5.779  -14.012 14.225  1.00 33.81  ? 229 HOH A O     1 
HETATM 1484 O O     . HOH E 4 .   ? -2.580  -12.489 8.483   1.00 25.77  ? 230 HOH A O     1 
HETATM 1485 O O     . HOH E 4 .   ? -14.648 -4.567  13.072  1.00 30.23  ? 231 HOH A O     1 
HETATM 1486 O O     . HOH E 4 .   ? -7.891  1.794   20.207  1.00 26.79  ? 232 HOH A O     1 
HETATM 1487 O O     . HOH E 4 .   ? -11.863 11.596  -13.739 1.00 30.16  ? 233 HOH A O     1 
HETATM 1488 O O     . HOH E 4 .   ? 0.538   -14.353 6.819   1.00 38.36  ? 234 HOH A O     1 
HETATM 1489 O O     . HOH E 4 .   ? -9.549  -4.238  19.127  1.00 32.09  ? 235 HOH A O     1 
HETATM 1490 O O     . HOH E 4 .   ? -15.928 -1.330  -5.594  1.00 38.49  ? 236 HOH A O     1 
HETATM 1491 O O     . HOH E 4 .   ? 10.478  -1.571  15.645  1.00 38.84  ? 237 HOH A O     1 
HETATM 1492 O O     . HOH E 4 .   ? 4.418   -4.445  16.918  1.00 32.86  ? 238 HOH A O     1 
HETATM 1493 O O     . HOH E 4 .   ? -11.880 -1.199  14.435  1.00 26.70  ? 239 HOH A O     1 
HETATM 1494 O O     . HOH E 4 .   ? -2.369  -0.706  -17.771 1.00 34.87  ? 240 HOH A O     1 
HETATM 1495 O O     . HOH E 4 .   ? -12.799 0.881   11.351  1.00 30.31  ? 241 HOH A O     1 
HETATM 1496 O O     . HOH E 4 .   ? -20.689 2.799   -8.968  1.00 32.76  ? 242 HOH A O     1 
HETATM 1497 O O     . HOH E 4 .   ? 0.565   5.884   17.070  1.00 38.33  ? 243 HOH A O     1 
HETATM 1498 O O     . HOH E 4 .   ? 0.647   -7.821  9.964   1.00 38.84  ? 244 HOH A O     1 
HETATM 1499 O O     . HOH E 4 .   ? 0.405   -18.997 14.226  1.00 43.10  ? 245 HOH A O     1 
HETATM 1500 O O     . HOH E 4 .   ? -9.196  10.471  -18.182 1.00 44.60  ? 246 HOH A O     1 
HETATM 1501 O O     . HOH E 4 .   ? -10.600 -10.353 14.723  1.00 38.71  ? 247 HOH A O     1 
HETATM 1502 O O     . HOH E 4 .   ? 7.445   -11.158 15.271  1.00 38.63  ? 248 HOH A O     1 
HETATM 1503 O O     . HOH E 4 .   ? 12.724  10.519  4.060   1.00 40.40  ? 249 HOH A O     1 
HETATM 1504 O O     . HOH E 4 .   ? -5.535  2.582   21.536  1.00 39.75  ? 250 HOH A O     1 
HETATM 1505 O O     . HOH E 4 .   ? -10.053 13.047  1.523   1.00 37.34  ? 251 HOH A O     1 
HETATM 1506 O O     . HOH E 4 .   ? 17.196  -1.655  6.449   1.00 40.78  ? 252 HOH A O     1 
HETATM 1507 O O     . HOH E 4 .   ? -13.665 -13.085 5.699   1.00 42.19  ? 253 HOH A O     1 
HETATM 1508 O O     . HOH E 4 .   ? -12.366 -3.480  16.464  1.00 33.90  ? 254 HOH A O     1 
HETATM 1509 O O     . HOH E 4 .   ? 11.275  6.305   -3.387  1.00 33.81  ? 255 HOH A O     1 
HETATM 1510 O O     . HOH E 4 .   ? 11.500  6.367   8.960   1.00 43.90  ? 256 HOH A O     1 
HETATM 1511 O O     . HOH E 4 .   ? -0.342  12.947  6.086   1.00 37.17  ? 257 HOH A O     1 
HETATM 1512 O O     . HOH E 4 .   ? -16.494 2.782   -12.924 1.00 39.10  ? 258 HOH A O     1 
HETATM 1513 O O     . HOH E 4 .   ? -18.895 -3.100  -2.450  1.00 39.45  ? 259 HOH A O     1 
HETATM 1514 O O     . HOH E 4 .   ? -5.345  -13.226 11.867  1.00 37.70  ? 260 HOH A O     1 
HETATM 1515 O O     . HOH E 4 .   ? -13.195 -9.330  -11.753 1.00 42.89  ? 261 HOH A O     1 
HETATM 1516 O O     . HOH E 4 .   ? -7.169  8.355   -16.728 1.00 29.44  ? 262 HOH A O     1 
HETATM 1517 O O     . HOH E 4 .   ? 10.588  3.420   15.635  1.00 39.09  ? 263 HOH A O     1 
HETATM 1518 O O     . HOH E 4 .   ? 18.345  2.258   -1.358  1.00 44.49  ? 264 HOH A O     1 
HETATM 1519 O O     . HOH E 4 .   ? -0.129  -10.868 -3.175  1.00 33.95  ? 265 HOH A O     1 
HETATM 1520 O O     . HOH E 4 .   ? -13.547 10.331  -15.337 1.00 37.03  ? 266 HOH A O     1 
HETATM 1521 O O     . HOH E 4 .   ? -9.769  3.565   19.368  1.00 44.02  ? 267 HOH A O     1 
HETATM 1522 O O     . HOH E 4 .   ? -3.880  3.441   23.935  1.00 40.20  ? 268 HOH A O     1 
HETATM 1523 O O     . HOH E 4 .   ? 16.521  1.994   -5.894  1.00 42.09  ? 269 HOH A O     1 
HETATM 1524 O O     . HOH E 4 .   ? 15.007  -1.583  10.784  1.00 39.93  ? 270 HOH A O     1 
HETATM 1525 O O     . HOH E 4 .   ? -7.817  7.271   8.845   1.00 45.66  ? 271 HOH A O     1 
HETATM 1526 O O     . HOH E 4 .   ? -9.603  14.431  -4.411  1.00 45.90  ? 272 HOH A O     1 
HETATM 1527 O O     . HOH E 4 .   ? -6.102  13.729  2.494   1.00 43.54  ? 273 HOH A O     1 
HETATM 1528 O O     . HOH E 4 .   ? -11.932 3.355   12.470  1.00 38.38  ? 274 HOH A O     1 
HETATM 1529 O O     . HOH E 4 .   ? 7.067   3.430   -13.501 1.00 44.54  ? 275 HOH A O     1 
HETATM 1530 O O     . HOH E 4 .   ? -9.222  -11.501 17.021  1.00 39.45  ? 276 HOH A O     1 
HETATM 1531 O O     . HOH E 4 .   ? 3.070   4.969   20.476  1.00 38.56  ? 277 HOH A O     1 
HETATM 1532 O O     . HOH E 4 .   ? -17.144 -9.628  7.631   1.00 43.27  ? 278 HOH A O     1 
HETATM 1533 O O     . HOH E 4 .   ? 13.656  2.648   9.254   1.00 42.90  ? 279 HOH A O     1 
HETATM 1534 O O     . HOH E 4 .   ? -8.473  6.124   15.310  1.00 41.67  ? 280 HOH A O     1 
HETATM 1535 O O     . HOH E 4 .   ? -3.703  13.717  -11.544 1.00 38.94  ? 281 HOH A O     1 
HETATM 1536 O O     . HOH E 4 .   ? -10.549 -12.710 13.492  1.00 37.78  ? 282 HOH A O     1 
HETATM 1537 O O     . HOH E 4 .   ? -19.522 0.063   -14.801 1.00 45.19  ? 283 HOH A O     1 
HETATM 1538 O O     . HOH E 4 .   ? -7.920  9.801   8.744   1.00 41.78  ? 284 HOH A O     1 
HETATM 1539 O O     . HOH E 4 .   ? -14.641 -0.424  14.161  1.00 48.29  ? 285 HOH A O     1 
HETATM 1540 O O     . HOH E 4 .   ? -13.748 -2.067  -19.256 1.00 41.68  ? 286 HOH A O     1 
HETATM 1541 O O     . HOH E 4 .   ? 10.545  -9.788  4.693   1.00 46.99  ? 287 HOH A O     1 
HETATM 1542 O O     . HOH E 4 .   ? 13.012  -14.747 3.320   1.00 47.50  ? 288 HOH A O     1 
HETATM 1543 O O     . HOH E 4 .   ? 7.430   -13.032 -12.929 1.00 49.84  ? 289 HOH A O     1 
HETATM 1544 O O     . HOH E 4 .   ? -10.013 5.525   11.686  1.00 43.69  ? 290 HOH A O     1 
HETATM 1545 O O     . HOH E 4 .   ? 2.999   12.078  14.131  1.00 44.15  ? 291 HOH A O     1 
HETATM 1546 O O     . HOH E 4 .   ? 0.195   -13.867 -7.401  1.00 47.97  ? 292 HOH A O     1 
HETATM 1547 O O     . HOH E 4 .   ? 17.472  -1.627  9.219   1.00 41.73  ? 293 HOH A O     1 
HETATM 1548 O O     . HOH E 4 .   ? -17.259 7.043   -16.330 1.00 49.13  ? 294 HOH A O     1 
HETATM 1549 O O     . HOH E 4 .   ? -6.064  8.412   10.229  1.00 42.94  ? 295 HOH A O     1 
HETATM 1550 O O     . HOH E 4 .   ? 0.091   11.394  10.004  1.00 43.08  ? 296 HOH A O     1 
HETATM 1551 O O     . HOH E 4 .   ? -8.364  -14.101 14.505  1.00 47.44  ? 297 HOH A O     1 
HETATM 1552 O O     . HOH E 4 .   ? 12.166  -17.253 2.287   1.00 46.24  ? 298 HOH A O     1 
HETATM 1553 O O     . HOH E 4 .   ? -16.301 -1.946  -17.931 1.00 47.57  ? 299 HOH A O     1 
HETATM 1554 O O     . HOH E 4 .   ? 20.654  0.905   1.607   1.00 48.28  ? 300 HOH A O     1 
HETATM 1555 O O     . HOH E 4 .   ? 10.728  -4.029  15.196  1.00 41.84  ? 301 HOH A O     1 
HETATM 1556 O O     . HOH E 4 .   ? -5.662  12.836  6.412   1.00 49.31  ? 302 HOH A O     1 
HETATM 1557 O O     . HOH E 4 .   ? 11.325  16.987  -7.229  1.00 46.62  ? 303 HOH A O     1 
HETATM 1558 O O     . HOH E 4 .   ? 5.589   12.350  9.275   1.00 39.14  ? 304 HOH A O     1 
# 
